data_2YVP
# 
_entry.id   2YVP 
# 
_audit_conform.dict_name       mmcif_pdbx.dic 
_audit_conform.dict_version    5.380 
_audit_conform.dict_location   http://mmcif.pdb.org/dictionaries/ascii/mmcif_pdbx.dic 
# 
loop_
_database_2.database_id 
_database_2.database_code 
_database_2.pdbx_database_accession 
_database_2.pdbx_DOI 
PDB   2YVP         pdb_00002yvp 10.2210/pdb2yvp/pdb 
RCSB  RCSB027193   ?            ?                   
WWPDB D_1000027193 ?            ?                   
# 
loop_
_pdbx_database_related.db_name 
_pdbx_database_related.db_id 
_pdbx_database_related.details 
_pdbx_database_related.content_type 
PDB      2YVM           . unspecified 
PDB      2YVN           . unspecified 
PDB      2YVO           . unspecified 
TargetDB ttk003001256.4 . unspecified 
# 
_pdbx_database_status.status_code                     REL 
_pdbx_database_status.entry_id                        2YVP 
_pdbx_database_status.recvd_initial_deposition_date   2007-04-13 
_pdbx_database_status.deposit_site                    PDBJ 
_pdbx_database_status.process_site                    PDBJ 
_pdbx_database_status.status_code_sf                  REL 
_pdbx_database_status.status_code_mr                  ? 
_pdbx_database_status.SG_entry                        Y 
_pdbx_database_status.pdb_format_compatible           Y 
_pdbx_database_status.status_code_cs                  ? 
_pdbx_database_status.status_code_nmr_data            ? 
_pdbx_database_status.methods_development_category    ? 
# 
loop_
_audit_author.name 
_audit_author.pdbx_ordinal 
'Wakamatsu, T.'                                          1 
'Nakagawa, N.'                                           2 
'Kuramitsu, S.'                                          3 
'Yokoyama, S.'                                           4 
'Masui, R.'                                              5 
'RIKEN Structural Genomics/Proteomics Initiative (RSGI)' 6 
# 
_citation.id                        primary 
_citation.title                     
'Structural basis for different substrate specificities of two ADP-ribose pyrophosphatases from Thermus thermophilus HB8' 
_citation.journal_abbrev            J.Bacteriol. 
_citation.journal_volume            190 
_citation.page_first                1108 
_citation.page_last                 1117 
_citation.year                      2008 
_citation.journal_id_ASTM           JOBAAY 
_citation.country                   US 
_citation.journal_id_ISSN           0021-9193 
_citation.journal_id_CSD            0767 
_citation.book_publisher            ? 
_citation.pdbx_database_id_PubMed   18039767 
_citation.pdbx_database_id_DOI      10.1128/JB.01522-07 
# 
loop_
_citation_author.citation_id 
_citation_author.name 
_citation_author.ordinal 
_citation_author.identifier_ORCID 
primary 'Wakamatsu, T.' 1 ? 
primary 'Nakagawa, N.'  2 ? 
primary 'Kuramitsu, S.' 3 ? 
primary 'Masui, R.'     4 ? 
# 
_cell.entry_id           2YVP 
_cell.length_a           40.679 
_cell.length_b           100.748 
_cell.length_c           97.369 
_cell.angle_alpha        90.00 
_cell.angle_beta         90.00 
_cell.angle_gamma        90.00 
_cell.Z_PDB              8 
_cell.pdbx_unique_axis   ? 
_cell.length_a_esd       ? 
_cell.length_b_esd       ? 
_cell.length_c_esd       ? 
_cell.angle_alpha_esd    ? 
_cell.angle_beta_esd     ? 
_cell.angle_gamma_esd    ? 
# 
_symmetry.entry_id                         2YVP 
_symmetry.space_group_name_H-M             'C 2 2 21' 
_symmetry.pdbx_full_space_group_name_H-M   ? 
_symmetry.cell_setting                     ? 
_symmetry.Int_Tables_number                20 
_symmetry.space_group_name_Hall            ? 
# 
loop_
_entity.id 
_entity.type 
_entity.src_method 
_entity.pdbx_description 
_entity.formula_weight 
_entity.pdbx_number_of_molecules 
_entity.pdbx_ec 
_entity.pdbx_mutation 
_entity.pdbx_fragment 
_entity.details 
1 polymer     man 'MutT/nudix family protein' 20336.439 1   3.6.1.- ? ? ? 
2 non-polymer syn 'MAGNESIUM ION'             24.305    3   ?       ? ? ? 
3 non-polymer syn 'METHYLENE ADP-BETA-XYLOSE' 557.343   1   ?       ? ? ? 
4 water       nat water                       18.015    133 ?       ? ? ? 
# 
_entity_name_com.entity_id   1 
_entity_name_com.name        NDX2 
# 
_entity_poly.entity_id                      1 
_entity_poly.type                           'polypeptide(L)' 
_entity_poly.nstd_linkage                   no 
_entity_poly.nstd_monomer                   no 
_entity_poly.pdbx_seq_one_letter_code       
;MSPWERILLEEILSEPVRLVKERVRTHTGRELTYVYRPGPVAASFVLPVTERGTALLVRQYRHPTGKFLLEVPAGKVDEG
ETPEAAARRELREEVGAEAETLIPLPSFHPQPSFTAVVFHPFLALKARVVTPPTLEEGELLESLELPLTEVYALLAKGEI
QDASTALTLFYAEPHLKRLGLL
;
_entity_poly.pdbx_seq_one_letter_code_can   
;MSPWERILLEEILSEPVRLVKERVRTHTGRELTYVYRPGPVAASFVLPVTERGTALLVRQYRHPTGKFLLEVPAGKVDEG
ETPEAAARRELREEVGAEAETLIPLPSFHPQPSFTAVVFHPFLALKARVVTPPTLEEGELLESLELPLTEVYALLAKGEI
QDASTALTLFYAEPHLKRLGLL
;
_entity_poly.pdbx_strand_id                 A 
_entity_poly.pdbx_target_identifier         ttk003001256.4 
# 
loop_
_entity_poly_seq.entity_id 
_entity_poly_seq.num 
_entity_poly_seq.mon_id 
_entity_poly_seq.hetero 
1 1   MET n 
1 2   SER n 
1 3   PRO n 
1 4   TRP n 
1 5   GLU n 
1 6   ARG n 
1 7   ILE n 
1 8   LEU n 
1 9   LEU n 
1 10  GLU n 
1 11  GLU n 
1 12  ILE n 
1 13  LEU n 
1 14  SER n 
1 15  GLU n 
1 16  PRO n 
1 17  VAL n 
1 18  ARG n 
1 19  LEU n 
1 20  VAL n 
1 21  LYS n 
1 22  GLU n 
1 23  ARG n 
1 24  VAL n 
1 25  ARG n 
1 26  THR n 
1 27  HIS n 
1 28  THR n 
1 29  GLY n 
1 30  ARG n 
1 31  GLU n 
1 32  LEU n 
1 33  THR n 
1 34  TYR n 
1 35  VAL n 
1 36  TYR n 
1 37  ARG n 
1 38  PRO n 
1 39  GLY n 
1 40  PRO n 
1 41  VAL n 
1 42  ALA n 
1 43  ALA n 
1 44  SER n 
1 45  PHE n 
1 46  VAL n 
1 47  LEU n 
1 48  PRO n 
1 49  VAL n 
1 50  THR n 
1 51  GLU n 
1 52  ARG n 
1 53  GLY n 
1 54  THR n 
1 55  ALA n 
1 56  LEU n 
1 57  LEU n 
1 58  VAL n 
1 59  ARG n 
1 60  GLN n 
1 61  TYR n 
1 62  ARG n 
1 63  HIS n 
1 64  PRO n 
1 65  THR n 
1 66  GLY n 
1 67  LYS n 
1 68  PHE n 
1 69  LEU n 
1 70  LEU n 
1 71  GLU n 
1 72  VAL n 
1 73  PRO n 
1 74  ALA n 
1 75  GLY n 
1 76  LYS n 
1 77  VAL n 
1 78  ASP n 
1 79  GLU n 
1 80  GLY n 
1 81  GLU n 
1 82  THR n 
1 83  PRO n 
1 84  GLU n 
1 85  ALA n 
1 86  ALA n 
1 87  ALA n 
1 88  ARG n 
1 89  ARG n 
1 90  GLU n 
1 91  LEU n 
1 92  ARG n 
1 93  GLU n 
1 94  GLU n 
1 95  VAL n 
1 96  GLY n 
1 97  ALA n 
1 98  GLU n 
1 99  ALA n 
1 100 GLU n 
1 101 THR n 
1 102 LEU n 
1 103 ILE n 
1 104 PRO n 
1 105 LEU n 
1 106 PRO n 
1 107 SER n 
1 108 PHE n 
1 109 HIS n 
1 110 PRO n 
1 111 GLN n 
1 112 PRO n 
1 113 SER n 
1 114 PHE n 
1 115 THR n 
1 116 ALA n 
1 117 VAL n 
1 118 VAL n 
1 119 PHE n 
1 120 HIS n 
1 121 PRO n 
1 122 PHE n 
1 123 LEU n 
1 124 ALA n 
1 125 LEU n 
1 126 LYS n 
1 127 ALA n 
1 128 ARG n 
1 129 VAL n 
1 130 VAL n 
1 131 THR n 
1 132 PRO n 
1 133 PRO n 
1 134 THR n 
1 135 LEU n 
1 136 GLU n 
1 137 GLU n 
1 138 GLY n 
1 139 GLU n 
1 140 LEU n 
1 141 LEU n 
1 142 GLU n 
1 143 SER n 
1 144 LEU n 
1 145 GLU n 
1 146 LEU n 
1 147 PRO n 
1 148 LEU n 
1 149 THR n 
1 150 GLU n 
1 151 VAL n 
1 152 TYR n 
1 153 ALA n 
1 154 LEU n 
1 155 LEU n 
1 156 ALA n 
1 157 LYS n 
1 158 GLY n 
1 159 GLU n 
1 160 ILE n 
1 161 GLN n 
1 162 ASP n 
1 163 ALA n 
1 164 SER n 
1 165 THR n 
1 166 ALA n 
1 167 LEU n 
1 168 THR n 
1 169 LEU n 
1 170 PHE n 
1 171 TYR n 
1 172 ALA n 
1 173 GLU n 
1 174 PRO n 
1 175 HIS n 
1 176 LEU n 
1 177 LYS n 
1 178 ARG n 
1 179 LEU n 
1 180 GLY n 
1 181 LEU n 
1 182 LEU n 
# 
_entity_src_gen.entity_id                          1 
_entity_src_gen.pdbx_src_id                        1 
_entity_src_gen.pdbx_alt_source_flag               sample 
_entity_src_gen.pdbx_seq_type                      ? 
_entity_src_gen.pdbx_beg_seq_num                   ? 
_entity_src_gen.pdbx_end_seq_num                   ? 
_entity_src_gen.gene_src_common_name               ? 
_entity_src_gen.gene_src_genus                     Thermus 
_entity_src_gen.pdbx_gene_src_gene                 ndx2 
_entity_src_gen.gene_src_species                   'Thermus thermophilus' 
_entity_src_gen.gene_src_strain                    HB8 
_entity_src_gen.gene_src_tissue                    ? 
_entity_src_gen.gene_src_tissue_fraction           ? 
_entity_src_gen.gene_src_details                   ? 
_entity_src_gen.pdbx_gene_src_fragment             ? 
_entity_src_gen.pdbx_gene_src_scientific_name      'Thermus thermophilus' 
_entity_src_gen.pdbx_gene_src_ncbi_taxonomy_id     300852 
_entity_src_gen.pdbx_gene_src_variant              ? 
_entity_src_gen.pdbx_gene_src_cell_line            ? 
_entity_src_gen.pdbx_gene_src_atcc                 ? 
_entity_src_gen.pdbx_gene_src_organ                ? 
_entity_src_gen.pdbx_gene_src_organelle            ? 
_entity_src_gen.pdbx_gene_src_cell                 ? 
_entity_src_gen.pdbx_gene_src_cellular_location    ? 
_entity_src_gen.host_org_common_name               ? 
_entity_src_gen.pdbx_host_org_scientific_name      'Escherichia coli BL21(DE3)' 
_entity_src_gen.pdbx_host_org_ncbi_taxonomy_id     469008 
_entity_src_gen.host_org_genus                     Escherichia 
_entity_src_gen.pdbx_host_org_gene                 ? 
_entity_src_gen.pdbx_host_org_organ                ? 
_entity_src_gen.host_org_species                   'Escherichia coli' 
_entity_src_gen.pdbx_host_org_tissue               ? 
_entity_src_gen.pdbx_host_org_tissue_fraction      ? 
_entity_src_gen.pdbx_host_org_strain               'BL21(DE3)' 
_entity_src_gen.pdbx_host_org_variant              ? 
_entity_src_gen.pdbx_host_org_cell_line            ? 
_entity_src_gen.pdbx_host_org_atcc                 ? 
_entity_src_gen.pdbx_host_org_culture_collection   ? 
_entity_src_gen.pdbx_host_org_cell                 ? 
_entity_src_gen.pdbx_host_org_organelle            ? 
_entity_src_gen.pdbx_host_org_cellular_location    ? 
_entity_src_gen.pdbx_host_org_vector_type          PLASMID 
_entity_src_gen.pdbx_host_org_vector               ? 
_entity_src_gen.host_org_details                   ? 
_entity_src_gen.expression_system_id               ? 
_entity_src_gen.plasmid_name                       pET11a 
_entity_src_gen.plasmid_details                    ? 
_entity_src_gen.pdbx_description                   ? 
# 
_struct_ref.id                         1 
_struct_ref.db_name                    UNP 
_struct_ref.db_code                    Q5SJY9_THET8 
_struct_ref.entity_id                  1 
_struct_ref.pdbx_seq_one_letter_code   
;MSPWERILLEEILSEPVRLVKERVRTHTGRELTYVYRPGPVAASFVLPVTERGTALLVRQYRHPTGKFLLEVPAGKVDEG
ETPEAAARRELREEVGAEAETLIPLPSFHPQPSFTAVVFHPFLALKARVVTPPTLEEGELLESLELPLTEVYALLAKGEI
QDASTALTLFYAEPHLKRLGLL
;
_struct_ref.pdbx_align_begin           1 
_struct_ref.pdbx_db_accession          Q5SJY9 
_struct_ref.pdbx_db_isoform            ? 
# 
_struct_ref_seq.align_id                      1 
_struct_ref_seq.ref_id                        1 
_struct_ref_seq.pdbx_PDB_id_code              2YVP 
_struct_ref_seq.pdbx_strand_id                A 
_struct_ref_seq.seq_align_beg                 1 
_struct_ref_seq.pdbx_seq_align_beg_ins_code   ? 
_struct_ref_seq.seq_align_end                 182 
_struct_ref_seq.pdbx_seq_align_end_ins_code   ? 
_struct_ref_seq.pdbx_db_accession             Q5SJY9 
_struct_ref_seq.db_align_beg                  1 
_struct_ref_seq.pdbx_db_align_beg_ins_code    ? 
_struct_ref_seq.db_align_end                  182 
_struct_ref_seq.pdbx_db_align_end_ins_code    ? 
_struct_ref_seq.pdbx_auth_seq_align_beg       1 
_struct_ref_seq.pdbx_auth_seq_align_end       182 
# 
loop_
_chem_comp.id 
_chem_comp.type 
_chem_comp.mon_nstd_flag 
_chem_comp.name 
_chem_comp.pdbx_synonyms 
_chem_comp.formula 
_chem_comp.formula_weight 
ALA 'L-peptide linking' y ALANINE                     ? 'C3 H7 N O2'        89.093  
ARG 'L-peptide linking' y ARGININE                    ? 'C6 H15 N4 O2 1'    175.209 
ASP 'L-peptide linking' y 'ASPARTIC ACID'             ? 'C4 H7 N O4'        133.103 
GLN 'L-peptide linking' y GLUTAMINE                   ? 'C5 H10 N2 O3'      146.144 
GLU 'L-peptide linking' y 'GLUTAMIC ACID'             ? 'C5 H9 N O4'        147.129 
GLY 'peptide linking'   y GLYCINE                     ? 'C2 H5 N O2'        75.067  
HIS 'L-peptide linking' y HISTIDINE                   ? 'C6 H10 N3 O2 1'    156.162 
HOH non-polymer         . WATER                       ? 'H2 O'              18.015  
ILE 'L-peptide linking' y ISOLEUCINE                  ? 'C6 H13 N O2'       131.173 
LEU 'L-peptide linking' y LEUCINE                     ? 'C6 H13 N O2'       131.173 
LYS 'L-peptide linking' y LYSINE                      ? 'C6 H15 N2 O2 1'    147.195 
MET 'L-peptide linking' y METHIONINE                  ? 'C5 H11 N O2 S'     149.211 
MG  non-polymer         . 'MAGNESIUM ION'             ? 'Mg 2'              24.305  
PHE 'L-peptide linking' y PHENYLALANINE               ? 'C9 H11 N O2'       165.189 
PRO 'L-peptide linking' y PROLINE                     ? 'C5 H9 N O2'        115.130 
RBY non-polymer         . 'METHYLENE ADP-BETA-XYLOSE' ? 'C16 H25 N5 O13 P2' 557.343 
SER 'L-peptide linking' y SERINE                      ? 'C3 H7 N O3'        105.093 
THR 'L-peptide linking' y THREONINE                   ? 'C4 H9 N O3'        119.119 
TRP 'L-peptide linking' y TRYPTOPHAN                  ? 'C11 H12 N2 O2'     204.225 
TYR 'L-peptide linking' y TYROSINE                    ? 'C9 H11 N O3'       181.189 
VAL 'L-peptide linking' y VALINE                      ? 'C5 H11 N O2'       117.146 
# 
_exptl.entry_id          2YVP 
_exptl.method            'X-RAY DIFFRACTION' 
_exptl.crystals_number   1 
# 
_exptl_crystal.id                    1 
_exptl_crystal.density_meas          ? 
_exptl_crystal.density_Matthews      2.45 
_exptl_crystal.density_percent_sol   49.81 
_exptl_crystal.description           ? 
_exptl_crystal.F_000                 ? 
_exptl_crystal.preparation           ? 
# 
_exptl_crystal_grow.crystal_id      1 
_exptl_crystal_grow.method          'VAPOR DIFFUSION, HANGING DROP' 
_exptl_crystal_grow.temp            293 
_exptl_crystal_grow.temp_details    ? 
_exptl_crystal_grow.pH              6.5 
_exptl_crystal_grow.pdbx_details    
;0.033M MES, 0.053M MAGNESIUM ACETATE, 4.7%(W/V) PEG8000, 6.7%(W/V) GLYCEROL, 10mM AMPCPR, pH 6.5, VAPOR DIFFUSION, HANGING DROP, temperature 293K
;
_exptl_crystal_grow.pdbx_pH_range   . 
# 
_diffrn.id                     1 
_diffrn.ambient_temp           95 
_diffrn.ambient_temp_details   ? 
_diffrn.crystal_id             1 
# 
_diffrn_detector.diffrn_id              1 
_diffrn_detector.detector               CCD 
_diffrn_detector.type                   'ADSC QUANTUM 210' 
_diffrn_detector.pdbx_collection_date   2005-10-05 
_diffrn_detector.details                ? 
# 
_diffrn_radiation.diffrn_id                        1 
_diffrn_radiation.wavelength_id                    1 
_diffrn_radiation.pdbx_monochromatic_or_laue_m_l   M 
_diffrn_radiation.monochromator                    'TRANSPARENT DIAMOND DOUBLE CRYSTAL' 
_diffrn_radiation.pdbx_diffrn_protocol             'SINGLE WAVELENGTH' 
_diffrn_radiation.pdbx_scattering_type             x-ray 
# 
_diffrn_radiation_wavelength.id           1 
_diffrn_radiation_wavelength.wavelength   1.0000 
_diffrn_radiation_wavelength.wt           1.0 
# 
_diffrn_source.diffrn_id                   1 
_diffrn_source.source                      SYNCHROTRON 
_diffrn_source.type                        'SPRING-8 BEAMLINE BL44B2' 
_diffrn_source.pdbx_synchrotron_site       SPring-8 
_diffrn_source.pdbx_synchrotron_beamline   BL44B2 
_diffrn_source.pdbx_wavelength             ? 
_diffrn_source.pdbx_wavelength_list        1.0000 
# 
_reflns.entry_id                     2YVP 
_reflns.observed_criterion_sigma_I   -3 
_reflns.observed_criterion_sigma_F   ? 
_reflns.d_resolution_low             50 
_reflns.d_resolution_high            1.66 
_reflns.number_obs                   23576 
_reflns.number_all                   23576 
_reflns.percent_possible_obs         97.8 
_reflns.pdbx_Rmerge_I_obs            0.041 
_reflns.pdbx_Rsym_value              ? 
_reflns.pdbx_netI_over_sigmaI        51.3 
_reflns.B_iso_Wilson_estimate        15.0 
_reflns.pdbx_redundancy              5.3 
_reflns.R_free_details               ? 
_reflns.limit_h_max                  ? 
_reflns.limit_h_min                  ? 
_reflns.limit_k_max                  ? 
_reflns.limit_k_min                  ? 
_reflns.limit_l_max                  ? 
_reflns.limit_l_min                  ? 
_reflns.observed_criterion_F_max     ? 
_reflns.observed_criterion_F_min     ? 
_reflns.pdbx_chi_squared             ? 
_reflns.pdbx_scaling_rejects         ? 
_reflns.pdbx_ordinal                 1 
_reflns.pdbx_diffrn_id               1 
# 
_reflns_shell.d_res_high             1.66 
_reflns_shell.d_res_low              1.72 
_reflns_shell.percent_possible_all   95.8 
_reflns_shell.Rmerge_I_obs           0.096 
_reflns_shell.pdbx_Rsym_value        ? 
_reflns_shell.meanI_over_sigI_obs    14.0 
_reflns_shell.pdbx_redundancy        5.3 
_reflns_shell.percent_possible_obs   ? 
_reflns_shell.number_unique_all      2284 
_reflns_shell.number_measured_all    ? 
_reflns_shell.number_measured_obs    ? 
_reflns_shell.number_unique_obs      ? 
_reflns_shell.pdbx_chi_squared       ? 
_reflns_shell.pdbx_ordinal           1 
_reflns_shell.pdbx_diffrn_id         1 
# 
_refine.entry_id                                 2YVP 
_refine.ls_number_reflns_obs                     23384 
_refine.ls_number_reflns_all                     23384 
_refine.pdbx_ls_sigma_I                          ? 
_refine.pdbx_ls_sigma_F                          0.0 
_refine.pdbx_data_cutoff_high_absF               ? 
_refine.pdbx_data_cutoff_low_absF                ? 
_refine.pdbx_data_cutoff_high_rms_absF           ? 
_refine.ls_d_res_low                             24.34 
_refine.ls_d_res_high                            1.66 
_refine.ls_percent_reflns_obs                    96.9 
_refine.ls_R_factor_obs                          ? 
_refine.ls_R_factor_all                          ? 
_refine.ls_R_factor_R_work                       0.188 
_refine.ls_R_factor_R_free                       0.204 
_refine.ls_R_factor_R_free_error                 ? 
_refine.ls_R_factor_R_free_error_details         ? 
_refine.ls_percent_reflns_R_free                 ? 
_refine.ls_number_reflns_R_free                  2308 
_refine.ls_number_parameters                     ? 
_refine.ls_number_restraints                     ? 
_refine.occupancy_min                            ? 
_refine.occupancy_max                            ? 
_refine.correlation_coeff_Fo_to_Fc               ? 
_refine.correlation_coeff_Fo_to_Fc_free          ? 
_refine.B_iso_mean                               16.8 
_refine.aniso_B[1][1]                            5.81 
_refine.aniso_B[2][2]                            -2.48 
_refine.aniso_B[3][3]                            -3.33 
_refine.aniso_B[1][2]                            0.00 
_refine.aniso_B[1][3]                            0.00 
_refine.aniso_B[2][3]                            0.00 
_refine.solvent_model_details                    ? 
_refine.solvent_model_param_ksol                 ? 
_refine.solvent_model_param_bsol                 ? 
_refine.pdbx_solvent_vdw_probe_radii             ? 
_refine.pdbx_solvent_ion_probe_radii             ? 
_refine.pdbx_solvent_shrinkage_radii             ? 
_refine.pdbx_ls_cross_valid_method               THROUGHOUT 
_refine.details                                  ? 
_refine.pdbx_starting_model                      'PDB ENTRY 2YVM' 
_refine.pdbx_method_to_determine_struct          'MOLECULAR REPLACEMENT' 
_refine.pdbx_isotropic_thermal_model             RESTRAINED 
_refine.pdbx_stereochemistry_target_values       'Engh & Huber' 
_refine.pdbx_stereochem_target_val_spec_case     ? 
_refine.pdbx_R_Free_selection_details            RANDOM 
_refine.pdbx_overall_ESU_R                       ? 
_refine.pdbx_overall_ESU_R_Free                  ? 
_refine.overall_SU_ML                            ? 
_refine.overall_SU_B                             ? 
_refine.ls_redundancy_reflns_obs                 ? 
_refine.B_iso_min                                ? 
_refine.B_iso_max                                ? 
_refine.overall_SU_R_Cruickshank_DPI             ? 
_refine.overall_SU_R_free                        ? 
_refine.ls_wR_factor_R_free                      ? 
_refine.ls_wR_factor_R_work                      ? 
_refine.overall_FOM_free_R_set                   ? 
_refine.overall_FOM_work_R_set                   ? 
_refine.pdbx_overall_phase_error                 ? 
_refine.pdbx_refine_id                           'X-RAY DIFFRACTION' 
_refine.pdbx_diffrn_id                           1 
_refine.pdbx_TLS_residual_ADP_flag               ? 
_refine.pdbx_overall_SU_R_free_Cruickshank_DPI   ? 
_refine.pdbx_overall_SU_R_Blow_DPI               ? 
_refine.pdbx_overall_SU_R_free_Blow_DPI          ? 
# 
_refine_analyze.entry_id                        2YVP 
_refine_analyze.Luzzati_coordinate_error_obs    0.17 
_refine_analyze.Luzzati_sigma_a_obs             -0.03 
_refine_analyze.Luzzati_d_res_low_obs           5.00 
_refine_analyze.Luzzati_coordinate_error_free   0.19 
_refine_analyze.Luzzati_sigma_a_free            0.09 
_refine_analyze.Luzzati_d_res_low_free          ? 
_refine_analyze.number_disordered_residues      ? 
_refine_analyze.occupancy_sum_hydrogen          ? 
_refine_analyze.occupancy_sum_non_hydrogen      ? 
_refine_analyze.pdbx_Luzzati_d_res_high_obs     ? 
_refine_analyze.pdbx_refine_id                  'X-RAY DIFFRACTION' 
# 
_refine_hist.pdbx_refine_id                   'X-RAY DIFFRACTION' 
_refine_hist.cycle_id                         LAST 
_refine_hist.pdbx_number_atoms_protein        1437 
_refine_hist.pdbx_number_atoms_nucleic_acid   0 
_refine_hist.pdbx_number_atoms_ligand         39 
_refine_hist.number_atoms_solvent             133 
_refine_hist.number_atoms_total               1609 
_refine_hist.d_res_high                       1.66 
_refine_hist.d_res_low                        24.34 
# 
loop_
_refine_ls_restr.type 
_refine_ls_restr.dev_ideal 
_refine_ls_restr.dev_ideal_target 
_refine_ls_restr.weight 
_refine_ls_restr.number 
_refine_ls_restr.pdbx_refine_id 
_refine_ls_restr.pdbx_restraint_function 
c_bond_d           0.020 ? ? ? 'X-RAY DIFFRACTION' ? 
c_angle_deg        2.7   ? ? ? 'X-RAY DIFFRACTION' ? 
c_dihedral_angle_d 25.1  ? ? ? 'X-RAY DIFFRACTION' ? 
c_improper_angle_d 2.43  ? ? ? 'X-RAY DIFFRACTION' ? 
c_mcbond_it        0.91  ? ? ? 'X-RAY DIFFRACTION' ? 
c_mcangle_it       1.46  ? ? ? 'X-RAY DIFFRACTION' ? 
c_scbond_it        1.60  ? ? ? 'X-RAY DIFFRACTION' ? 
c_scangle_it       2.43  ? ? ? 'X-RAY DIFFRACTION' ? 
# 
_refine_ls_shell.pdbx_total_number_of_bins_used   ? 
_refine_ls_shell.d_res_high                       1.66 
_refine_ls_shell.d_res_low                        1.76 
_refine_ls_shell.number_reflns_R_work             ? 
_refine_ls_shell.R_factor_R_work                  0.182 
_refine_ls_shell.percent_reflns_obs               92.8 
_refine_ls_shell.R_factor_R_free                  0.222 
_refine_ls_shell.R_factor_R_free_error            0.011 
_refine_ls_shell.percent_reflns_R_free            ? 
_refine_ls_shell.number_reflns_R_free             378 
_refine_ls_shell.number_reflns_all                ? 
_refine_ls_shell.R_factor_all                     ? 
_refine_ls_shell.number_reflns_obs                3320 
_refine_ls_shell.redundancy_reflns_obs            ? 
_refine_ls_shell.pdbx_refine_id                   'X-RAY DIFFRACTION' 
# 
_struct.entry_id                  2YVP 
_struct.title                     'Crystal structure of NDX2 in complex with MG2+ and ampcpr from thermus thermophilus HB8' 
_struct.pdbx_model_details        ? 
_struct.pdbx_CASP_flag            ? 
_struct.pdbx_model_type_details   ? 
# 
_struct_keywords.entry_id        2YVP 
_struct_keywords.pdbx_keywords   HYDROLASE 
_struct_keywords.text            
;NUDIX PROTEIN, ADP-RIBOSE, FAD, THERMUS THERMOPHILUS, HYDROLASE, Structural Genomics, NPPSFA, National Project on Protein Structural and Functional Analyses, RIKEN Structural Genomics/Proteomics Initiative, RSGI
;
# 
loop_
_struct_asym.id 
_struct_asym.pdbx_blank_PDB_chainid_flag 
_struct_asym.pdbx_modified 
_struct_asym.entity_id 
_struct_asym.details 
A N N 1 ? 
B N N 2 ? 
C N N 2 ? 
D N N 2 ? 
E N N 3 ? 
F N N 4 ? 
# 
_struct_biol.id        1 
_struct_biol.details   ? 
# 
loop_
_struct_conf.conf_type_id 
_struct_conf.id 
_struct_conf.pdbx_PDB_helix_id 
_struct_conf.beg_label_comp_id 
_struct_conf.beg_label_asym_id 
_struct_conf.beg_label_seq_id 
_struct_conf.pdbx_beg_PDB_ins_code 
_struct_conf.end_label_comp_id 
_struct_conf.end_label_asym_id 
_struct_conf.end_label_seq_id 
_struct_conf.pdbx_end_PDB_ins_code 
_struct_conf.beg_auth_comp_id 
_struct_conf.beg_auth_asym_id 
_struct_conf.beg_auth_seq_id 
_struct_conf.end_auth_comp_id 
_struct_conf.end_auth_asym_id 
_struct_conf.end_auth_seq_id 
_struct_conf.pdbx_PDB_helix_class 
_struct_conf.details 
_struct_conf.pdbx_PDB_helix_length 
HELX_P HELX_P1 1 HIS A 63  ? GLY A 66  ? HIS A 63  GLY A 66  5 ? 4  
HELX_P HELX_P2 2 THR A 82  ? GLY A 96  ? THR A 82  GLY A 96  1 ? 15 
HELX_P HELX_P3 3 LEU A 148 ? LYS A 157 ? LEU A 148 LYS A 157 1 ? 10 
HELX_P HELX_P4 4 ASP A 162 ? LEU A 179 ? ASP A 162 LEU A 179 1 ? 18 
# 
_struct_conf_type.id          HELX_P 
_struct_conf_type.criteria    ? 
_struct_conf_type.reference   ? 
# 
loop_
_struct_conn.id 
_struct_conn.conn_type_id 
_struct_conn.pdbx_leaving_atom_flag 
_struct_conn.pdbx_PDB_id 
_struct_conn.ptnr1_label_asym_id 
_struct_conn.ptnr1_label_comp_id 
_struct_conn.ptnr1_label_seq_id 
_struct_conn.ptnr1_label_atom_id 
_struct_conn.pdbx_ptnr1_label_alt_id 
_struct_conn.pdbx_ptnr1_PDB_ins_code 
_struct_conn.pdbx_ptnr1_standard_comp_id 
_struct_conn.ptnr1_symmetry 
_struct_conn.ptnr2_label_asym_id 
_struct_conn.ptnr2_label_comp_id 
_struct_conn.ptnr2_label_seq_id 
_struct_conn.ptnr2_label_atom_id 
_struct_conn.pdbx_ptnr2_label_alt_id 
_struct_conn.pdbx_ptnr2_PDB_ins_code 
_struct_conn.ptnr1_auth_asym_id 
_struct_conn.ptnr1_auth_comp_id 
_struct_conn.ptnr1_auth_seq_id 
_struct_conn.ptnr2_auth_asym_id 
_struct_conn.ptnr2_auth_comp_id 
_struct_conn.ptnr2_auth_seq_id 
_struct_conn.ptnr2_symmetry 
_struct_conn.pdbx_ptnr3_label_atom_id 
_struct_conn.pdbx_ptnr3_label_seq_id 
_struct_conn.pdbx_ptnr3_label_comp_id 
_struct_conn.pdbx_ptnr3_label_asym_id 
_struct_conn.pdbx_ptnr3_label_alt_id 
_struct_conn.pdbx_ptnr3_PDB_ins_code 
_struct_conn.details 
_struct_conn.pdbx_dist_value 
_struct_conn.pdbx_value_order 
_struct_conn.pdbx_role 
metalc1  metalc ? ? A ALA 74  O   ? ? ? 1_555 C MG  . MG  ? ? A ALA 74  A MG  184 1_555 ? ? ? ? ? ? ? 1.987 ? ? 
metalc2  metalc ? ? A GLU 90  OE2 ? ? ? 1_555 B MG  . MG  ? ? A GLU 90  A MG  183 1_555 ? ? ? ? ? ? ? 2.129 ? ? 
metalc3  metalc ? ? A GLU 90  OE1 ? ? ? 1_555 D MG  . MG  ? ? A GLU 90  A MG  185 1_555 ? ? ? ? ? ? ? 2.139 ? ? 
metalc4  metalc ? ? A GLU 94  OE2 ? ? ? 1_555 B MG  . MG  ? ? A GLU 94  A MG  183 1_555 ? ? ? ? ? ? ? 2.088 ? ? 
metalc5  metalc ? ? A GLU 94  OE2 ? ? ? 1_555 C MG  . MG  ? ? A GLU 94  A MG  184 1_555 ? ? ? ? ? ? ? 2.115 ? ? 
metalc6  metalc ? ? A GLU 139 OE2 ? ? ? 1_555 B MG  . MG  ? ? A GLU 139 A MG  183 1_555 ? ? ? ? ? ? ? 2.012 ? ? 
metalc7  metalc ? ? B MG  .   MG  ? ? ? 1_555 E RBY . O1A ? ? A MG  183 A RBY 186 1_555 ? ? ? ? ? ? ? 2.098 ? ? 
metalc8  metalc ? ? B MG  .   MG  ? ? ? 1_555 F HOH . O   ? ? A MG  183 A HOH 189 1_555 ? ? ? ? ? ? ? 2.019 ? ? 
metalc9  metalc ? ? B MG  .   MG  ? ? ? 1_555 F HOH . O   ? ? A MG  183 A HOH 203 1_555 ? ? ? ? ? ? ? 2.156 ? ? 
metalc10 metalc ? ? C MG  .   MG  ? ? ? 1_555 E RBY . O2B ? ? A MG  184 A RBY 186 1_555 ? ? ? ? ? ? ? 2.198 ? ? 
metalc11 metalc ? ? C MG  .   MG  ? ? ? 1_555 E RBY . O1A ? ? A MG  184 A RBY 186 1_555 ? ? ? ? ? ? ? 2.250 ? ? 
metalc12 metalc ? ? C MG  .   MG  ? ? ? 1_555 F HOH . O   ? ? A MG  184 A HOH 190 1_555 ? ? ? ? ? ? ? 1.926 ? ? 
metalc13 metalc ? ? C MG  .   MG  ? ? ? 1_555 F HOH . O   ? ? A MG  184 A HOH 193 1_555 ? ? ? ? ? ? ? 2.018 ? ? 
metalc14 metalc ? ? D MG  .   MG  ? ? ? 1_555 F HOH . O   ? ? A MG  185 A HOH 203 1_555 ? ? ? ? ? ? ? 2.050 ? ? 
metalc15 metalc ? ? D MG  .   MG  ? ? ? 1_555 F HOH . O   ? ? A MG  185 A HOH 235 1_555 ? ? ? ? ? ? ? 1.991 ? ? 
metalc16 metalc ? ? D MG  .   MG  ? ? ? 1_555 F HOH . O   ? ? A MG  185 A HOH 246 1_555 ? ? ? ? ? ? ? 2.084 ? ? 
# 
_struct_conn_type.id          metalc 
_struct_conn_type.criteria    ? 
_struct_conn_type.reference   ? 
# 
loop_
_struct_mon_prot_cis.pdbx_id 
_struct_mon_prot_cis.label_comp_id 
_struct_mon_prot_cis.label_seq_id 
_struct_mon_prot_cis.label_asym_id 
_struct_mon_prot_cis.label_alt_id 
_struct_mon_prot_cis.pdbx_PDB_ins_code 
_struct_mon_prot_cis.auth_comp_id 
_struct_mon_prot_cis.auth_seq_id 
_struct_mon_prot_cis.auth_asym_id 
_struct_mon_prot_cis.pdbx_label_comp_id_2 
_struct_mon_prot_cis.pdbx_label_seq_id_2 
_struct_mon_prot_cis.pdbx_label_asym_id_2 
_struct_mon_prot_cis.pdbx_PDB_ins_code_2 
_struct_mon_prot_cis.pdbx_auth_comp_id_2 
_struct_mon_prot_cis.pdbx_auth_seq_id_2 
_struct_mon_prot_cis.pdbx_auth_asym_id_2 
_struct_mon_prot_cis.pdbx_PDB_model_num 
_struct_mon_prot_cis.pdbx_omega_angle 
1 GLU 15 A . ? GLU 15 A PRO 16 A ? PRO 16 A 1 0.29  
2 GLY 39 A . ? GLY 39 A PRO 40 A ? PRO 40 A 1 -0.01 
# 
loop_
_struct_sheet.id 
_struct_sheet.type 
_struct_sheet.number_strands 
_struct_sheet.details 
A ? 3 ? 
B ? 4 ? 
C ? 3 ? 
D ? 2 ? 
# 
loop_
_struct_sheet_order.sheet_id 
_struct_sheet_order.range_id_1 
_struct_sheet_order.range_id_2 
_struct_sheet_order.offset 
_struct_sheet_order.sense 
A 1 2 ? anti-parallel 
A 2 3 ? anti-parallel 
B 1 2 ? anti-parallel 
B 2 3 ? parallel      
B 3 4 ? anti-parallel 
C 1 2 ? anti-parallel 
C 2 3 ? anti-parallel 
D 1 2 ? anti-parallel 
# 
loop_
_struct_sheet_range.sheet_id 
_struct_sheet_range.id 
_struct_sheet_range.beg_label_comp_id 
_struct_sheet_range.beg_label_asym_id 
_struct_sheet_range.beg_label_seq_id 
_struct_sheet_range.pdbx_beg_PDB_ins_code 
_struct_sheet_range.end_label_comp_id 
_struct_sheet_range.end_label_asym_id 
_struct_sheet_range.end_label_seq_id 
_struct_sheet_range.pdbx_end_PDB_ins_code 
_struct_sheet_range.beg_auth_comp_id 
_struct_sheet_range.beg_auth_asym_id 
_struct_sheet_range.beg_auth_seq_id 
_struct_sheet_range.end_auth_comp_id 
_struct_sheet_range.end_auth_asym_id 
_struct_sheet_range.end_auth_seq_id 
A 1 GLU A 5   ? LEU A 13  ? GLU A 5   LEU A 13  
A 2 LEU A 19  ? ARG A 25  ? LEU A 19  ARG A 25  
A 3 GLU A 31  ? TYR A 36  ? GLU A 31  TYR A 36  
B 1 ALA A 74  ? LYS A 76  ? ALA A 74  LYS A 76  
B 2 ALA A 42  ? PRO A 48  ? ALA A 42  PRO A 48  
B 3 VAL A 118 ? ALA A 124 ? VAL A 118 ALA A 124 
B 4 LEU A 102 ? PRO A 104 ? LEU A 102 PRO A 104 
C 1 PHE A 68  ? GLU A 71  ? PHE A 68  GLU A 71  
C 2 THR A 54  ? TYR A 61  ? THR A 54  TYR A 61  
C 3 LEU A 141 ? PRO A 147 ? LEU A 141 PRO A 147 
D 1 ALA A 97  ? GLU A 98  ? ALA A 97  GLU A 98  
D 2 ARG A 128 ? VAL A 129 ? ARG A 128 VAL A 129 
# 
loop_
_pdbx_struct_sheet_hbond.sheet_id 
_pdbx_struct_sheet_hbond.range_id_1 
_pdbx_struct_sheet_hbond.range_id_2 
_pdbx_struct_sheet_hbond.range_1_label_atom_id 
_pdbx_struct_sheet_hbond.range_1_label_comp_id 
_pdbx_struct_sheet_hbond.range_1_label_asym_id 
_pdbx_struct_sheet_hbond.range_1_label_seq_id 
_pdbx_struct_sheet_hbond.range_1_PDB_ins_code 
_pdbx_struct_sheet_hbond.range_1_auth_atom_id 
_pdbx_struct_sheet_hbond.range_1_auth_comp_id 
_pdbx_struct_sheet_hbond.range_1_auth_asym_id 
_pdbx_struct_sheet_hbond.range_1_auth_seq_id 
_pdbx_struct_sheet_hbond.range_2_label_atom_id 
_pdbx_struct_sheet_hbond.range_2_label_comp_id 
_pdbx_struct_sheet_hbond.range_2_label_asym_id 
_pdbx_struct_sheet_hbond.range_2_label_seq_id 
_pdbx_struct_sheet_hbond.range_2_PDB_ins_code 
_pdbx_struct_sheet_hbond.range_2_auth_atom_id 
_pdbx_struct_sheet_hbond.range_2_auth_comp_id 
_pdbx_struct_sheet_hbond.range_2_auth_asym_id 
_pdbx_struct_sheet_hbond.range_2_auth_seq_id 
A 1 2 N LEU A 8   ? N LEU A 8   O ARG A 23  ? O ARG A 23  
A 2 3 N GLU A 22  ? N GLU A 22  O TYR A 34  ? O TYR A 34  
B 1 2 O GLY A 75  ? O GLY A 75  N SER A 44  ? N SER A 44  
B 2 3 N LEU A 47  ? N LEU A 47  O PHE A 122 ? O PHE A 122 
B 3 4 O LEU A 123 ? O LEU A 123 N ILE A 103 ? N ILE A 103 
C 1 2 O GLU A 71  ? O GLU A 71  N VAL A 58  ? N VAL A 58  
C 2 3 N ALA A 55  ? N ALA A 55  O LEU A 146 ? O LEU A 146 
D 1 2 N GLU A 98  ? N GLU A 98  O ARG A 128 ? O ARG A 128 
# 
loop_
_struct_site.id 
_struct_site.pdbx_evidence_code 
_struct_site.pdbx_auth_asym_id 
_struct_site.pdbx_auth_comp_id 
_struct_site.pdbx_auth_seq_id 
_struct_site.pdbx_auth_ins_code 
_struct_site.pdbx_num_residues 
_struct_site.details 
AC1 Software A MG  183 ? 5  'BINDING SITE FOR RESIDUE MG A 183'  
AC2 Software A MG  184 ? 5  'BINDING SITE FOR RESIDUE MG A 184'  
AC3 Software A MG  185 ? 6  'BINDING SITE FOR RESIDUE MG A 185'  
AC4 Software A RBY 186 ? 25 'BINDING SITE FOR RESIDUE RBY A 186' 
# 
loop_
_struct_site_gen.id 
_struct_site_gen.site_id 
_struct_site_gen.pdbx_num_res 
_struct_site_gen.label_comp_id 
_struct_site_gen.label_asym_id 
_struct_site_gen.label_seq_id 
_struct_site_gen.pdbx_auth_ins_code 
_struct_site_gen.auth_comp_id 
_struct_site_gen.auth_asym_id 
_struct_site_gen.auth_seq_id 
_struct_site_gen.label_atom_id 
_struct_site_gen.label_alt_id 
_struct_site_gen.symmetry 
_struct_site_gen.details 
1  AC1 5  GLU A 90  ? GLU A 90  . ? 1_555 ? 
2  AC1 5  GLU A 94  ? GLU A 94  . ? 1_555 ? 
3  AC1 5  GLU A 139 ? GLU A 139 . ? 1_555 ? 
4  AC1 5  HOH F .   ? HOH A 189 . ? 1_555 ? 
5  AC1 5  HOH F .   ? HOH A 203 . ? 1_555 ? 
6  AC2 5  ALA A 74  ? ALA A 74  . ? 1_555 ? 
7  AC2 5  GLU A 94  ? GLU A 94  . ? 1_555 ? 
8  AC2 5  GLU A 139 ? GLU A 139 . ? 1_555 ? 
9  AC2 5  HOH F .   ? HOH A 190 . ? 1_555 ? 
10 AC2 5  HOH F .   ? HOH A 193 . ? 1_555 ? 
11 AC3 6  GLU A 90  ? GLU A 90  . ? 1_555 ? 
12 AC3 6  GLU A 136 ? GLU A 136 . ? 1_555 ? 
13 AC3 6  HOH F .   ? HOH A 203 . ? 1_555 ? 
14 AC3 6  HOH F .   ? HOH A 235 . ? 1_555 ? 
15 AC3 6  HOH F .   ? HOH A 240 . ? 1_555 ? 
16 AC3 6  HOH F .   ? HOH A 246 . ? 1_555 ? 
17 AC4 25 PRO A 16  ? PRO A 16  . ? 1_555 ? 
18 AC4 25 THR A 33  ? THR A 33  . ? 3_656 ? 
19 AC4 25 TYR A 34  ? TYR A 34  . ? 3_656 ? 
20 AC4 25 ALA A 43  ? ALA A 43  . ? 1_555 ? 
21 AC4 25 ARG A 62  ? ARG A 62  . ? 1_555 ? 
22 AC4 25 ALA A 74  ? ALA A 74  . ? 1_555 ? 
23 AC4 25 GLY A 75  ? GLY A 75  . ? 1_555 ? 
24 AC4 25 LYS A 76  ? LYS A 76  . ? 1_555 ? 
25 AC4 25 GLU A 90  ? GLU A 90  . ? 1_555 ? 
26 AC4 25 GLU A 94  ? GLU A 94  . ? 1_555 ? 
27 AC4 25 GLN A 111 ? GLN A 111 . ? 3_656 ? 
28 AC4 25 SER A 113 ? SER A 113 . ? 3_656 ? 
29 AC4 25 PHE A 114 ? PHE A 114 . ? 3_656 ? 
30 AC4 25 PHE A 119 ? PHE A 119 . ? 1_555 ? 
31 AC4 25 GLU A 136 ? GLU A 136 . ? 1_555 ? 
32 AC4 25 GLU A 137 ? GLU A 137 . ? 1_555 ? 
33 AC4 25 GLY A 138 ? GLY A 138 . ? 1_555 ? 
34 AC4 25 GLU A 139 ? GLU A 139 . ? 1_555 ? 
35 AC4 25 HOH F .   ? HOH A 190 . ? 1_555 ? 
36 AC4 25 HOH F .   ? HOH A 193 . ? 1_555 ? 
37 AC4 25 HOH F .   ? HOH A 203 . ? 1_555 ? 
38 AC4 25 HOH F .   ? HOH A 221 . ? 3_656 ? 
39 AC4 25 HOH F .   ? HOH A 246 . ? 1_555 ? 
40 AC4 25 HOH F .   ? HOH A 308 . ? 3_656 ? 
41 AC4 25 HOH F .   ? HOH A 317 . ? 1_555 ? 
# 
_atom_sites.entry_id                    2YVP 
_atom_sites.fract_transf_matrix[1][1]   -0.00308042 
_atom_sites.fract_transf_matrix[1][2]   0.00198292 
_atom_sites.fract_transf_matrix[1][3]   -0.02430849 
_atom_sites.fract_transf_matrix[2][1]   0.00835052 
_atom_sites.fract_transf_matrix[2][2]   -0.00515819 
_atom_sites.fract_transf_matrix[2][3]   -0.00147897 
_atom_sites.fract_transf_matrix[3][1]   -0.00540079 
_atom_sites.fract_transf_matrix[3][2]   -0.00873519 
_atom_sites.fract_transf_matrix[3][3]   -0.00002816 
_atom_sites.fract_transf_vector[1]      0.333377 
_atom_sites.fract_transf_vector[2]      0.248720 
_atom_sites.fract_transf_vector[3]      0.693738 
# 
loop_
_atom_type.symbol 
C  
MG 
N  
O  
P  
S  
# 
loop_
_atom_site.group_PDB 
_atom_site.id 
_atom_site.type_symbol 
_atom_site.label_atom_id 
_atom_site.label_alt_id 
_atom_site.label_comp_id 
_atom_site.label_asym_id 
_atom_site.label_entity_id 
_atom_site.label_seq_id 
_atom_site.pdbx_PDB_ins_code 
_atom_site.Cartn_x 
_atom_site.Cartn_y 
_atom_site.Cartn_z 
_atom_site.occupancy 
_atom_site.B_iso_or_equiv 
_atom_site.pdbx_formal_charge 
_atom_site.auth_seq_id 
_atom_site.auth_comp_id 
_atom_site.auth_asym_id 
_atom_site.auth_atom_id 
_atom_site.pdbx_PDB_model_num 
ATOM   1    N  N     . MET A 1 1   ? -5.584  -27.707 4.265   1.00 35.75 ? 1   MET A N     1 
ATOM   2    C  CA    . MET A 1 1   ? -6.424  -28.375 3.232   1.00 34.84 ? 1   MET A CA    1 
ATOM   3    C  C     . MET A 1 1   ? -6.249  -27.687 1.882   1.00 33.04 ? 1   MET A C     1 
ATOM   4    O  O     . MET A 1 1   ? -7.232  -27.251 1.270   1.00 33.41 ? 1   MET A O     1 
ATOM   5    C  CB    . MET A 1 1   ? -7.902  -28.326 3.639   1.00 37.05 ? 1   MET A CB    1 
ATOM   6    C  CG    . MET A 1 1   ? -8.272  -29.229 4.815   1.00 39.01 ? 1   MET A CG    1 
ATOM   7    S  SD    . MET A 1 1   ? -8.552  -30.952 4.339   1.00 41.59 ? 1   MET A SD    1 
ATOM   8    C  CE    . MET A 1 1   ? -10.319 -31.035 4.335   1.00 40.64 ? 1   MET A CE    1 
ATOM   9    N  N     . SER A 1 2   ? -5.001  -27.575 1.427   1.00 30.18 ? 2   SER A N     1 
ATOM   10   C  CA    . SER A 1 2   ? -4.734  -26.942 0.140   1.00 26.68 ? 2   SER A CA    1 
ATOM   11   C  C     . SER A 1 2   ? -5.026  -27.902 -0.996  1.00 23.75 ? 2   SER A C     1 
ATOM   12   O  O     . SER A 1 2   ? -4.770  -29.101 -0.915  1.00 23.37 ? 2   SER A O     1 
ATOM   13   C  CB    . SER A 1 2   ? -3.271  -26.486 0.011   1.00 27.46 ? 2   SER A CB    1 
ATOM   14   O  OG    . SER A 1 2   ? -3.003  -25.968 -1.305  1.00 26.26 ? 2   SER A OG    1 
ATOM   15   N  N     . PRO A 1 3   ? -5.591  -27.382 -2.074  1.00 20.79 ? 3   PRO A N     1 
ATOM   16   C  CA    . PRO A 1 3   ? -5.903  -28.215 -3.232  1.00 18.88 ? 3   PRO A CA    1 
ATOM   17   C  C     . PRO A 1 3   ? -4.641  -28.611 -4.014  1.00 17.49 ? 3   PRO A C     1 
ATOM   18   O  O     . PRO A 1 3   ? -4.681  -29.530 -4.824  1.00 16.20 ? 3   PRO A O     1 
ATOM   19   C  CB    . PRO A 1 3   ? -6.841  -27.328 -4.050  1.00 19.73 ? 3   PRO A CB    1 
ATOM   20   C  CG    . PRO A 1 3   ? -6.428  -25.961 -3.687  1.00 19.70 ? 3   PRO A CG    1 
ATOM   21   C  CD    . PRO A 1 3   ? -6.205  -26.048 -2.199  1.00 20.67 ? 3   PRO A CD    1 
ATOM   22   N  N     . TRP A 1 4   ? -3.529  -27.918 -3.775  1.00 17.12 ? 4   TRP A N     1 
ATOM   23   C  CA    . TRP A 1 4   ? -2.278  -28.230 -4.472  1.00 17.86 ? 4   TRP A CA    1 
ATOM   24   C  C     . TRP A 1 4   ? -1.218  -28.726 -3.506  1.00 19.08 ? 4   TRP A C     1 
ATOM   25   O  O     . TRP A 1 4   ? -1.030  -28.149 -2.429  1.00 21.06 ? 4   TRP A O     1 
ATOM   26   C  CB    . TRP A 1 4   ? -1.743  -26.997 -5.210  1.00 16.20 ? 4   TRP A CB    1 
ATOM   27   C  CG    . TRP A 1 4   ? -2.601  -26.526 -6.366  1.00 14.96 ? 4   TRP A CG    1 
ATOM   28   C  CD1   . TRP A 1 4   ? -3.750  -27.106 -6.838  1.00 15.20 ? 4   TRP A CD1   1 
ATOM   29   C  CD2   . TRP A 1 4   ? -2.341  -25.407 -7.215  1.00 15.21 ? 4   TRP A CD2   1 
ATOM   30   N  NE1   . TRP A 1 4   ? -4.215  -26.419 -7.934  1.00 14.74 ? 4   TRP A NE1   1 
ATOM   31   C  CE2   . TRP A 1 4   ? -3.371  -25.368 -8.187  1.00 14.79 ? 4   TRP A CE2   1 
ATOM   32   C  CE3   . TRP A 1 4   ? -1.337  -24.430 -7.252  1.00 14.83 ? 4   TRP A CE3   1 
ATOM   33   C  CZ2   . TRP A 1 4   ? -3.421  -24.391 -9.183  1.00 14.87 ? 4   TRP A CZ2   1 
ATOM   34   C  CZ3   . TRP A 1 4   ? -1.389  -23.463 -8.242  1.00 14.75 ? 4   TRP A CZ3   1 
ATOM   35   C  CH2   . TRP A 1 4   ? -2.421  -23.451 -9.195  1.00 14.27 ? 4   TRP A CH2   1 
ATOM   36   N  N     . GLU A 1 5   ? -0.515  -29.780 -3.902  1.00 19.71 ? 5   GLU A N     1 
ATOM   37   C  CA    . GLU A 1 5   ? 0.519   -30.375 -3.070  1.00 20.06 ? 5   GLU A CA    1 
ATOM   38   C  C     . GLU A 1 5   ? 1.930   -29.946 -3.486  1.00 19.09 ? 5   GLU A C     1 
ATOM   39   O  O     . GLU A 1 5   ? 2.267   -29.950 -4.669  1.00 18.64 ? 5   GLU A O     1 
ATOM   40   C  CB    . GLU A 1 5   ? 0.408   -31.901 -3.132  1.00 22.44 ? 5   GLU A CB    1 
ATOM   41   C  CG    . GLU A 1 5   ? 1.608   -32.622 -2.554  1.00 26.88 ? 5   GLU A CG    1 
ATOM   42   C  CD    . GLU A 1 5   ? 1.440   -34.131 -2.511  1.00 29.27 ? 5   GLU A CD    1 
ATOM   43   O  OE1   . GLU A 1 5   ? 0.954   -34.722 -3.509  1.00 30.95 ? 5   GLU A OE1   1 
ATOM   44   O  OE2   . GLU A 1 5   ? 1.812   -34.721 -1.468  1.00 31.31 ? 5   GLU A OE2   1 
ATOM   45   N  N     . ARG A 1 6   ? 2.742   -29.581 -2.500  1.00 18.78 ? 6   ARG A N     1 
ATOM   46   C  CA    . ARG A 1 6   ? 4.118   -29.175 -2.757  1.00 18.44 ? 6   ARG A CA    1 
ATOM   47   C  C     . ARG A 1 6   ? 4.970   -30.379 -3.115  1.00 18.30 ? 6   ARG A C     1 
ATOM   48   O  O     . ARG A 1 6   ? 4.924   -31.401 -2.432  1.00 19.01 ? 6   ARG A O     1 
ATOM   49   C  CB    . ARG A 1 6   ? 4.744   -28.513 -1.523  1.00 17.40 ? 6   ARG A CB    1 
ATOM   50   C  CG    . ARG A 1 6   ? 6.236   -28.174 -1.699  1.00 17.23 ? 6   ARG A CG    1 
ATOM   51   C  CD    . ARG A 1 6   ? 6.773   -27.325 -0.559  1.00 18.23 ? 6   ARG A CD    1 
ATOM   52   N  NE    . ARG A 1 6   ? 5.978   -26.111 -0.406  1.00 18.78 ? 6   ARG A NE    1 
ATOM   53   C  CZ    . ARG A 1 6   ? 6.136   -25.198 0.547   1.00 20.24 ? 6   ARG A CZ    1 
ATOM   54   N  NH1   . ARG A 1 6   ? 7.086   -25.324 1.468   1.00 20.91 ? 6   ARG A NH1   1 
ATOM   55   N  NH2   . ARG A 1 6   ? 5.308   -24.156 0.602   1.00 21.55 ? 6   ARG A NH2   1 
ATOM   56   N  N     . ILE A 1 7   ? 5.721   -30.259 -4.202  1.00 18.60 ? 7   ILE A N     1 
ATOM   57   C  CA    . ILE A 1 7   ? 6.653   -31.294 -4.616  1.00 19.17 ? 7   ILE A CA    1 
ATOM   58   C  C     . ILE A 1 7   ? 7.996   -30.721 -4.165  1.00 19.89 ? 7   ILE A C     1 
ATOM   59   O  O     . ILE A 1 7   ? 8.692   -31.315 -3.330  1.00 20.52 ? 7   ILE A O     1 
ATOM   60   C  CB    . ILE A 1 7   ? 6.626   -31.506 -6.139  1.00 20.05 ? 7   ILE A CB    1 
ATOM   61   C  CG1   . ILE A 1 7   ? 5.277   -32.128 -6.532  1.00 20.23 ? 7   ILE A CG1   1 
ATOM   62   C  CG2   . ILE A 1 7   ? 7.796   -32.409 -6.586  1.00 20.67 ? 7   ILE A CG2   1 
ATOM   63   C  CD1   . ILE A 1 7   ? 5.133   -32.389 -8.021  1.00 21.83 ? 7   ILE A CD1   1 
ATOM   64   N  N     . LEU A 1 8   ? 8.330   -29.529 -4.659  1.00 19.20 ? 8   LEU A N     1 
ATOM   65   C  CA    . LEU A 1 8   ? 9.586   -28.892 -4.271  1.00 19.87 ? 8   LEU A CA    1 
ATOM   66   C  C     . LEU A 1 8   ? 9.443   -27.374 -4.342  1.00 18.88 ? 8   LEU A C     1 
ATOM   67   O  O     . LEU A 1 8   ? 8.848   -26.862 -5.287  1.00 19.13 ? 8   LEU A O     1 
ATOM   68   C  CB    . LEU A 1 8   ? 10.689  -29.355 -5.222  1.00 21.85 ? 8   LEU A CB    1 
ATOM   69   C  CG    . LEU A 1 8   ? 12.064  -29.750 -4.673  1.00 24.24 ? 8   LEU A CG    1 
ATOM   70   C  CD1   . LEU A 1 8   ? 11.946  -30.573 -3.394  1.00 24.11 ? 8   LEU A CD1   1 
ATOM   71   C  CD2   . LEU A 1 8   ? 12.780  -30.544 -5.756  1.00 25.13 ? 8   LEU A CD2   1 
ATOM   72   N  N     . LEU A 1 9   ? 9.973   -26.672 -3.343  1.00 17.82 ? 9   LEU A N     1 
ATOM   73   C  CA    . LEU A 1 9   ? 9.913   -25.212 -3.313  1.00 17.09 ? 9   LEU A CA    1 
ATOM   74   C  C     . LEU A 1 9   ? 11.331  -24.675 -3.466  1.00 16.67 ? 9   LEU A C     1 
ATOM   75   O  O     . LEU A 1 9   ? 12.174  -24.918 -2.604  1.00 16.98 ? 9   LEU A O     1 
ATOM   76   C  CB    . LEU A 1 9   ? 9.324   -24.736 -1.986  1.00 18.00 ? 9   LEU A CB    1 
ATOM   77   C  CG    . LEU A 1 9   ? 9.243   -23.228 -1.736  1.00 18.75 ? 9   LEU A CG    1 
ATOM   78   C  CD1   . LEU A 1 9   ? 8.137   -22.668 -2.621  1.00 20.81 ? 9   LEU A CD1   1 
ATOM   79   C  CD2   . LEU A 1 9   ? 8.944   -22.950 -0.262  1.00 20.49 ? 9   LEU A CD2   1 
ATOM   80   N  N     . GLU A 1 10  ? 11.601  -23.968 -4.564  1.00 15.11 ? 10  GLU A N     1 
ATOM   81   C  CA    . GLU A 1 10  ? 12.926  -23.421 -4.794  1.00 15.45 ? 10  GLU A CA    1 
ATOM   82   C  C     . GLU A 1 10  ? 12.948  -21.903 -4.617  1.00 15.29 ? 10  GLU A C     1 
ATOM   83   O  O     . GLU A 1 10  ? 12.083  -21.189 -5.141  1.00 15.39 ? 10  GLU A O     1 
ATOM   84   C  CB    . GLU A 1 10  ? 13.414  -23.780 -6.205  1.00 15.91 ? 10  GLU A CB    1 
ATOM   85   C  CG    . GLU A 1 10  ? 14.775  -23.161 -6.542  1.00 18.85 ? 10  GLU A CG    1 
ATOM   86   C  CD    . GLU A 1 10  ? 15.308  -23.604 -7.889  1.00 20.88 ? 10  GLU A CD    1 
ATOM   87   O  OE1   . GLU A 1 10  ? 14.918  -24.706 -8.352  1.00 24.50 ? 10  GLU A OE1   1 
ATOM   88   O  OE2   . GLU A 1 10  ? 16.135  -22.870 -8.462  1.00 21.45 ? 10  GLU A OE2   1 
ATOM   89   N  N     . GLU A 1 11  ? 13.937  -21.400 -3.884  1.00 14.20 ? 11  GLU A N     1 
ATOM   90   C  CA    . GLU A 1 11  ? 14.052  -19.961 -3.707  1.00 15.64 ? 11  GLU A CA    1 
ATOM   91   C  C     . GLU A 1 11  ? 14.853  -19.420 -4.893  1.00 16.08 ? 11  GLU A C     1 
ATOM   92   O  O     . GLU A 1 11  ? 16.006  -19.816 -5.092  1.00 16.51 ? 11  GLU A O     1 
ATOM   93   C  CB    . GLU A 1 11  ? 14.784  -19.632 -2.407  1.00 16.48 ? 11  GLU A CB    1 
ATOM   94   C  CG    . GLU A 1 11  ? 15.002  -18.136 -2.216  1.00 18.82 ? 11  GLU A CG    1 
ATOM   95   C  CD    . GLU A 1 11  ? 15.476  -17.799 -0.826  1.00 21.24 ? 11  GLU A CD    1 
ATOM   96   O  OE1   . GLU A 1 11  ? 14.619  -17.393 -0.006  1.00 21.71 ? 11  GLU A OE1   1 
ATOM   97   O  OE2   . GLU A 1 11  ? 16.695  -17.952 -0.566  1.00 22.53 ? 11  GLU A OE2   1 
ATOM   98   N  N     . ILE A 1 12  ? 14.242  -18.527 -5.675  1.00 16.28 ? 12  ILE A N     1 
ATOM   99   C  CA    . ILE A 1 12  ? 14.839  -17.909 -6.855  1.00 17.86 ? 12  ILE A CA    1 
ATOM   100  C  C     . ILE A 1 12  ? 15.666  -16.685 -6.495  1.00 17.79 ? 12  ILE A C     1 
ATOM   101  O  O     . ILE A 1 12  ? 16.638  -16.357 -7.182  1.00 18.28 ? 12  ILE A O     1 
ATOM   102  C  CB    . ILE A 1 12  ? 13.738  -17.415 -7.838  1.00 19.48 ? 12  ILE A CB    1 
ATOM   103  C  CG1   . ILE A 1 12  ? 12.962  -18.609 -8.380  1.00 22.09 ? 12  ILE A CG1   1 
ATOM   104  C  CG2   . ILE A 1 12  ? 14.356  -16.546 -8.946  1.00 21.96 ? 12  ILE A CG2   1 
ATOM   105  C  CD1   . ILE A 1 12  ? 13.832  -19.800 -8.733  1.00 21.84 ? 12  ILE A CD1   1 
ATOM   106  N  N     . LEU A 1 13  ? 15.248  -16.006 -5.434  1.00 17.68 ? 13  LEU A N     1 
ATOM   107  C  CA    . LEU A 1 13  ? 15.920  -14.798 -4.973  1.00 18.78 ? 13  LEU A CA    1 
ATOM   108  C  C     . LEU A 1 13  ? 15.541  -14.591 -3.514  1.00 19.16 ? 13  LEU A C     1 
ATOM   109  O  O     . LEU A 1 13  ? 14.421  -14.889 -3.103  1.00 17.13 ? 13  LEU A O     1 
ATOM   110  C  CB    . LEU A 1 13  ? 15.460  -13.585 -5.805  1.00 19.46 ? 13  LEU A CB    1 
ATOM   111  C  CG    . LEU A 1 13  ? 16.340  -12.339 -5.699  1.00 20.15 ? 13  LEU A CG    1 
ATOM   112  C  CD1   . LEU A 1 13  ? 17.655  -12.600 -6.417  1.00 21.46 ? 13  LEU A CD1   1 
ATOM   113  C  CD2   . LEU A 1 13  ? 15.629  -11.136 -6.320  1.00 20.63 ? 13  LEU A CD2   1 
ATOM   114  N  N     . SER A 1 14  ? 16.483  -14.103 -2.712  1.00 20.69 ? 14  SER A N     1 
ATOM   115  C  CA    . SER A 1 14  ? 16.177  -13.873 -1.313  1.00 22.20 ? 14  SER A CA    1 
ATOM   116  C  C     . SER A 1 14  ? 16.100  -12.380 -1.017  1.00 23.12 ? 14  SER A C     1 
ATOM   117  O  O     . SER A 1 14  ? 15.281  -11.947 -0.209  1.00 23.78 ? 14  SER A O     1 
ATOM   118  C  CB    . SER A 1 14  ? 17.224  -14.553 -0.416  1.00 23.92 ? 14  SER A CB    1 
ATOM   119  O  OG    . SER A 1 14  ? 18.528  -14.111 -0.734  1.00 26.68 ? 14  SER A OG    1 
ATOM   120  N  N     . GLU A 1 15  ? 16.939  -11.591 -1.683  1.00 24.07 ? 15  GLU A N     1 
ATOM   121  C  CA    . GLU A 1 15  ? 16.930  -10.140 -1.481  1.00 25.21 ? 15  GLU A CA    1 
ATOM   122  C  C     . GLU A 1 15  ? 17.165  -9.453  -2.823  1.00 24.27 ? 15  GLU A C     1 
ATOM   123  O  O     . GLU A 1 15  ? 17.834  -9.996  -3.690  1.00 23.93 ? 15  GLU A O     1 
ATOM   124  C  CB    . GLU A 1 15  ? 18.023  -9.722  -0.485  1.00 27.98 ? 15  GLU A CB    1 
ATOM   125  C  CG    . GLU A 1 15  ? 19.458  -9.787  -1.013  1.00 32.12 ? 15  GLU A CG    1 
ATOM   126  C  CD    . GLU A 1 15  ? 20.045  -11.192 -1.024  1.00 34.81 ? 15  GLU A CD    1 
ATOM   127  O  OE1   . GLU A 1 15  ? 19.998  -11.872 0.029   1.00 37.01 ? 15  GLU A OE1   1 
ATOM   128  O  OE2   . GLU A 1 15  ? 20.573  -11.618 -2.079  1.00 36.58 ? 15  GLU A OE2   1 
ATOM   129  N  N     . PRO A 1 16  ? 16.634  -8.235  -3.008  1.00 23.55 ? 16  PRO A N     1 
ATOM   130  C  CA    . PRO A 1 16  ? 15.833  -7.396  -2.115  1.00 22.91 ? 16  PRO A CA    1 
ATOM   131  C  C     . PRO A 1 16  ? 14.379  -7.834  -1.959  1.00 22.02 ? 16  PRO A C     1 
ATOM   132  O  O     . PRO A 1 16  ? 13.646  -7.281  -1.146  1.00 22.34 ? 16  PRO A O     1 
ATOM   133  C  CB    . PRO A 1 16  ? 15.961  -6.011  -2.745  1.00 23.34 ? 16  PRO A CB    1 
ATOM   134  C  CG    . PRO A 1 16  ? 16.017  -6.333  -4.213  1.00 23.32 ? 16  PRO A CG    1 
ATOM   135  C  CD    . PRO A 1 16  ? 16.959  -7.515  -4.256  1.00 23.31 ? 16  PRO A CD    1 
ATOM   136  N  N     . VAL A 1 17  ? 13.967  -8.823  -2.744  1.00 20.60 ? 17  VAL A N     1 
ATOM   137  C  CA    . VAL A 1 17  ? 12.611  -9.353  -2.671  1.00 19.93 ? 17  VAL A CA    1 
ATOM   138  C  C     . VAL A 1 17  ? 12.738  -10.874 -2.677  1.00 18.92 ? 17  VAL A C     1 
ATOM   139  O  O     . VAL A 1 17  ? 13.547  -11.417 -3.430  1.00 19.88 ? 17  VAL A O     1 
ATOM   140  C  CB    . VAL A 1 17  ? 11.783  -8.947  -3.910  1.00 20.09 ? 17  VAL A CB    1 
ATOM   141  C  CG1   . VAL A 1 17  ? 10.385  -9.563  -3.842  1.00 20.29 ? 17  VAL A CG1   1 
ATOM   142  C  CG2   . VAL A 1 17  ? 11.709  -7.430  -3.998  1.00 21.50 ? 17  VAL A CG2   1 
ATOM   143  N  N     . ARG A 1 18  ? 11.969  -11.567 -1.845  1.00 17.75 ? 18  ARG A N     1 
ATOM   144  C  CA    . ARG A 1 18  ? 12.053  -13.024 -1.862  1.00 17.44 ? 18  ARG A CA    1 
ATOM   145  C  C     . ARG A 1 18  ? 11.091  -13.558 -2.909  1.00 15.86 ? 18  ARG A C     1 
ATOM   146  O  O     . ARG A 1 18  ? 9.924   -13.196 -2.910  1.00 16.56 ? 18  ARG A O     1 
ATOM   147  C  CB    . ARG A 1 18  ? 11.683  -13.620 -0.512  1.00 17.98 ? 18  ARG A CB    1 
ATOM   148  C  CG    . ARG A 1 18  ? 11.899  -15.130 -0.474  1.00 20.58 ? 18  ARG A CG    1 
ATOM   149  C  CD    . ARG A 1 18  ? 11.314  -15.774 0.775   1.00 22.39 ? 18  ARG A CD    1 
ATOM   150  N  NE    . ARG A 1 18  ? 11.494  -17.229 0.761   1.00 24.85 ? 18  ARG A NE    1 
ATOM   151  C  CZ    . ARG A 1 18  ? 10.717  -18.089 1.410   1.00 24.34 ? 18  ARG A CZ    1 
ATOM   152  N  NH1   . ARG A 1 18  ? 9.697   -17.655 2.132   1.00 25.07 ? 18  ARG A NH1   1 
ATOM   153  N  NH2   . ARG A 1 18  ? 10.963  -19.389 1.337   1.00 27.06 ? 18  ARG A NH2   1 
ATOM   154  N  N     . LEU A 1 19  ? 11.590  -14.421 -3.794  1.00 14.28 ? 19  LEU A N     1 
ATOM   155  C  CA    . LEU A 1 19  ? 10.774  -15.003 -4.859  1.00 13.00 ? 19  LEU A CA    1 
ATOM   156  C  C     . LEU A 1 19  ? 11.024  -16.491 -4.905  1.00 13.10 ? 19  LEU A C     1 
ATOM   157  O  O     . LEU A 1 19  ? 12.169  -16.930 -4.788  1.00 13.60 ? 19  LEU A O     1 
ATOM   158  C  CB    . LEU A 1 19  ? 11.165  -14.400 -6.207  1.00 13.72 ? 19  LEU A CB    1 
ATOM   159  C  CG    . LEU A 1 19  ? 10.882  -12.901 -6.347  1.00 13.46 ? 19  LEU A CG    1 
ATOM   160  C  CD1   . LEU A 1 19  ? 11.542  -12.393 -7.624  1.00 14.70 ? 19  LEU A CD1   1 
ATOM   161  C  CD2   . LEU A 1 19  ? 9.372   -12.670 -6.377  1.00 14.78 ? 19  LEU A CD2   1 
ATOM   162  N  N     . VAL A 1 20  ? 9.960   -17.265 -5.071  1.00 11.87 ? 20  VAL A N     1 
ATOM   163  C  CA    . VAL A 1 20  ? 10.074  -18.718 -5.146  1.00 12.36 ? 20  VAL A CA    1 
ATOM   164  C  C     . VAL A 1 20  ? 9.443   -19.300 -6.401  1.00 12.90 ? 20  VAL A C     1 
ATOM   165  O  O     . VAL A 1 20  ? 8.582   -18.689 -7.046  1.00 12.55 ? 20  VAL A O     1 
ATOM   166  C  CB    . VAL A 1 20  ? 9.429   -19.417 -3.911  1.00 12.01 ? 20  VAL A CB    1 
ATOM   167  C  CG1   . VAL A 1 20  ? 10.095  -18.916 -2.665  1.00 13.00 ? 20  VAL A CG1   1 
ATOM   168  C  CG2   . VAL A 1 20  ? 7.907   -19.150 -3.838  1.00 12.25 ? 20  VAL A CG2   1 
ATOM   169  N  N     . LYS A 1 21  ? 9.917   -20.485 -6.752  1.00 12.74 ? 21  LYS A N     1 
ATOM   170  C  CA    . LYS A 1 21  ? 9.422   -21.226 -7.893  1.00 14.29 ? 21  LYS A CA    1 
ATOM   171  C  C     . LYS A 1 21  ? 9.043   -22.559 -7.267  1.00 13.56 ? 21  LYS A C     1 
ATOM   172  O  O     . LYS A 1 21  ? 9.915   -23.308 -6.837  1.00 13.61 ? 21  LYS A O     1 
ATOM   173  C  CB    . LYS A 1 21  ? 10.547  -21.391 -8.911  1.00 16.53 ? 21  LYS A CB    1 
ATOM   174  C  CG    . LYS A 1 21  ? 10.186  -22.149 -10.165 1.00 19.60 ? 21  LYS A CG    1 
ATOM   175  C  CD    . LYS A 1 21  ? 11.394  -22.211 -11.103 1.00 22.95 ? 21  LYS A CD    1 
ATOM   176  C  CE    . LYS A 1 21  ? 12.523  -23.039 -10.518 1.00 23.91 ? 21  LYS A CE    1 
ATOM   177  N  NZ    . LYS A 1 21  ? 13.593  -23.283 -11.529 1.00 27.03 ? 21  LYS A NZ    1 
ATOM   178  N  N     . GLU A 1 22  ? 7.751   -22.868 -7.212  1.00 12.18 ? 22  GLU A N     1 
ATOM   179  C  CA    . GLU A 1 22  ? 7.328   -24.094 -6.565  1.00 13.03 ? 22  GLU A CA    1 
ATOM   180  C  C     . GLU A 1 22  ? 6.747   -25.094 -7.545  1.00 13.89 ? 22  GLU A C     1 
ATOM   181  O  O     . GLU A 1 22  ? 5.889   -24.752 -8.362  1.00 13.89 ? 22  GLU A O     1 
ATOM   182  C  CB    . GLU A 1 22  ? 6.271   -23.771 -5.494  1.00 12.08 ? 22  GLU A CB    1 
ATOM   183  C  CG    . GLU A 1 22  ? 5.876   -24.969 -4.609  1.00 12.46 ? 22  GLU A CG    1 
ATOM   184  C  CD    . GLU A 1 22  ? 4.797   -24.649 -3.577  1.00 14.04 ? 22  GLU A CD    1 
ATOM   185  O  OE1   . GLU A 1 22  ? 4.457   -25.552 -2.787  1.00 14.61 ? 22  GLU A OE1   1 
ATOM   186  O  OE2   . GLU A 1 22  ? 4.268   -23.516 -3.541  1.00 13.39 ? 22  GLU A OE2   1 
ATOM   187  N  N     . ARG A 1 23  ? 7.229   -26.335 -7.470  1.00 14.29 ? 23  ARG A N     1 
ATOM   188  C  CA    . ARG A 1 23  ? 6.681   -27.389 -8.314  1.00 14.81 ? 23  ARG A CA    1 
ATOM   189  C  C     . ARG A 1 23  ? 5.585   -27.989 -7.431  1.00 14.58 ? 23  ARG A C     1 
ATOM   190  O  O     . ARG A 1 23  ? 5.852   -28.380 -6.291  1.00 14.31 ? 23  ARG A O     1 
ATOM   191  C  CB    . ARG A 1 23  ? 7.750   -28.441 -8.616  1.00 17.08 ? 23  ARG A CB    1 
ATOM   192  C  CG    . ARG A 1 23  ? 7.366   -29.442 -9.699  1.00 21.01 ? 23  ARG A CG    1 
ATOM   193  C  CD    . ARG A 1 23  ? 7.250   -28.797 -11.079 1.00 23.55 ? 23  ARG A CD    1 
ATOM   194  N  NE    . ARG A 1 23  ? 7.061   -29.813 -12.118 1.00 25.94 ? 23  ARG A NE    1 
ATOM   195  C  CZ    . ARG A 1 23  ? 6.789   -29.551 -13.394 1.00 26.37 ? 23  ARG A CZ    1 
ATOM   196  N  NH1   . ARG A 1 23  ? 6.663   -28.297 -13.823 1.00 26.13 ? 23  ARG A NH1   1 
ATOM   197  N  NH2   . ARG A 1 23  ? 6.637   -30.557 -14.246 1.00 27.01 ? 23  ARG A NH2   1 
ATOM   198  N  N     . VAL A 1 24  ? 4.354   -28.021 -7.936  1.00 14.08 ? 24  VAL A N     1 
ATOM   199  C  CA    . VAL A 1 24  ? 3.231   -28.571 -7.175  1.00 15.24 ? 24  VAL A CA    1 
ATOM   200  C  C     . VAL A 1 24  ? 2.485   -29.611 -7.994  1.00 16.04 ? 24  VAL A C     1 
ATOM   201  O  O     . VAL A 1 24  ? 2.626   -29.668 -9.214  1.00 16.73 ? 24  VAL A O     1 
ATOM   202  C  CB    . VAL A 1 24  ? 2.158   -27.488 -6.809  1.00 14.92 ? 24  VAL A CB    1 
ATOM   203  C  CG1   . VAL A 1 24  ? 2.769   -26.369 -5.987  1.00 14.76 ? 24  VAL A CG1   1 
ATOM   204  C  CG2   . VAL A 1 24  ? 1.519   -26.941 -8.072  1.00 15.56 ? 24  VAL A CG2   1 
ATOM   205  N  N     . ARG A 1 25  ? 1.695   -30.437 -7.312  1.00 16.66 ? 25  ARG A N     1 
ATOM   206  C  CA    . ARG A 1 25  ? 0.845   -31.387 -8.014  1.00 18.14 ? 25  ARG A CA    1 
ATOM   207  C  C     . ARG A 1 25  ? -0.541  -30.745 -7.855  1.00 17.17 ? 25  ARG A C     1 
ATOM   208  O  O     . ARG A 1 25  ? -1.002  -30.513 -6.737  1.00 17.20 ? 25  ARG A O     1 
ATOM   209  C  CB    . ARG A 1 25  ? 0.881   -32.777 -7.379  1.00 20.32 ? 25  ARG A CB    1 
ATOM   210  C  CG    . ARG A 1 25  ? 0.114   -33.807 -8.208  1.00 24.69 ? 25  ARG A CG    1 
ATOM   211  C  CD    . ARG A 1 25  ? 0.443   -35.244 -7.791  1.00 27.81 ? 25  ARG A CD    1 
ATOM   212  N  NE    . ARG A 1 25  ? 1.854   -35.555 -8.027  1.00 30.61 ? 25  ARG A NE    1 
ATOM   213  C  CZ    . ARG A 1 25  ? 2.392   -35.753 -9.231  1.00 32.53 ? 25  ARG A CZ    1 
ATOM   214  N  NH1   . ARG A 1 25  ? 1.638   -35.681 -10.326 1.00 33.15 ? 25  ARG A NH1   1 
ATOM   215  N  NH2   . ARG A 1 25  ? 3.691   -36.020 -9.344  1.00 33.01 ? 25  ARG A NH2   1 
ATOM   216  N  N     . THR A 1 26  ? -1.179  -30.438 -8.978  1.00 17.22 ? 26  THR A N     1 
ATOM   217  C  CA    . THR A 1 26  ? -2.469  -29.761 -8.955  1.00 17.10 ? 26  THR A CA    1 
ATOM   218  C  C     . THR A 1 26  ? -3.697  -30.633 -8.742  1.00 17.19 ? 26  THR A C     1 
ATOM   219  O  O     . THR A 1 26  ? -3.608  -31.840 -8.517  1.00 17.91 ? 26  THR A O     1 
ATOM   220  C  CB    . THR A 1 26  ? -2.713  -28.980 -10.256 1.00 16.91 ? 26  THR A CB    1 
ATOM   221  O  OG1   . THR A 1 26  ? -2.952  -29.917 -11.325 1.00 16.68 ? 26  THR A OG1   1 
ATOM   222  C  CG2   . THR A 1 26  ? -1.515  -28.111 -10.598 1.00 16.62 ? 26  THR A CG2   1 
ATOM   223  N  N     . HIS A 1 27  ? -4.853  -29.986 -8.842  1.00 16.95 ? 27  HIS A N     1 
ATOM   224  C  CA    . HIS A 1 27  ? -6.139  -30.648 -8.683  1.00 18.17 ? 27  HIS A CA    1 
ATOM   225  C  C     . HIS A 1 27  ? -6.361  -31.669 -9.805  1.00 19.09 ? 27  HIS A C     1 
ATOM   226  O  O     . HIS A 1 27  ? -7.258  -32.518 -9.708  1.00 20.22 ? 27  HIS A O     1 
ATOM   227  C  CB    . HIS A 1 27  ? -7.245  -29.591 -8.699  1.00 17.55 ? 27  HIS A CB    1 
ATOM   228  C  CG    . HIS A 1 27  ? -7.094  -28.598 -9.807  1.00 16.71 ? 27  HIS A CG    1 
ATOM   229  N  ND1   . HIS A 1 27  ? -7.869  -28.622 -10.950 1.00 17.35 ? 27  HIS A ND1   1 
ATOM   230  C  CD2   . HIS A 1 27  ? -6.213  -27.583 -9.971  1.00 13.84 ? 27  HIS A CD2   1 
ATOM   231  C  CE1   . HIS A 1 27  ? -7.468  -27.661 -11.766 1.00 15.53 ? 27  HIS A CE1   1 
ATOM   232  N  NE2   . HIS A 1 27  ? -6.468  -27.018 -11.195 1.00 17.44 ? 27  HIS A NE2   1 
ATOM   233  N  N     . THR A 1 28  ? -5.561  -31.593 -10.868 1.00 20.16 ? 28  THR A N     1 
ATOM   234  C  CA    . THR A 1 28  ? -5.704  -32.528 -11.983 1.00 20.85 ? 28  THR A CA    1 
ATOM   235  C  C     . THR A 1 28  ? -4.723  -33.682 -11.836 1.00 21.86 ? 28  THR A C     1 
ATOM   236  O  O     . THR A 1 28  ? -4.706  -34.618 -12.649 1.00 21.79 ? 28  THR A O     1 
ATOM   237  C  CB    . THR A 1 28  ? -5.440  -31.850 -13.340 1.00 22.13 ? 28  THR A CB    1 
ATOM   238  O  OG1   . THR A 1 28  ? -4.042  -31.591 -13.478 1.00 21.82 ? 28  THR A OG1   1 
ATOM   239  C  CG2   . THR A 1 28  ? -6.224  -30.543 -13.454 1.00 23.32 ? 28  THR A CG2   1 
ATOM   240  N  N     . GLY A 1 29  ? -3.906  -33.616 -10.792 1.00 21.69 ? 29  GLY A N     1 
ATOM   241  C  CA    . GLY A 1 29  ? -2.931  -34.662 -10.551 1.00 22.14 ? 29  GLY A CA    1 
ATOM   242  C  C     . GLY A 1 29  ? -1.667  -34.465 -11.365 1.00 22.72 ? 29  GLY A C     1 
ATOM   243  O  O     . GLY A 1 29  ? -0.727  -35.238 -11.221 1.00 23.38 ? 29  GLY A O     1 
ATOM   244  N  N     . ARG A 1 30  ? -1.651  -33.452 -12.226 1.00 21.85 ? 30  ARG A N     1 
ATOM   245  C  CA    . ARG A 1 30  ? -0.481  -33.165 -13.052 1.00 23.07 ? 30  ARG A CA    1 
ATOM   246  C  C     . ARG A 1 30  ? 0.414   -32.174 -12.325 1.00 22.35 ? 30  ARG A C     1 
ATOM   247  O  O     . ARG A 1 30  ? 0.005   -31.573 -11.324 1.00 21.96 ? 30  ARG A O     1 
ATOM   248  C  CB    . ARG A 1 30  ? -0.911  -32.573 -14.395 1.00 24.62 ? 30  ARG A CB    1 
ATOM   249  C  CG    . ARG A 1 30  ? -1.794  -33.500 -15.221 1.00 28.61 ? 30  ARG A CG    1 
ATOM   250  C  CD    . ARG A 1 30  ? -2.505  -32.735 -16.329 1.00 31.56 ? 30  ARG A CD    1 
ATOM   251  N  NE    . ARG A 1 30  ? -3.908  -33.136 -16.402 1.00 34.59 ? 30  ARG A NE    1 
ATOM   252  C  CZ    . ARG A 1 30  ? -4.893  -32.363 -16.852 1.00 35.92 ? 30  ARG A CZ    1 
ATOM   253  N  NH1   . ARG A 1 30  ? -6.140  -32.824 -16.876 1.00 36.72 ? 30  ARG A NH1   1 
ATOM   254  N  NH2   . ARG A 1 30  ? -4.637  -31.130 -17.271 1.00 36.52 ? 30  ARG A NH2   1 
ATOM   255  N  N     . GLU A 1 31  ? 1.628   -31.995 -12.828 1.00 21.84 ? 31  GLU A N     1 
ATOM   256  C  CA    . GLU A 1 31  ? 2.563   -31.067 -12.193 1.00 21.94 ? 31  GLU A CA    1 
ATOM   257  C  C     . GLU A 1 31  ? 2.500   -29.708 -12.867 1.00 20.61 ? 31  GLU A C     1 
ATOM   258  O  O     . GLU A 1 31  ? 2.183   -29.599 -14.049 1.00 21.07 ? 31  GLU A O     1 
ATOM   259  C  CB    . GLU A 1 31  ? 4.002   -31.610 -12.253 1.00 23.82 ? 31  GLU A CB    1 
ATOM   260  C  CG    . GLU A 1 31  ? 4.171   -32.959 -11.546 1.00 26.69 ? 31  GLU A CG    1 
ATOM   261  C  CD    . GLU A 1 31  ? 5.629   -33.395 -11.364 1.00 28.93 ? 31  GLU A CD    1 
ATOM   262  O  OE1   . GLU A 1 31  ? 5.841   -34.568 -10.980 1.00 30.25 ? 31  GLU A OE1   1 
ATOM   263  O  OE2   . GLU A 1 31  ? 6.553   -32.578 -11.587 1.00 29.28 ? 31  GLU A OE2   1 
ATOM   264  N  N     . LEU A 1 32  ? 2.805   -28.674 -12.094 1.00 19.03 ? 32  LEU A N     1 
ATOM   265  C  CA    . LEU A 1 32  ? 2.800   -27.312 -12.578 1.00 18.49 ? 32  LEU A CA    1 
ATOM   266  C  C     . LEU A 1 32  ? 3.860   -26.547 -11.790 1.00 17.28 ? 32  LEU A C     1 
ATOM   267  O  O     . LEU A 1 32  ? 4.106   -26.844 -10.627 1.00 16.73 ? 32  LEU A O     1 
ATOM   268  C  CB    . LEU A 1 32  ? 1.406   -26.687 -12.325 1.00 20.09 ? 32  LEU A CB    1 
ATOM   269  C  CG    . LEU A 1 32  ? 1.173   -25.186 -12.526 1.00 21.98 ? 32  LEU A CG    1 
ATOM   270  C  CD1   . LEU A 1 32  ? -0.318  -24.895 -12.566 1.00 23.47 ? 32  LEU A CD1   1 
ATOM   271  C  CD2   . LEU A 1 32  ? 1.795   -24.413 -11.390 1.00 23.01 ? 32  LEU A CD2   1 
ATOM   272  N  N     . THR A 1 33  ? 4.500   -25.577 -12.431 1.00 16.51 ? 33  THR A N     1 
ATOM   273  C  CA    . THR A 1 33  ? 5.469   -24.741 -11.716 1.00 15.56 ? 33  THR A CA    1 
ATOM   274  C  C     . THR A 1 33  ? 4.786   -23.396 -11.466 1.00 14.81 ? 33  THR A C     1 
ATOM   275  O  O     . THR A 1 33  ? 4.287   -22.753 -12.399 1.00 14.83 ? 33  THR A O     1 
ATOM   276  C  CB    . THR A 1 33  ? 6.751   -24.525 -12.533 1.00 16.89 ? 33  THR A CB    1 
ATOM   277  O  OG1   . THR A 1 33  ? 7.473   -25.762 -12.617 1.00 17.72 ? 33  THR A OG1   1 
ATOM   278  C  CG2   . THR A 1 33  ? 7.622   -23.475 -11.857 1.00 17.40 ? 33  THR A CG2   1 
ATOM   279  N  N     . TYR A 1 34  ? 4.732   -22.987 -10.198 1.00 13.70 ? 34  TYR A N     1 
ATOM   280  C  CA    . TYR A 1 34  ? 4.100   -21.724 -9.857  1.00 12.95 ? 34  TYR A CA    1 
ATOM   281  C  C     . TYR A 1 34  ? 5.148   -20.785 -9.258  1.00 12.97 ? 34  TYR A C     1 
ATOM   282  O  O     . TYR A 1 34  ? 5.852   -21.142 -8.314  1.00 12.37 ? 34  TYR A O     1 
ATOM   283  C  CB    . TYR A 1 34  ? 2.956   -21.941 -8.856  1.00 12.06 ? 34  TYR A CB    1 
ATOM   284  C  CG    . TYR A 1 34  ? 1.864   -20.901 -8.991  1.00 13.20 ? 34  TYR A CG    1 
ATOM   285  C  CD1   . TYR A 1 34  ? 0.792   -21.102 -9.853  1.00 13.40 ? 34  TYR A CD1   1 
ATOM   286  C  CD2   . TYR A 1 34  ? 1.954   -19.687 -8.327  1.00 13.46 ? 34  TYR A CD2   1 
ATOM   287  C  CE1   . TYR A 1 34  ? -0.172  -20.101 -10.061 1.00 13.42 ? 34  TYR A CE1   1 
ATOM   288  C  CE2   . TYR A 1 34  ? 1.007   -18.675 -8.518  1.00 13.24 ? 34  TYR A CE2   1 
ATOM   289  C  CZ    . TYR A 1 34  ? -0.051  -18.890 -9.390  1.00 13.62 ? 34  TYR A CZ    1 
ATOM   290  O  OH    . TYR A 1 34  ? -0.953  -17.888 -9.624  1.00 13.03 ? 34  TYR A OH    1 
ATOM   291  N  N     . VAL A 1 35  ? 5.241   -19.576 -9.799  1.00 11.70 ? 35  VAL A N     1 
ATOM   292  C  CA    . VAL A 1 35  ? 6.218   -18.596 -9.327  1.00 12.43 ? 35  VAL A CA    1 
ATOM   293  C  C     . VAL A 1 35  ? 5.514   -17.488 -8.554  1.00 12.04 ? 35  VAL A C     1 
ATOM   294  O  O     . VAL A 1 35  ? 4.536   -16.900 -9.020  1.00 12.50 ? 35  VAL A O     1 
ATOM   295  C  CB    . VAL A 1 35  ? 6.974   -17.982 -10.512 1.00 12.70 ? 35  VAL A CB    1 
ATOM   296  C  CG1   . VAL A 1 35  ? 8.056   -17.008 -10.027 1.00 13.57 ? 35  VAL A CG1   1 
ATOM   297  C  CG2   . VAL A 1 35  ? 7.551   -19.094 -11.362 1.00 14.28 ? 35  VAL A CG2   1 
ATOM   298  N  N     . TYR A 1 36  ? 6.012   -17.183 -7.367  1.00 10.43 ? 36  TYR A N     1 
ATOM   299  C  CA    . TYR A 1 36  ? 5.355   -16.167 -6.580  1.00 10.49 ? 36  TYR A CA    1 
ATOM   300  C  C     . TYR A 1 36  ? 6.223   -15.580 -5.485  1.00 11.60 ? 36  TYR A C     1 
ATOM   301  O  O     . TYR A 1 36  ? 7.331   -16.059 -5.232  1.00 11.66 ? 36  TYR A O     1 
ATOM   302  C  CB    . TYR A 1 36  ? 4.060   -16.738 -5.962  1.00 10.76 ? 36  TYR A CB    1 
ATOM   303  C  CG    . TYR A 1 36  ? 4.232   -17.930 -5.024  1.00 10.04 ? 36  TYR A CG    1 
ATOM   304  C  CD1   . TYR A 1 36  ? 4.488   -19.225 -5.521  1.00 10.13 ? 36  TYR A CD1   1 
ATOM   305  C  CD2   . TYR A 1 36  ? 4.080   -17.769 -3.653  1.00 10.99 ? 36  TYR A CD2   1 
ATOM   306  C  CE1   . TYR A 1 36  ? 4.576   -20.314 -4.654  1.00 10.62 ? 36  TYR A CE1   1 
ATOM   307  C  CE2   . TYR A 1 36  ? 4.171   -18.856 -2.778  1.00 10.57 ? 36  TYR A CE2   1 
ATOM   308  C  CZ    . TYR A 1 36  ? 4.417   -20.113 -3.287  1.00 11.39 ? 36  TYR A CZ    1 
ATOM   309  O  OH    . TYR A 1 36  ? 4.502   -21.173 -2.407  1.00 13.20 ? 36  TYR A OH    1 
ATOM   310  N  N     . ARG A 1 37  ? 5.716   -14.499 -4.886  1.00 11.52 ? 37  ARG A N     1 
ATOM   311  C  CA    . ARG A 1 37  ? 6.374   -13.839 -3.764  1.00 12.99 ? 37  ARG A CA    1 
ATOM   312  C  C     . ARG A 1 37  ? 5.611   -14.451 -2.581  1.00 12.84 ? 37  ARG A C     1 
ATOM   313  O  O     . ARG A 1 37  ? 4.407   -14.211 -2.386  1.00 12.87 ? 37  ARG A O     1 
ATOM   314  C  CB    . ARG A 1 37  ? 6.154   -12.321 -3.863  1.00 13.59 ? 37  ARG A CB    1 
ATOM   315  C  CG    . ARG A 1 37  ? 7.074   -11.514 -3.004  1.00 18.86 ? 37  ARG A CG    1 
ATOM   316  C  CD    . ARG A 1 37  ? 6.577   -11.395 -1.592  1.00 21.67 ? 37  ARG A CD    1 
ATOM   317  N  NE    . ARG A 1 37  ? 7.538   -10.627 -0.797  1.00 24.70 ? 37  ARG A NE    1 
ATOM   318  C  CZ    . ARG A 1 37  ? 8.386   -11.162 0.080   1.00 26.52 ? 37  ARG A CZ    1 
ATOM   319  N  NH1   . ARG A 1 37  ? 8.401   -12.480 0.303   1.00 26.81 ? 37  ARG A NH1   1 
ATOM   320  N  NH2   . ARG A 1 37  ? 9.249   -10.378 0.714   1.00 27.20 ? 37  ARG A NH2   1 
ATOM   321  N  N     . PRO A 1 38  ? 6.293   -15.274 -1.775  1.00 13.66 ? 38  PRO A N     1 
ATOM   322  C  CA    . PRO A 1 38  ? 5.681   -15.934 -0.627  1.00 13.88 ? 38  PRO A CA    1 
ATOM   323  C  C     . PRO A 1 38  ? 5.358   -15.059 0.575   1.00 14.44 ? 38  PRO A C     1 
ATOM   324  O  O     . PRO A 1 38  ? 5.931   -13.996 0.760   1.00 14.82 ? 38  PRO A O     1 
ATOM   325  C  CB    . PRO A 1 38  ? 6.703   -17.016 -0.279  1.00 14.20 ? 38  PRO A CB    1 
ATOM   326  C  CG    . PRO A 1 38  ? 7.975   -16.336 -0.545  1.00 14.21 ? 38  PRO A CG    1 
ATOM   327  C  CD    . PRO A 1 38  ? 7.729   -15.601 -1.862  1.00 14.16 ? 38  PRO A CD    1 
ATOM   328  N  N     . GLY A 1 39  ? 4.434   -15.546 1.386   1.00 14.23 ? 39  GLY A N     1 
ATOM   329  C  CA    . GLY A 1 39  ? 4.035   -14.835 2.582   1.00 16.70 ? 39  GLY A CA    1 
ATOM   330  C  C     . GLY A 1 39  ? 4.692   -15.501 3.773   1.00 18.47 ? 39  GLY A C     1 
ATOM   331  O  O     . GLY A 1 39  ? 5.436   -16.468 3.616   1.00 18.49 ? 39  GLY A O     1 
ATOM   332  N  N     . PRO A 1 40  ? 4.427   -14.997 4.981   1.00 19.10 ? 40  PRO A N     1 
ATOM   333  C  CA    . PRO A 1 40  ? 3.544   -13.846 5.202   1.00 18.64 ? 40  PRO A CA    1 
ATOM   334  C  C     . PRO A 1 40  ? 4.294   -12.543 4.987   1.00 18.20 ? 40  PRO A C     1 
ATOM   335  O  O     . PRO A 1 40  ? 5.429   -12.395 5.438   1.00 18.38 ? 40  PRO A O     1 
ATOM   336  C  CB    . PRO A 1 40  ? 3.114   -13.995 6.672   1.00 20.33 ? 40  PRO A CB    1 
ATOM   337  C  CG    . PRO A 1 40  ? 3.846   -15.246 7.188   1.00 20.89 ? 40  PRO A CG    1 
ATOM   338  C  CD    . PRO A 1 40  ? 4.996   -15.469 6.251   1.00 20.58 ? 40  PRO A CD    1 
ATOM   339  N  N     . VAL A 1 41  ? 3.670   -11.594 4.288   1.00 15.43 ? 41  VAL A N     1 
ATOM   340  C  CA    . VAL A 1 41  ? 4.279   -10.289 4.060   1.00 13.78 ? 41  VAL A CA    1 
ATOM   341  C  C     . VAL A 1 41  ? 3.128   -9.290  3.910   1.00 13.26 ? 41  VAL A C     1 
ATOM   342  O  O     . VAL A 1 41  ? 2.038   -9.636  3.440   1.00 12.45 ? 41  VAL A O     1 
ATOM   343  C  CB    . VAL A 1 41  ? 5.224   -10.299 2.821   1.00 14.74 ? 41  VAL A CB    1 
ATOM   344  C  CG1   . VAL A 1 41  ? 4.471   -10.794 1.577   1.00 13.52 ? 41  VAL A CG1   1 
ATOM   345  C  CG2   . VAL A 1 41  ? 5.838   -8.926  2.615   1.00 16.04 ? 41  VAL A CG2   1 
ATOM   346  N  N     . ALA A 1 42  ? 3.360   -8.051  4.340   1.00 11.51 ? 42  ALA A N     1 
ATOM   347  C  CA    . ALA A 1 42  ? 2.300   -7.043  4.301   1.00 11.34 ? 42  ALA A CA    1 
ATOM   348  C  C     . ALA A 1 42  ? 2.865   -5.652  4.145   1.00 10.88 ? 42  ALA A C     1 
ATOM   349  O  O     . ALA A 1 42  ? 4.054   -5.434  4.364   1.00 11.27 ? 42  ALA A O     1 
ATOM   350  C  CB    . ALA A 1 42  ? 1.475   -7.101  5.601   1.00 12.28 ? 42  ALA A CB    1 
ATOM   351  N  N     . ALA A 1 43  ? 1.998   -4.721  3.763   1.00 9.66  ? 43  ALA A N     1 
ATOM   352  C  CA    . ALA A 1 43  ? 2.354   -3.308  3.621   1.00 9.22  ? 43  ALA A CA    1 
ATOM   353  C  C     . ALA A 1 43  ? 1.137   -2.513  4.096   1.00 9.94  ? 43  ALA A C     1 
ATOM   354  O  O     . ALA A 1 43  ? 0.020   -3.016  4.050   1.00 10.78 ? 43  ALA A O     1 
ATOM   355  C  CB    . ALA A 1 43  ? 2.657   -2.965  2.151   1.00 9.17  ? 43  ALA A CB    1 
ATOM   356  N  N     . SER A 1 44  ? 1.363   -1.282  4.566   1.00 10.12 ? 44  SER A N     1 
ATOM   357  C  CA    . SER A 1 44  ? 0.278   -0.407  5.011   1.00 8.93  ? 44  SER A CA    1 
ATOM   358  C  C     . SER A 1 44  ? 0.234   0.813   4.099   1.00 9.01  ? 44  SER A C     1 
ATOM   359  O  O     . SER A 1 44  ? 1.283   1.305   3.664   1.00 9.05  ? 44  SER A O     1 
ATOM   360  C  CB    . SER A 1 44  ? 0.504   0.055   6.455   1.00 10.02 ? 44  SER A CB    1 
ATOM   361  O  OG    . SER A 1 44  ? 0.378   -1.066  7.301   1.00 11.00 ? 44  SER A OG    1 
ATOM   362  N  N     . PHE A 1 45  ? -0.977  1.274   3.802   1.00 8.64  ? 45  PHE A N     1 
ATOM   363  C  CA    . PHE A 1 45  ? -1.231  2.421   2.931   1.00 8.54  ? 45  PHE A CA    1 
ATOM   364  C  C     . PHE A 1 45  ? -2.055  3.379   3.780   1.00 9.20  ? 45  PHE A C     1 
ATOM   365  O  O     . PHE A 1 45  ? -3.023  2.961   4.410   1.00 11.05 ? 45  PHE A O     1 
ATOM   366  C  CB    . PHE A 1 45  ? -2.040  1.957   1.705   1.00 9.24  ? 45  PHE A CB    1 
ATOM   367  C  CG    . PHE A 1 45  ? -1.186  1.325   0.650   1.00 9.57  ? 45  PHE A CG    1 
ATOM   368  C  CD1   . PHE A 1 45  ? -0.608  0.066   0.846   1.00 9.61  ? 45  PHE A CD1   1 
ATOM   369  C  CD2   . PHE A 1 45  ? -0.884  2.030   -0.511  1.00 9.72  ? 45  PHE A CD2   1 
ATOM   370  C  CE1   . PHE A 1 45  ? 0.277   -0.466  -0.112  1.00 9.68  ? 45  PHE A CE1   1 
ATOM   371  C  CE2   . PHE A 1 45  ? -0.009  1.504   -1.463  1.00 10.04 ? 45  PHE A CE2   1 
ATOM   372  C  CZ    . PHE A 1 45  ? 0.571   0.254   -1.253  1.00 10.29 ? 45  PHE A CZ    1 
ATOM   373  N  N     . VAL A 1 46  ? -1.689  4.651   3.804   1.00 9.26  ? 46  VAL A N     1 
ATOM   374  C  CA    . VAL A 1 46  ? -2.434  5.579   4.649   1.00 9.49  ? 46  VAL A CA    1 
ATOM   375  C  C     . VAL A 1 46  ? -2.802  6.890   3.985   1.00 9.14  ? 46  VAL A C     1 
ATOM   376  O  O     . VAL A 1 46  ? -1.938  7.599   3.463   1.00 9.80  ? 46  VAL A O     1 
ATOM   377  C  CB    . VAL A 1 46  ? -1.629  5.828   5.978   1.00 10.20 ? 46  VAL A CB    1 
ATOM   378  C  CG1   . VAL A 1 46  ? -0.188  6.298   5.687   1.00 11.06 ? 46  VAL A CG1   1 
ATOM   379  C  CG2   . VAL A 1 46  ? -2.365  6.845   6.861   1.00 11.53 ? 46  VAL A CG2   1 
ATOM   380  N  N     . LEU A 1 47  ? -4.099  7.192   3.964   1.00 8.84  ? 47  LEU A N     1 
ATOM   381  C  CA    . LEU A 1 47  ? -4.589  8.446   3.382   1.00 9.25  ? 47  LEU A CA    1 
ATOM   382  C  C     . LEU A 1 47  ? -4.556  9.447   4.543   1.00 9.65  ? 47  LEU A C     1 
ATOM   383  O  O     . LEU A 1 47  ? -5.357  9.332   5.466   1.00 10.11 ? 47  LEU A O     1 
ATOM   384  C  CB    . LEU A 1 47  ? -6.035  8.284   2.890   1.00 9.66  ? 47  LEU A CB    1 
ATOM   385  C  CG    . LEU A 1 47  ? -6.721  9.599   2.478   1.00 9.77  ? 47  LEU A CG    1 
ATOM   386  C  CD1   . LEU A 1 47  ? -5.970  10.264  1.298   1.00 10.16 ? 47  LEU A CD1   1 
ATOM   387  C  CD2   . LEU A 1 47  ? -8.178  9.313   2.099   1.00 9.73  ? 47  LEU A CD2   1 
ATOM   388  N  N     . PRO A 1 48  ? -3.631  10.418  4.516   1.00 10.05 ? 48  PRO A N     1 
ATOM   389  C  CA    . PRO A 1 48  ? -3.528  11.406  5.604   1.00 10.06 ? 48  PRO A CA    1 
ATOM   390  C  C     . PRO A 1 48  ? -4.343  12.651  5.291   1.00 10.79 ? 48  PRO A C     1 
ATOM   391  O  O     . PRO A 1 48  ? -4.008  13.387  4.372   1.00 10.80 ? 48  PRO A O     1 
ATOM   392  C  CB    . PRO A 1 48  ? -2.015  11.717  5.655   1.00 9.27  ? 48  PRO A CB    1 
ATOM   393  C  CG    . PRO A 1 48  ? -1.384  10.877  4.456   1.00 9.59  ? 48  PRO A CG    1 
ATOM   394  C  CD    . PRO A 1 48  ? -2.547  10.620  3.550   1.00 9.45  ? 48  PRO A CD    1 
ATOM   395  N  N     . VAL A 1 49  ? -5.391  12.901  6.074   1.00 11.31 ? 49  VAL A N     1 
ATOM   396  C  CA    . VAL A 1 49  ? -6.235  14.057  5.841   1.00 11.69 ? 49  VAL A CA    1 
ATOM   397  C  C     . VAL A 1 49  ? -6.042  15.080  6.951   1.00 12.76 ? 49  VAL A C     1 
ATOM   398  O  O     . VAL A 1 49  ? -5.967  14.726  8.121   1.00 12.61 ? 49  VAL A O     1 
ATOM   399  C  CB    . VAL A 1 49  ? -7.719  13.635  5.750   1.00 12.13 ? 49  VAL A CB    1 
ATOM   400  C  CG1   . VAL A 1 49  ? -8.619  14.865  5.562   1.00 13.93 ? 49  VAL A CG1   1 
ATOM   401  C  CG2   . VAL A 1 49  ? -7.900  12.652  4.563   1.00 12.15 ? 49  VAL A CG2   1 
ATOM   402  N  N     . THR A 1 50  ? -5.948  16.349  6.559   1.00 13.54 ? 50  THR A N     1 
ATOM   403  C  CA    . THR A 1 50  ? -5.733  17.437  7.513   1.00 14.92 ? 50  THR A CA    1 
ATOM   404  C  C     . THR A 1 50  ? -7.068  17.943  8.019   1.00 15.99 ? 50  THR A C     1 
ATOM   405  O  O     . THR A 1 50  ? -8.122  17.536  7.551   1.00 15.55 ? 50  THR A O     1 
ATOM   406  C  CB    . THR A 1 50  ? -4.982  18.613  6.858   1.00 13.71 ? 50  THR A CB    1 
ATOM   407  O  OG1   . THR A 1 50  ? -5.845  19.255  5.906   1.00 13.97 ? 50  THR A OG1   1 
ATOM   408  C  CG2   . THR A 1 50  ? -3.729  18.107  6.156   1.00 13.41 ? 50  THR A CG2   1 
ATOM   409  N  N     . GLU A 1 51  ? -7.016  18.839  8.998   1.00 18.58 ? 51  GLU A N     1 
ATOM   410  C  CA    . GLU A 1 51  ? -8.241  19.373  9.548   1.00 20.52 ? 51  GLU A CA    1 
ATOM   411  C  C     . GLU A 1 51  ? -8.882  20.347  8.579   1.00 21.69 ? 51  GLU A C     1 
ATOM   412  O  O     . GLU A 1 51  ? -10.036 20.742  8.754   1.00 22.36 ? 51  GLU A O     1 
ATOM   413  C  CB    . GLU A 1 51  ? -7.955  20.025  10.912  1.00 22.11 ? 51  GLU A CB    1 
ATOM   414  C  CG    . GLU A 1 51  ? -7.833  18.969  12.004  1.00 24.06 ? 51  GLU A CG    1 
ATOM   415  C  CD    . GLU A 1 51  ? -7.710  19.550  13.399  1.00 26.47 ? 51  GLU A CD    1 
ATOM   416  O  OE1   . GLU A 1 51  ? -6.607  20.015  13.768  1.00 27.16 ? 51  GLU A OE1   1 
ATOM   417  O  OE2   . GLU A 1 51  ? -8.727  19.533  14.121  1.00 26.83 ? 51  GLU A OE2   1 
ATOM   418  N  N     . ARG A 1 52  ? -8.134  20.709  7.541   1.00 21.80 ? 52  ARG A N     1 
ATOM   419  C  CA    . ARG A 1 52  ? -8.612  21.618  6.520   1.00 23.15 ? 52  ARG A CA    1 
ATOM   420  C  C     . ARG A 1 52  ? -9.208  20.867  5.335   1.00 22.90 ? 52  ARG A C     1 
ATOM   421  O  O     . ARG A 1 52  ? -9.453  21.460  4.286   1.00 24.41 ? 52  ARG A O     1 
ATOM   422  C  CB    . ARG A 1 52  ? -7.474  22.499  6.035   1.00 24.22 ? 52  ARG A CB    1 
ATOM   423  C  CG    . ARG A 1 52  ? -7.065  23.563  7.032   1.00 27.99 ? 52  ARG A CG    1 
ATOM   424  C  CD    . ARG A 1 52  ? -5.561  23.698  7.094   1.00 30.30 ? 52  ARG A CD    1 
ATOM   425  N  NE    . ARG A 1 52  ? -4.988  23.831  5.765   1.00 33.55 ? 52  ARG A NE    1 
ATOM   426  C  CZ    . ARG A 1 52  ? -3.985  23.092  5.314   1.00 33.95 ? 52  ARG A CZ    1 
ATOM   427  N  NH1   . ARG A 1 52  ? -3.437  22.163  6.092   1.00 34.55 ? 52  ARG A NH1   1 
ATOM   428  N  NH2   . ARG A 1 52  ? -3.537  23.280  4.083   1.00 35.53 ? 52  ARG A NH2   1 
ATOM   429  N  N     . GLY A 1 53  ? -9.449  19.572  5.499   1.00 22.22 ? 53  GLY A N     1 
ATOM   430  C  CA    . GLY A 1 53  ? -10.027 18.817  4.404   1.00 19.99 ? 53  GLY A CA    1 
ATOM   431  C  C     . GLY A 1 53  ? -9.105  18.687  3.198   1.00 19.21 ? 53  GLY A C     1 
ATOM   432  O  O     . GLY A 1 53  ? -9.574  18.715  2.061   1.00 20.01 ? 53  GLY A O     1 
ATOM   433  N  N     . THR A 1 54  ? -7.797  18.615  3.431   1.00 16.95 ? 54  THR A N     1 
ATOM   434  C  CA    . THR A 1 54  ? -6.849  18.402  2.327   1.00 15.54 ? 54  THR A CA    1 
ATOM   435  C  C     . THR A 1 54  ? -6.180  17.058  2.607   1.00 14.39 ? 54  THR A C     1 
ATOM   436  O  O     . THR A 1 54  ? -6.285  16.529  3.708   1.00 13.55 ? 54  THR A O     1 
ATOM   437  C  CB    . THR A 1 54  ? -5.712  19.453  2.256   1.00 16.68 ? 54  THR A CB    1 
ATOM   438  O  OG1   . THR A 1 54  ? -4.936  19.405  3.461   1.00 16.29 ? 54  THR A OG1   1 
ATOM   439  C  CG2   . THR A 1 54  ? -6.277  20.856  2.027   1.00 17.80 ? 54  THR A CG2   1 
ATOM   440  N  N     . ALA A 1 55  ? -5.506  16.503  1.605   1.00 12.26 ? 55  ALA A N     1 
ATOM   441  C  CA    . ALA A 1 55  ? -4.801  15.243  1.793   1.00 11.72 ? 55  ALA A CA    1 
ATOM   442  C  C     . ALA A 1 55  ? -3.333  15.436  1.508   1.00 11.01 ? 55  ALA A C     1 
ATOM   443  O  O     . ALA A 1 55  ? -2.969  16.183  0.587   1.00 11.88 ? 55  ALA A O     1 
ATOM   444  C  CB    . ALA A 1 55  ? -5.364  14.172  0.853   1.00 10.25 ? 55  ALA A CB    1 
ATOM   445  N  N     . LEU A 1 56  ? -2.495  14.750  2.274   1.00 10.95 ? 56  LEU A N     1 
ATOM   446  C  CA    . LEU A 1 56  ? -1.048  14.797  2.081   1.00 11.22 ? 56  LEU A CA    1 
ATOM   447  C  C     . LEU A 1 56  ? -0.677  13.549  1.273   1.00 11.15 ? 56  LEU A C     1 
ATOM   448  O  O     . LEU A 1 56  ? -0.704  12.425  1.789   1.00 10.65 ? 56  LEU A O     1 
ATOM   449  C  CB    . LEU A 1 56  ? -0.322  14.768  3.426   1.00 12.85 ? 56  LEU A CB    1 
ATOM   450  C  CG    . LEU A 1 56  ? -0.778  15.841  4.424   1.00 14.78 ? 56  LEU A CG    1 
ATOM   451  C  CD1   . LEU A 1 56  ? 0.125   15.767  5.653   1.00 14.87 ? 56  LEU A CD1   1 
ATOM   452  C  CD2   . LEU A 1 56  ? -0.737  17.225  3.791   1.00 16.05 ? 56  LEU A CD2   1 
ATOM   453  N  N     . LEU A 1 57  ? -0.340  13.761  0.010   1.00 9.61  ? 57  LEU A N     1 
ATOM   454  C  CA    . LEU A 1 57  ? -0.018  12.654  -0.870  1.00 10.29 ? 57  LEU A CA    1 
ATOM   455  C  C     . LEU A 1 57  ? 1.431   12.706  -1.323  1.00 9.55  ? 57  LEU A C     1 
ATOM   456  O  O     . LEU A 1 57  ? 2.181   13.624  -0.964  1.00 9.16  ? 57  LEU A O     1 
ATOM   457  C  CB    . LEU A 1 57  ? -0.942  12.692  -2.094  1.00 10.59 ? 57  LEU A CB    1 
ATOM   458  C  CG    . LEU A 1 57  ? -2.447  12.675  -1.793  1.00 11.59 ? 57  LEU A CG    1 
ATOM   459  C  CD1   . LEU A 1 57  ? -3.228  12.776  -3.095  1.00 12.36 ? 57  LEU A CD1   1 
ATOM   460  C  CD2   . LEU A 1 57  ? -2.808  11.396  -1.042  1.00 12.24 ? 57  LEU A CD2   1 
ATOM   461  N  N     . VAL A 1 58  ? 1.831   11.704  -2.104  1.00 9.97  ? 58  VAL A N     1 
ATOM   462  C  CA    . VAL A 1 58  ? 3.183   11.692  -2.635  1.00 10.11 ? 58  VAL A CA    1 
ATOM   463  C  C     . VAL A 1 58  ? 3.128   11.479  -4.142  1.00 10.86 ? 58  VAL A C     1 
ATOM   464  O  O     . VAL A 1 58  ? 2.186   10.879  -4.665  1.00 11.12 ? 58  VAL A O     1 
ATOM   465  C  CB    . VAL A 1 58  ? 4.077   10.571  -1.992  1.00 10.40 ? 58  VAL A CB    1 
ATOM   466  C  CG1   . VAL A 1 58  ? 4.275   10.844  -0.498  1.00 11.34 ? 58  VAL A CG1   1 
ATOM   467  C  CG2   . VAL A 1 58  ? 3.477   9.217   -2.233  1.00 11.55 ? 58  VAL A CG2   1 
ATOM   468  N  N     . ARG A 1 59  ? 4.111   12.032  -4.842  1.00 10.34 ? 59  ARG A N     1 
ATOM   469  C  CA    . ARG A 1 59  ? 4.241   11.837  -6.293  1.00 10.32 ? 59  ARG A CA    1 
ATOM   470  C  C     . ARG A 1 59  ? 5.541   11.047  -6.282  1.00 9.24  ? 59  ARG A C     1 
ATOM   471  O  O     . ARG A 1 59  ? 6.623   11.592  -6.005  1.00 9.40  ? 59  ARG A O     1 
ATOM   472  C  CB    . ARG A 1 59  ? 4.379   13.186  -6.998  1.00 13.03 ? 59  ARG A CB    1 
ATOM   473  C  CG    . ARG A 1 59  ? 4.765   13.099  -8.471  1.00 18.32 ? 59  ARG A CG    1 
ATOM   474  C  CD    . ARG A 1 59  ? 3.691   12.451  -9.313  1.00 21.11 ? 59  ARG A CD    1 
ATOM   475  N  NE    . ARG A 1 59  ? 2.501   13.284  -9.428  1.00 23.88 ? 59  ARG A NE    1 
ATOM   476  C  CZ    . ARG A 1 59  ? 1.468   12.988  -10.213 1.00 25.19 ? 59  ARG A CZ    1 
ATOM   477  N  NH1   . ARG A 1 59  ? 0.426   13.801  -10.255 1.00 26.03 ? 59  ARG A NH1   1 
ATOM   478  N  NH2   . ARG A 1 59  ? 1.487   11.882  -10.964 1.00 25.07 ? 59  ARG A NH2   1 
ATOM   479  N  N     . GLN A 1 60  ? 5.436   9.760   -6.587  1.00 8.64  ? 60  GLN A N     1 
ATOM   480  C  CA    . GLN A 1 60  ? 6.574   8.869   -6.443  1.00 8.20  ? 60  GLN A CA    1 
ATOM   481  C  C     . GLN A 1 60  ? 6.983   8.118   -7.695  1.00 8.27  ? 60  GLN A C     1 
ATOM   482  O  O     . GLN A 1 60  ? 6.124   7.582   -8.413  1.00 9.01  ? 60  GLN A O     1 
ATOM   483  C  CB    . GLN A 1 60  ? 6.231   7.858   -5.341  1.00 9.76  ? 60  GLN A CB    1 
ATOM   484  C  CG    . GLN A 1 60  ? 7.313   6.845   -5.132  1.00 9.47  ? 60  GLN A CG    1 
ATOM   485  C  CD    . GLN A 1 60  ? 7.124   6.031   -3.868  1.00 8.58  ? 60  GLN A CD    1 
ATOM   486  O  OE1   . GLN A 1 60  ? 5.997   5.873   -3.363  1.00 12.23 ? 60  GLN A OE1   1 
ATOM   487  N  NE2   . GLN A 1 60  ? 8.206   5.493   -3.371  1.00 7.28  ? 60  GLN A NE2   1 
ATOM   488  N  N     . TYR A 1 61  ? 8.286   8.067   -7.955  1.00 8.63  ? 61  TYR A N     1 
ATOM   489  C  CA    . TYR A 1 61  ? 8.778   7.328   -9.117  1.00 8.36  ? 61  TYR A CA    1 
ATOM   490  C  C     . TYR A 1 61  ? 8.608   5.820   -8.849  1.00 8.39  ? 61  TYR A C     1 
ATOM   491  O  O     . TYR A 1 61  ? 9.074   5.306   -7.815  1.00 9.37  ? 61  TYR A O     1 
ATOM   492  C  CB    . TYR A 1 61  ? 10.267  7.636   -9.351  1.00 8.73  ? 61  TYR A CB    1 
ATOM   493  C  CG    . TYR A 1 61  ? 10.838  6.905   -10.546 1.00 8.78  ? 61  TYR A CG    1 
ATOM   494  C  CD1   . TYR A 1 61  ? 10.321  7.122   -11.829 1.00 9.80  ? 61  TYR A CD1   1 
ATOM   495  C  CD2   . TYR A 1 61  ? 11.847  5.955   -10.381 1.00 9.84  ? 61  TYR A CD2   1 
ATOM   496  C  CE1   . TYR A 1 61  ? 10.807  6.391   -12.920 1.00 10.46 ? 61  TYR A CE1   1 
ATOM   497  C  CE2   . TYR A 1 61  ? 12.335  5.220   -11.464 1.00 10.05 ? 61  TYR A CE2   1 
ATOM   498  C  CZ    . TYR A 1 61  ? 11.808  5.446   -12.721 1.00 10.82 ? 61  TYR A CZ    1 
ATOM   499  O  OH    . TYR A 1 61  ? 12.286  4.707   -13.782 1.00 12.86 ? 61  TYR A OH    1 
ATOM   500  N  N     . ARG A 1 62  ? 7.950   5.121   -9.775  1.00 8.56  ? 62  ARG A N     1 
ATOM   501  C  CA    . ARG A 1 62  ? 7.758   3.664   -9.644  1.00 8.65  ? 62  ARG A CA    1 
ATOM   502  C  C     . ARG A 1 62  ? 8.449   3.048   -10.857 1.00 9.80  ? 62  ARG A C     1 
ATOM   503  O  O     . ARG A 1 62  ? 7.897   2.965   -11.949 1.00 9.89  ? 62  ARG A O     1 
ATOM   504  C  CB    . ARG A 1 62  ? 6.271   3.342   -9.605  1.00 9.68  ? 62  ARG A CB    1 
ATOM   505  C  CG    . ARG A 1 62  ? 5.605   3.835   -8.319  1.00 9.46  ? 62  ARG A CG    1 
ATOM   506  C  CD    . ARG A 1 62  ? 6.244   3.207   -7.113  1.00 9.99  ? 62  ARG A CD    1 
ATOM   507  N  NE    . ARG A 1 62  ? 5.416   3.364   -5.930  1.00 10.26 ? 62  ARG A NE    1 
ATOM   508  C  CZ    . ARG A 1 62  ? 5.715   2.817   -4.764  1.00 12.18 ? 62  ARG A CZ    1 
ATOM   509  N  NH1   . ARG A 1 62  ? 6.850   2.095   -4.641  1.00 12.27 ? 62  ARG A NH1   1 
ATOM   510  N  NH2   . ARG A 1 62  ? 4.860   2.946   -3.751  1.00 12.90 ? 62  ARG A NH2   1 
ATOM   511  N  N     . HIS A 1 63  ? 9.688   2.635   -10.638 1.00 9.30  ? 63  HIS A N     1 
ATOM   512  C  CA    . HIS A 1 63  ? 10.523  2.155   -11.731 1.00 9.32  ? 63  HIS A CA    1 
ATOM   513  C  C     . HIS A 1 63  ? 9.954   1.141   -12.720 1.00 9.75  ? 63  HIS A C     1 
ATOM   514  O  O     . HIS A 1 63  ? 10.140  1.294   -13.935 1.00 10.43 ? 63  HIS A O     1 
ATOM   515  C  CB    . HIS A 1 63  ? 11.849  1.668   -11.168 1.00 9.85  ? 63  HIS A CB    1 
ATOM   516  C  CG    . HIS A 1 63  ? 12.884  1.437   -12.221 1.00 10.48 ? 63  HIS A CG    1 
ATOM   517  N  ND1   . HIS A 1 63  ? 13.431  0.194   -12.474 1.00 11.51 ? 63  HIS A ND1   1 
ATOM   518  C  CD2   . HIS A 1 63  ? 13.421  2.283   -13.125 1.00 9.66  ? 63  HIS A CD2   1 
ATOM   519  C  CE1   . HIS A 1 63  ? 14.261  0.294   -13.502 1.00 9.24  ? 63  HIS A CE1   1 
ATOM   520  N  NE2   . HIS A 1 63  ? 14.269  1.549   -13.914 1.00 12.66 ? 63  HIS A NE2   1 
ATOM   521  N  N     . PRO A 1 64  ? 9.251   0.099   -12.234 1.00 9.28  ? 64  PRO A N     1 
ATOM   522  C  CA    . PRO A 1 64  ? 8.694   -0.890  -13.175 1.00 9.70  ? 64  PRO A CA    1 
ATOM   523  C  C     . PRO A 1 64  ? 7.765   -0.269  -14.218 1.00 10.05 ? 64  PRO A C     1 
ATOM   524  O  O     . PRO A 1 64  ? 7.640   -0.794  -15.338 1.00 11.92 ? 64  PRO A O     1 
ATOM   525  C  CB    . PRO A 1 64  ? 7.950   -1.870  -12.274 1.00 9.05  ? 64  PRO A CB    1 
ATOM   526  C  CG    . PRO A 1 64  ? 8.679   -1.780  -10.959 1.00 9.65  ? 64  PRO A CG    1 
ATOM   527  C  CD    . PRO A 1 64  ? 9.000   -0.284  -10.831 1.00 8.40  ? 64  PRO A CD    1 
ATOM   528  N  N     . THR A 1 65  ? 7.118   0.843   -13.864 1.00 9.63  ? 65  THR A N     1 
ATOM   529  C  CA    . THR A 1 65  ? 6.193   1.535   -14.775 1.00 10.15 ? 65  THR A CA    1 
ATOM   530  C  C     . THR A 1 65  ? 6.843   2.687   -15.532 1.00 11.31 ? 65  THR A C     1 
ATOM   531  O  O     . THR A 1 65  ? 6.284   3.190   -16.526 1.00 12.32 ? 65  THR A O     1 
ATOM   532  C  CB    . THR A 1 65  ? 4.984   2.143   -14.011 1.00 9.52  ? 65  THR A CB    1 
ATOM   533  O  OG1   . THR A 1 65  ? 5.418   3.306   -13.289 1.00 9.63  ? 65  THR A OG1   1 
ATOM   534  C  CG2   . THR A 1 65  ? 4.385   1.135   -13.037 1.00 11.01 ? 65  THR A CG2   1 
ATOM   535  N  N     . GLY A 1 66  ? 8.010   3.119   -15.051 1.00 11.34 ? 66  GLY A N     1 
ATOM   536  C  CA    . GLY A 1 66  ? 8.711   4.244   -15.658 1.00 12.43 ? 66  GLY A CA    1 
ATOM   537  C  C     . GLY A 1 66  ? 8.049   5.594   -15.392 1.00 12.88 ? 66  GLY A C     1 
ATOM   538  O  O     . GLY A 1 66  ? 8.511   6.625   -15.904 1.00 14.18 ? 66  GLY A O     1 
ATOM   539  N  N     . LYS A 1 67  ? 6.990   5.599   -14.576 1.00 12.65 ? 67  LYS A N     1 
ATOM   540  C  CA    . LYS A 1 67  ? 6.209   6.809   -14.271 1.00 12.46 ? 67  LYS A CA    1 
ATOM   541  C  C     . LYS A 1 67  ? 6.291   7.292   -12.831 1.00 11.63 ? 67  LYS A C     1 
ATOM   542  O  O     . LYS A 1 67  ? 6.649   6.533   -11.939 1.00 10.88 ? 67  LYS A O     1 
ATOM   543  C  CB    . LYS A 1 67  ? 4.715   6.537   -14.484 1.00 15.05 ? 67  LYS A CB    1 
ATOM   544  C  CG    . LYS A 1 67  ? 4.298   5.912   -15.792 1.00 17.60 ? 67  LYS A CG    1 
ATOM   545  C  CD    . LYS A 1 67  ? 2.819   5.415   -15.650 1.00 18.88 ? 67  LYS A CD    1 
ATOM   546  C  CE    . LYS A 1 67  ? 2.344   4.597   -16.842 1.00 19.51 ? 67  LYS A CE    1 
ATOM   547  N  NZ    . LYS A 1 67  ? 0.959   4.063   -16.695 1.00 19.08 ? 67  LYS A NZ    1 
ATOM   548  N  N     . PHE A 1 68  ? 5.926   8.558   -12.621 1.00 11.29 ? 68  PHE A N     1 
ATOM   549  C  CA    . PHE A 1 68  ? 5.796   9.105   -11.263 1.00 11.82 ? 68  PHE A CA    1 
ATOM   550  C  C     . PHE A 1 68  ? 4.291   8.990   -11.026 1.00 12.08 ? 68  PHE A C     1 
ATOM   551  O  O     . PHE A 1 68  ? 3.490   9.490   -11.826 1.00 14.28 ? 68  PHE A O     1 
ATOM   552  C  CB    . PHE A 1 68  ? 6.184   10.582  -11.198 1.00 11.41 ? 68  PHE A CB    1 
ATOM   553  C  CG    . PHE A 1 68  ? 7.658   10.811  -11.120 1.00 12.77 ? 68  PHE A CG    1 
ATOM   554  C  CD1   . PHE A 1 68  ? 8.443   10.784  -12.265 1.00 13.77 ? 68  PHE A CD1   1 
ATOM   555  C  CD2   . PHE A 1 68  ? 8.264   11.030  -9.895  1.00 13.49 ? 68  PHE A CD2   1 
ATOM   556  C  CE1   . PHE A 1 68  ? 9.848   10.984  -12.189 1.00 14.09 ? 68  PHE A CE1   1 
ATOM   557  C  CE2   . PHE A 1 68  ? 9.650   11.227  -9.806  1.00 13.69 ? 68  PHE A CE2   1 
ATOM   558  C  CZ    . PHE A 1 68  ? 10.437  11.204  -10.949 1.00 14.06 ? 68  PHE A CZ    1 
ATOM   559  N  N     . LEU A 1 69  ? 3.896   8.330   -9.946  1.00 10.92 ? 69  LEU A N     1 
ATOM   560  C  CA    . LEU A 1 69  ? 2.475   8.166   -9.649  1.00 11.04 ? 69  LEU A CA    1 
ATOM   561  C  C     . LEU A 1 69  ? 2.026   8.947   -8.432  1.00 9.62  ? 69  LEU A C     1 
ATOM   562  O  O     . LEU A 1 69  ? 2.804   9.140   -7.497  1.00 10.32 ? 69  LEU A O     1 
ATOM   563  C  CB    . LEU A 1 69  ? 2.162   6.685   -9.410  1.00 10.40 ? 69  LEU A CB    1 
ATOM   564  C  CG    . LEU A 1 69  ? 2.465   5.690   -10.538 1.00 10.28 ? 69  LEU A CG    1 
ATOM   565  C  CD1   . LEU A 1 69  ? 2.011   4.286   -10.133 1.00 11.46 ? 69  LEU A CD1   1 
ATOM   566  C  CD2   . LEU A 1 69  ? 1.709   6.129   -11.779 1.00 13.02 ? 69  LEU A CD2   1 
ATOM   567  N  N     . LEU A 1 70  ? 0.772   9.400   -8.454  1.00 9.38  ? 70  LEU A N     1 
ATOM   568  C  CA    . LEU A 1 70  ? 0.184   10.101  -7.293  1.00 9.18  ? 70  LEU A CA    1 
ATOM   569  C  C     . LEU A 1 70  ? -0.327  8.984   -6.386  1.00 9.70  ? 70  LEU A C     1 
ATOM   570  O  O     . LEU A 1 70  ? -1.183  8.183   -6.786  1.00 9.61  ? 70  LEU A O     1 
ATOM   571  C  CB    . LEU A 1 70  ? -0.985  11.003  -7.732  1.00 10.22 ? 70  LEU A CB    1 
ATOM   572  C  CG    . LEU A 1 70  ? -1.649  11.871  -6.651  1.00 11.46 ? 70  LEU A CG    1 
ATOM   573  C  CD1   . LEU A 1 70  ? -0.646  12.889  -6.094  1.00 11.99 ? 70  LEU A CD1   1 
ATOM   574  C  CD2   . LEU A 1 70  ? -2.864  12.602  -7.280  1.00 11.62 ? 70  LEU A CD2   1 
ATOM   575  N  N     . GLU A 1 71  ? 0.204   8.930   -5.164  1.00 8.94  ? 71  GLU A N     1 
ATOM   576  C  CA    . GLU A 1 71  ? -0.146  7.858   -4.228  1.00 8.67  ? 71  GLU A CA    1 
ATOM   577  C  C     . GLU A 1 71  ? -0.329  8.342   -2.796  1.00 8.86  ? 71  GLU A C     1 
ATOM   578  O  O     . GLU A 1 71  ? 0.075   9.439   -2.446  1.00 8.24  ? 71  GLU A O     1 
ATOM   579  C  CB    . GLU A 1 71  ? 0.999   6.833   -4.166  1.00 10.64 ? 71  GLU A CB    1 
ATOM   580  C  CG    . GLU A 1 71  ? 1.380   6.208   -5.498  1.00 11.33 ? 71  GLU A CG    1 
ATOM   581  C  CD    . GLU A 1 71  ? 2.622   5.340   -5.404  1.00 14.76 ? 71  GLU A CD    1 
ATOM   582  O  OE1   . GLU A 1 71  ? 2.863   4.556   -6.342  1.00 16.74 ? 71  GLU A OE1   1 
ATOM   583  O  OE2   . GLU A 1 71  ? 3.375   5.454   -4.419  1.00 16.14 ? 71  GLU A OE2   1 
ATOM   584  N  N     . VAL A 1 72  ? -0.981  7.527   -1.978  1.00 8.87  ? 72  VAL A N     1 
ATOM   585  C  CA    . VAL A 1 72  ? -1.003  7.837   -0.550  1.00 9.00  ? 72  VAL A CA    1 
ATOM   586  C  C     . VAL A 1 72  ? 0.337   7.247   -0.042  1.00 9.39  ? 72  VAL A C     1 
ATOM   587  O  O     . VAL A 1 72  ? 0.899   6.341   -0.653  1.00 9.78  ? 72  VAL A O     1 
ATOM   588  C  CB    . VAL A 1 72  ? -2.179  7.129   0.213   1.00 8.76  ? 72  VAL A CB    1 
ATOM   589  C  CG1   . VAL A 1 72  ? -3.516  7.732   -0.219  1.00 9.53  ? 72  VAL A CG1   1 
ATOM   590  C  CG2   . VAL A 1 72  ? -2.180  5.613   -0.051  1.00 9.85  ? 72  VAL A CG2   1 
ATOM   591  N  N     . PRO A 1 73  ? 0.890   7.787   1.051   1.00 9.50  ? 73  PRO A N     1 
ATOM   592  C  CA    . PRO A 1 73  ? 2.144   7.272   1.616   1.00 10.07 ? 73  PRO A CA    1 
ATOM   593  C  C     . PRO A 1 73  ? 1.902   5.805   1.982   1.00 10.08 ? 73  PRO A C     1 
ATOM   594  O  O     . PRO A 1 73  ? 0.792   5.433   2.394   1.00 10.53 ? 73  PRO A O     1 
ATOM   595  C  CB    . PRO A 1 73  ? 2.365   8.122   2.870   1.00 11.24 ? 73  PRO A CB    1 
ATOM   596  C  CG    . PRO A 1 73  ? 1.613   9.353   2.628   1.00 12.55 ? 73  PRO A CG    1 
ATOM   597  C  CD    . PRO A 1 73  ? 0.399   8.972   1.780   1.00 9.92  ? 73  PRO A CD    1 
ATOM   598  N  N     . ALA A 1 74  ? 2.943   4.986   1.869   1.00 9.42  ? 74  ALA A N     1 
ATOM   599  C  CA    . ALA A 1 74  ? 2.799   3.549   2.125   1.00 8.60  ? 74  ALA A CA    1 
ATOM   600  C  C     . ALA A 1 74  ? 4.144   2.860   2.228   1.00 8.86  ? 74  ALA A C     1 
ATOM   601  O  O     . ALA A 1 74  ? 5.158   3.330   1.700   1.00 9.58  ? 74  ALA A O     1 
ATOM   602  C  CB    . ALA A 1 74  ? 1.998   2.900   0.953   1.00 9.58  ? 74  ALA A CB    1 
ATOM   603  N  N     . GLY A 1 75  ? 4.141   1.715   2.887   1.00 9.15  ? 75  GLY A N     1 
ATOM   604  C  CA    . GLY A 1 75  ? 5.378   0.969   2.981   1.00 10.19 ? 75  GLY A CA    1 
ATOM   605  C  C     . GLY A 1 75  ? 5.195   -0.379  3.608   1.00 10.89 ? 75  GLY A C     1 
ATOM   606  O  O     . GLY A 1 75  ? 4.142   -0.693  4.162   1.00 11.44 ? 75  GLY A O     1 
ATOM   607  N  N     . LYS A 1 76  ? 6.255   -1.164  3.531   1.00 12.22 ? 76  LYS A N     1 
ATOM   608  C  CA    . LYS A 1 76  ? 6.241   -2.521  4.043   1.00 13.52 ? 76  LYS A CA    1 
ATOM   609  C  C     . LYS A 1 76  ? 6.119   -2.552  5.554   1.00 13.70 ? 76  LYS A C     1 
ATOM   610  O  O     . LYS A 1 76  ? 6.683   -1.711  6.224   1.00 14.66 ? 76  LYS A O     1 
ATOM   611  C  CB    . LYS A 1 76  ? 7.537   -3.233  3.623   1.00 14.93 ? 76  LYS A CB    1 
ATOM   612  C  CG    . LYS A 1 76  ? 7.520   -4.736  3.894   1.00 19.15 ? 76  LYS A CG    1 
ATOM   613  C  CD    . LYS A 1 76  ? 8.806   -5.439  3.460   1.00 21.96 ? 76  LYS A CD    1 
ATOM   614  C  CE    . LYS A 1 76  ? 8.841   -6.871  4.031   1.00 24.49 ? 76  LYS A CE    1 
ATOM   615  N  NZ    . LYS A 1 76  ? 8.862   -6.886  5.544   1.00 26.33 ? 76  LYS A NZ    1 
ATOM   616  N  N     . VAL A 1 77  ? 5.384   -3.527  6.072   1.00 13.20 ? 77  VAL A N     1 
ATOM   617  C  CA    . VAL A 1 77  ? 5.261   -3.713  7.507   1.00 13.17 ? 77  VAL A CA    1 
ATOM   618  C  C     . VAL A 1 77  ? 6.519   -4.507  7.903   1.00 15.20 ? 77  VAL A C     1 
ATOM   619  O  O     . VAL A 1 77  ? 6.758   -5.599  7.388   1.00 15.99 ? 77  VAL A O     1 
ATOM   620  C  CB    . VAL A 1 77  ? 3.996   -4.533  7.863   1.00 12.46 ? 77  VAL A CB    1 
ATOM   621  C  CG1   . VAL A 1 77  ? 3.951   -4.765  9.382   1.00 11.27 ? 77  VAL A CG1   1 
ATOM   622  C  CG2   . VAL A 1 77  ? 2.734   -3.787  7.433   1.00 11.14 ? 77  VAL A CG2   1 
ATOM   623  N  N     . ASP A 1 78  ? 7.348   -3.964  8.794   1.00 17.04 ? 78  ASP A N     1 
ATOM   624  C  CA    . ASP A 1 78  ? 8.566   -4.682  9.180   1.00 19.50 ? 78  ASP A CA    1 
ATOM   625  C  C     . ASP A 1 78  ? 8.278   -5.859  10.094  1.00 20.70 ? 78  ASP A C     1 
ATOM   626  O  O     . ASP A 1 78  ? 7.190   -5.972  10.652  1.00 20.31 ? 78  ASP A O     1 
ATOM   627  C  CB    . ASP A 1 78  ? 9.551   -3.749  9.889   1.00 21.55 ? 78  ASP A CB    1 
ATOM   628  C  CG    . ASP A 1 78  ? 10.155  -2.715  8.959   1.00 23.48 ? 78  ASP A CG    1 
ATOM   629  O  OD1   . ASP A 1 78  ? 10.451  -3.054  7.793   1.00 26.03 ? 78  ASP A OD1   1 
ATOM   630  O  OD2   . ASP A 1 78  ? 10.363  -1.567  9.403   1.00 26.44 ? 78  ASP A OD2   1 
ATOM   631  N  N     . GLU A 1 79  ? 9.272   -6.731  10.269  1.00 22.73 ? 79  GLU A N     1 
ATOM   632  C  CA    . GLU A 1 79  ? 9.090   -7.894  11.139  1.00 24.65 ? 79  GLU A CA    1 
ATOM   633  C  C     . GLU A 1 79  ? 8.655   -7.449  12.536  1.00 23.76 ? 79  GLU A C     1 
ATOM   634  O  O     . GLU A 1 79  ? 9.255   -6.557  13.119  1.00 24.74 ? 79  GLU A O     1 
ATOM   635  C  CB    . GLU A 1 79  ? 10.389  -8.707  11.264  1.00 27.41 ? 79  GLU A CB    1 
ATOM   636  C  CG    . GLU A 1 79  ? 10.910  -9.308  9.965   1.00 31.32 ? 79  GLU A CG    1 
ATOM   637  C  CD    . GLU A 1 79  ? 11.601  -10.659 10.174  1.00 33.45 ? 79  GLU A CD    1 
ATOM   638  O  OE1   . GLU A 1 79  ? 12.462  -10.771 11.083  1.00 34.59 ? 79  GLU A OE1   1 
ATOM   639  O  OE2   . GLU A 1 79  ? 11.278  -11.605 9.421   1.00 35.14 ? 79  GLU A OE2   1 
ATOM   640  N  N     . GLY A 1 80  ? 7.606   -8.072  13.057  1.00 22.97 ? 80  GLY A N     1 
ATOM   641  C  CA    . GLY A 1 80  ? 7.123   -7.741  14.388  1.00 21.91 ? 80  GLY A CA    1 
ATOM   642  C  C     . GLY A 1 80  ? 6.439   -6.401  14.568  1.00 21.29 ? 80  GLY A C     1 
ATOM   643  O  O     . GLY A 1 80  ? 6.141   -6.002  15.690  1.00 22.35 ? 80  GLY A O     1 
ATOM   644  N  N     . GLU A 1 81  ? 6.192   -5.688  13.473  1.00 20.07 ? 81  GLU A N     1 
ATOM   645  C  CA    . GLU A 1 81  ? 5.519   -4.392  13.536  1.00 18.54 ? 81  GLU A CA    1 
ATOM   646  C  C     . GLU A 1 81  ? 4.026   -4.581  13.189  1.00 17.27 ? 81  GLU A C     1 
ATOM   647  O  O     . GLU A 1 81  ? 3.680   -5.448  12.380  1.00 17.78 ? 81  GLU A O     1 
ATOM   648  C  CB    . GLU A 1 81  ? 6.181   -3.454  12.523  1.00 18.89 ? 81  GLU A CB    1 
ATOM   649  C  CG    . GLU A 1 81  ? 5.654   -2.047  12.474  1.00 18.91 ? 81  GLU A CG    1 
ATOM   650  C  CD    . GLU A 1 81  ? 6.456   -1.203  11.495  1.00 18.14 ? 81  GLU A CD    1 
ATOM   651  O  OE1   . GLU A 1 81  ? 6.628   -1.650  10.335  1.00 16.55 ? 81  GLU A OE1   1 
ATOM   652  O  OE2   . GLU A 1 81  ? 6.926   -0.107  11.886  1.00 17.84 ? 81  GLU A OE2   1 
ATOM   653  N  N     . THR A 1 82  ? 3.140   -3.816  13.813  1.00 16.55 ? 82  THR A N     1 
ATOM   654  C  CA    . THR A 1 82  ? 1.717   -3.936  13.475  1.00 16.85 ? 82  THR A CA    1 
ATOM   655  C  C     . THR A 1 82  ? 1.449   -3.077  12.238  1.00 15.81 ? 82  THR A C     1 
ATOM   656  O  O     . THR A 1 82  ? 2.225   -2.163  11.932  1.00 15.51 ? 82  THR A O     1 
ATOM   657  C  CB    . THR A 1 82  ? 0.791   -3.400  14.582  1.00 16.86 ? 82  THR A CB    1 
ATOM   658  O  OG1   . THR A 1 82  ? 0.971   -1.984  14.719  1.00 17.55 ? 82  THR A OG1   1 
ATOM   659  C  CG2   . THR A 1 82  ? 1.085   -4.084  15.912  1.00 18.30 ? 82  THR A CG2   1 
ATOM   660  N  N     . PRO A 1 83  ? 0.357   -3.362  11.504  1.00 15.88 ? 83  PRO A N     1 
ATOM   661  C  CA    . PRO A 1 83  ? 0.070   -2.546  10.323  1.00 15.22 ? 83  PRO A CA    1 
ATOM   662  C  C     . PRO A 1 83  ? -0.127  -1.070  10.661  1.00 14.55 ? 83  PRO A C     1 
ATOM   663  O  O     . PRO A 1 83  ? 0.301   -0.197  9.908   1.00 13.93 ? 83  PRO A O     1 
ATOM   664  C  CB    . PRO A 1 83  ? -1.200  -3.179  9.769   1.00 15.07 ? 83  PRO A CB    1 
ATOM   665  C  CG    . PRO A 1 83  ? -0.967  -4.647  10.051  1.00 15.73 ? 83  PRO A CG    1 
ATOM   666  C  CD    . PRO A 1 83  ? -0.449  -4.602  11.491  1.00 15.62 ? 83  PRO A CD    1 
ATOM   667  N  N     . GLU A 1 84  ? -0.769  -0.776  11.787  1.00 14.46 ? 84  GLU A N     1 
ATOM   668  C  CA    . GLU A 1 84  ? -0.979  0.625   12.133  1.00 15.11 ? 84  GLU A CA    1 
ATOM   669  C  C     . GLU A 1 84  ? 0.356   1.306   12.398  1.00 14.56 ? 84  GLU A C     1 
ATOM   670  O  O     . GLU A 1 84  ? 0.557   2.450   11.980  1.00 13.91 ? 84  GLU A O     1 
ATOM   671  C  CB    . GLU A 1 84  ? -1.900  0.788   13.359  1.00 16.11 ? 84  GLU A CB    1 
ATOM   672  C  CG    . GLU A 1 84  ? -2.062  2.265   13.717  1.00 19.21 ? 84  GLU A CG    1 
ATOM   673  C  CD    . GLU A 1 84  ? -2.940  2.559   14.935  1.00 21.22 ? 84  GLU A CD    1 
ATOM   674  O  OE1   . GLU A 1 84  ? -2.765  3.654   15.508  1.00 22.12 ? 84  GLU A OE1   1 
ATOM   675  O  OE2   . GLU A 1 84  ? -3.799  1.736   15.312  1.00 21.93 ? 84  GLU A OE2   1 
ATOM   676  N  N     . ALA A 1 85  ? 1.274   0.613   13.072  1.00 14.03 ? 85  ALA A N     1 
ATOM   677  C  CA    . ALA A 1 85  ? 2.576   1.222   13.360  1.00 14.34 ? 85  ALA A CA    1 
ATOM   678  C  C     . ALA A 1 85  ? 3.369   1.477   12.083  1.00 13.41 ? 85  ALA A C     1 
ATOM   679  O  O     . ALA A 1 85  ? 4.085   2.466   11.990  1.00 13.15 ? 85  ALA A O     1 
ATOM   680  C  CB    . ALA A 1 85  ? 3.386   0.359   14.309  1.00 15.44 ? 85  ALA A CB    1 
ATOM   681  N  N     . ALA A 1 86  ? 3.272   0.560   11.128  1.00 12.31 ? 86  ALA A N     1 
ATOM   682  C  CA    . ALA A 1 86  ? 3.956   0.740   9.841   1.00 10.85 ? 86  ALA A CA    1 
ATOM   683  C  C     . ALA A 1 86  ? 3.350   1.942   9.117   1.00 10.64 ? 86  ALA A C     1 
ATOM   684  O  O     . ALA A 1 86  ? 4.058   2.707   8.488   1.00 10.57 ? 86  ALA A O     1 
ATOM   685  C  CB    . ALA A 1 86  ? 3.800   -0.498  8.986   1.00 12.19 ? 86  ALA A CB    1 
ATOM   686  N  N     . ALA A 1 87  ? 2.035   2.094   9.215   1.00 10.49 ? 87  ALA A N     1 
ATOM   687  C  CA    . ALA A 1 87  ? 1.356   3.213   8.568   1.00 10.43 ? 87  ALA A CA    1 
ATOM   688  C  C     . ALA A 1 87  ? 1.883   4.526   9.148   1.00 11.01 ? 87  ALA A C     1 
ATOM   689  O  O     . ALA A 1 87  ? 2.237   5.446   8.412   1.00 9.34  ? 87  ALA A O     1 
ATOM   690  C  CB    . ALA A 1 87  ? -0.142  3.108   8.787   1.00 10.96 ? 87  ALA A CB    1 
ATOM   691  N  N     . ARG A 1 88  ? 1.934   4.613   10.472  1.00 11.44 ? 88  ARG A N     1 
ATOM   692  C  CA    . ARG A 1 88  ? 2.428   5.847   11.091  1.00 11.60 ? 88  ARG A CA    1 
ATOM   693  C  C     . ARG A 1 88  ? 3.895   6.093   10.754  1.00 12.59 ? 88  ARG A C     1 
ATOM   694  O  O     . ARG A 1 88  ? 4.294   7.240   10.468  1.00 12.35 ? 88  ARG A O     1 
ATOM   695  C  CB    . ARG A 1 88  ? 2.230   5.783   12.615  1.00 12.55 ? 88  ARG A CB    1 
ATOM   696  C  CG    . ARG A 1 88  ? 0.748   5.836   13.021  1.00 12.94 ? 88  ARG A CG    1 
ATOM   697  C  CD    . ARG A 1 88  ? 0.597   5.840   14.533  1.00 12.44 ? 88  ARG A CD    1 
ATOM   698  N  NE    . ARG A 1 88  ? -0.802  5.785   14.972  1.00 13.83 ? 88  ARG A NE    1 
ATOM   699  C  CZ    . ARG A 1 88  ? -1.626  6.828   15.078  1.00 14.37 ? 88  ARG A CZ    1 
ATOM   700  N  NH1   . ARG A 1 88  ? -1.235  8.064   14.771  1.00 15.55 ? 88  ARG A NH1   1 
ATOM   701  N  NH2   . ARG A 1 88  ? -2.852  6.636   15.543  1.00 15.71 ? 88  ARG A NH2   1 
ATOM   702  N  N     . ARG A 1 89  ? 4.695   5.026   10.767  1.00 11.50 ? 89  ARG A N     1 
ATOM   703  C  CA    . ARG A 1 89  ? 6.119   5.165   10.472  1.00 10.79 ? 89  ARG A CA    1 
ATOM   704  C  C     . ARG A 1 89  ? 6.364   5.613   9.041   1.00 10.96 ? 89  ARG A C     1 
ATOM   705  O  O     . ARG A 1 89  ? 7.157   6.514   8.795   1.00 10.10 ? 89  ARG A O     1 
ATOM   706  C  CB    . ARG A 1 89  ? 6.862   3.857   10.723  1.00 11.07 ? 89  ARG A CB    1 
ATOM   707  C  CG    . ARG A 1 89  ? 8.350   3.941   10.413  1.00 11.98 ? 89  ARG A CG    1 
ATOM   708  C  CD    . ARG A 1 89  ? 9.078   2.614   10.713  1.00 12.20 ? 89  ARG A CD    1 
ATOM   709  N  NE    . ARG A 1 89  ? 8.398   1.471   10.102  1.00 12.20 ? 89  ARG A NE    1 
ATOM   710  C  CZ    . ARG A 1 89  ? 8.283   1.272   8.789   1.00 12.87 ? 89  ARG A CZ    1 
ATOM   711  N  NH1   . ARG A 1 89  ? 8.817   2.133   7.924   1.00 13.04 ? 89  ARG A NH1   1 
ATOM   712  N  NH2   . ARG A 1 89  ? 7.594   0.225   8.344   1.00 14.04 ? 89  ARG A NH2   1 
ATOM   713  N  N     . GLU A 1 90  ? 5.675   4.990   8.087   1.00 10.14 ? 90  GLU A N     1 
ATOM   714  C  CA    . GLU A 1 90  ? 5.870   5.377   6.695   1.00 10.08 ? 90  GLU A CA    1 
ATOM   715  C  C     . GLU A 1 90  ? 5.341   6.794   6.424   1.00 9.92  ? 90  GLU A C     1 
ATOM   716  O  O     . GLU A 1 90  ? 5.883   7.524   5.604   1.00 10.14 ? 90  GLU A O     1 
ATOM   717  C  CB    . GLU A 1 90  ? 5.212   4.343   5.769   1.00 10.24 ? 90  GLU A CB    1 
ATOM   718  C  CG    . GLU A 1 90  ? 5.950   2.992   5.803   1.00 9.96  ? 90  GLU A CG    1 
ATOM   719  C  CD    . GLU A 1 90  ? 7.221   2.977   4.952   1.00 11.08 ? 90  GLU A CD    1 
ATOM   720  O  OE1   . GLU A 1 90  ? 8.080   2.102   5.176   1.00 12.06 ? 90  GLU A OE1   1 
ATOM   721  O  OE2   . GLU A 1 90  ? 7.358   3.846   4.068   1.00 11.56 ? 90  GLU A OE2   1 
ATOM   722  N  N     . LEU A 1 91  ? 4.279   7.179   7.119   1.00 10.19 ? 91  LEU A N     1 
ATOM   723  C  CA    . LEU A 1 91  ? 3.737   8.524   6.965   1.00 10.92 ? 91  LEU A CA    1 
ATOM   724  C  C     . LEU A 1 91  ? 4.817   9.515   7.442   1.00 11.18 ? 91  LEU A C     1 
ATOM   725  O  O     . LEU A 1 91  ? 5.057   10.544  6.807   1.00 10.67 ? 91  LEU A O     1 
ATOM   726  C  CB    . LEU A 1 91  ? 2.481   8.681   7.824   1.00 10.52 ? 91  LEU A CB    1 
ATOM   727  C  CG    . LEU A 1 91  ? 1.877   10.096  7.831   1.00 10.52 ? 91  LEU A CG    1 
ATOM   728  C  CD1   . LEU A 1 91  ? 1.490   10.500  6.406   1.00 12.39 ? 91  LEU A CD1   1 
ATOM   729  C  CD2   . LEU A 1 91  ? 0.679   10.148  8.819   1.00 11.32 ? 91  LEU A CD2   1 
ATOM   730  N  N     . ARG A 1 92  ? 5.483   9.204   8.545   1.00 11.17 ? 92  ARG A N     1 
ATOM   731  C  CA    . ARG A 1 92  ? 6.519   10.109  9.051   1.00 12.70 ? 92  ARG A CA    1 
ATOM   732  C  C     . ARG A 1 92  ? 7.739   10.111  8.130   1.00 11.52 ? 92  ARG A C     1 
ATOM   733  O  O     . ARG A 1 92  ? 8.342   11.154  7.874   1.00 11.93 ? 92  ARG A O     1 
ATOM   734  C  CB    . ARG A 1 92  ? 6.935   9.695   10.462  1.00 14.07 ? 92  ARG A CB    1 
ATOM   735  C  CG    . ARG A 1 92  ? 7.683   10.771  11.259  1.00 19.31 ? 92  ARG A CG    1 
ATOM   736  C  CD    . ARG A 1 92  ? 7.811   10.303  12.718  1.00 20.85 ? 92  ARG A CD    1 
ATOM   737  N  NE    . ARG A 1 92  ? 7.647   11.403  13.663  1.00 26.19 ? 92  ARG A NE    1 
ATOM   738  C  CZ    . ARG A 1 92  ? 8.586   12.302  13.912  1.00 26.87 ? 92  ARG A CZ    1 
ATOM   739  N  NH1   . ARG A 1 92  ? 8.363   13.279  14.782  1.00 28.13 ? 92  ARG A NH1   1 
ATOM   740  N  NH2   . ARG A 1 92  ? 9.760   12.210  13.297  1.00 28.75 ? 92  ARG A NH2   1 
ATOM   741  N  N     . GLU A 1 93  ? 8.123   8.941   7.629   1.00 11.54 ? 93  GLU A N     1 
ATOM   742  C  CA    . GLU A 1 93  ? 9.281   8.873   6.735   1.00 11.07 ? 93  GLU A CA    1 
ATOM   743  C  C     . GLU A 1 93  ? 9.063   9.542   5.381   1.00 11.58 ? 93  GLU A C     1 
ATOM   744  O  O     . GLU A 1 93  ? 9.902   10.303  4.903   1.00 11.42 ? 93  GLU A O     1 
ATOM   745  C  CB    . GLU A 1 93  ? 9.650   7.407   6.447   1.00 12.28 ? 93  GLU A CB    1 
ATOM   746  C  CG    . GLU A 1 93  ? 10.156  6.634   7.644   1.00 12.45 ? 93  GLU A CG    1 
ATOM   747  C  CD    . GLU A 1 93  ? 10.499  5.180   7.311   1.00 14.28 ? 93  GLU A CD    1 
ATOM   748  O  OE1   . GLU A 1 93  ? 10.854  4.423   8.248   1.00 13.56 ? 93  GLU A OE1   1 
ATOM   749  O  OE2   . GLU A 1 93  ? 10.418  4.775   6.126   1.00 15.31 ? 93  GLU A OE2   1 
ATOM   750  N  N     . GLU A 1 94  ? 7.937   9.242   4.746   1.00 11.21 ? 94  GLU A N     1 
ATOM   751  C  CA    . GLU A 1 94  ? 7.714   9.757   3.406   1.00 11.04 ? 94  GLU A CA    1 
ATOM   752  C  C     . GLU A 1 94  ? 7.192   11.175  3.277   1.00 11.96 ? 94  GLU A C     1 
ATOM   753  O  O     . GLU A 1 94  ? 7.521   11.862  2.301   1.00 12.91 ? 94  GLU A O     1 
ATOM   754  C  CB    . GLU A 1 94  ? 6.807   8.780   2.636   1.00 10.05 ? 94  GLU A CB    1 
ATOM   755  C  CG    . GLU A 1 94  ? 7.363   7.370   2.655   1.00 9.30  ? 94  GLU A CG    1 
ATOM   756  C  CD    . GLU A 1 94  ? 6.641   6.368   1.758   1.00 9.83  ? 94  GLU A CD    1 
ATOM   757  O  OE1   . GLU A 1 94  ? 5.525   6.666   1.273   1.00 9.74  ? 94  GLU A OE1   1 
ATOM   758  O  OE2   . GLU A 1 94  ? 7.202   5.259   1.561   1.00 9.65  ? 94  GLU A OE2   1 
ATOM   759  N  N     . VAL A 1 95  ? 6.399   11.607  4.255   1.00 11.80 ? 95  VAL A N     1 
ATOM   760  C  CA    . VAL A 1 95  ? 5.793   12.948  4.237   1.00 12.82 ? 95  VAL A CA    1 
ATOM   761  C  C     . VAL A 1 95  ? 6.227   13.819  5.416   1.00 13.08 ? 95  VAL A C     1 
ATOM   762  O  O     . VAL A 1 95  ? 5.963   15.022  5.419   1.00 14.53 ? 95  VAL A O     1 
ATOM   763  C  CB    . VAL A 1 95  ? 4.247   12.836  4.251   1.00 13.97 ? 95  VAL A CB    1 
ATOM   764  C  CG1   . VAL A 1 95  ? 3.603   14.197  4.098   1.00 16.13 ? 95  VAL A CG1   1 
ATOM   765  C  CG2   . VAL A 1 95  ? 3.783   11.926  3.108   1.00 16.45 ? 95  VAL A CG2   1 
ATOM   766  N  N     . GLY A 1 96  ? 6.906   13.225  6.397   1.00 11.95 ? 96  GLY A N     1 
ATOM   767  C  CA    . GLY A 1 96  ? 7.326   13.974  7.573   1.00 11.91 ? 96  GLY A CA    1 
ATOM   768  C  C     . GLY A 1 96  ? 6.111   14.330  8.425   1.00 12.83 ? 96  GLY A C     1 
ATOM   769  O  O     . GLY A 1 96  ? 6.133   15.296  9.188   1.00 11.74 ? 96  GLY A O     1 
ATOM   770  N  N     . ALA A 1 97  ? 5.055   13.532  8.321   1.00 11.35 ? 97  ALA A N     1 
ATOM   771  C  CA    . ALA A 1 97  ? 3.820   13.822  9.045   1.00 11.69 ? 97  ALA A CA    1 
ATOM   772  C  C     . ALA A 1 97  ? 3.416   12.861  10.158  1.00 12.23 ? 97  ALA A C     1 
ATOM   773  O  O     . ALA A 1 97  ? 3.878   11.726  10.224  1.00 11.72 ? 97  ALA A O     1 
ATOM   774  C  CB    . ALA A 1 97  ? 2.664   13.935  8.042   1.00 12.76 ? 97  ALA A CB    1 
ATOM   775  N  N     . GLU A 1 98  ? 2.570   13.369  11.056  1.00 12.54 ? 98  GLU A N     1 
ATOM   776  C  CA    . GLU A 1 98  ? 2.003   12.572  12.142  1.00 14.32 ? 98  GLU A CA    1 
ATOM   777  C  C     . GLU A 1 98  ? 0.498   12.800  12.056  1.00 13.53 ? 98  GLU A C     1 
ATOM   778  O  O     . GLU A 1 98  ? 0.032   13.720  11.390  1.00 14.84 ? 98  GLU A O     1 
ATOM   779  C  CB    . GLU A 1 98  ? 2.529   13.028  13.507  1.00 15.75 ? 98  GLU A CB    1 
ATOM   780  C  CG    . GLU A 1 98  ? 3.968   12.630  13.757  1.00 20.27 ? 98  GLU A CG    1 
ATOM   781  C  CD    . GLU A 1 98  ? 4.457   13.070  15.118  1.00 23.14 ? 98  GLU A CD    1 
ATOM   782  O  OE1   . GLU A 1 98  ? 5.568   12.659  15.507  1.00 25.74 ? 98  GLU A OE1   1 
ATOM   783  O  OE2   . GLU A 1 98  ? 3.724   13.824  15.784  1.00 23.64 ? 98  GLU A OE2   1 
ATOM   784  N  N     . ALA A 1 99  ? -0.276  11.957  12.717  1.00 13.86 ? 99  ALA A N     1 
ATOM   785  C  CA    . ALA A 1 99  ? -1.721  12.097  12.681  1.00 14.51 ? 99  ALA A CA    1 
ATOM   786  C  C     . ALA A 1 99  ? -2.250  11.619  14.015  1.00 14.94 ? 99  ALA A C     1 
ATOM   787  O  O     . ALA A 1 99  ? -1.494  11.074  14.829  1.00 15.00 ? 99  ALA A O     1 
ATOM   788  C  CB    . ALA A 1 99  ? -2.302  11.237  11.557  1.00 13.72 ? 99  ALA A CB    1 
ATOM   789  N  N     . GLU A 1 100 ? -3.542  11.825  14.226  1.00 16.63 ? 100 GLU A N     1 
ATOM   790  C  CA    . GLU A 1 100 ? -4.174  11.404  15.462  1.00 17.89 ? 100 GLU A CA    1 
ATOM   791  C  C     . GLU A 1 100 ? -4.818  10.047  15.194  1.00 17.89 ? 100 GLU A C     1 
ATOM   792  O  O     . GLU A 1 100 ? -4.125  9.045   15.057  1.00 18.88 ? 100 GLU A O     1 
ATOM   793  C  CB    . GLU A 1 100 ? -5.212  12.435  15.910  1.00 19.75 ? 100 GLU A CB    1 
ATOM   794  C  CG    . GLU A 1 100 ? -5.629  12.268  17.367  1.00 24.14 ? 100 GLU A CG    1 
ATOM   795  C  CD    . GLU A 1 100 ? -6.462  13.427  17.871  1.00 26.95 ? 100 GLU A CD    1 
ATOM   796  O  OE1   . GLU A 1 100 ? -7.710  13.359  17.763  1.00 28.15 ? 100 GLU A OE1   1 
ATOM   797  O  OE2   . GLU A 1 100 ? -5.860  14.407  18.368  1.00 29.14 ? 100 GLU A OE2   1 
ATOM   798  N  N     . THR A 1 101 ? -6.133  10.006  15.085  1.00 18.36 ? 101 THR A N     1 
ATOM   799  C  CA    . THR A 1 101 ? -6.783  8.724   14.859  1.00 17.78 ? 101 THR A CA    1 
ATOM   800  C  C     . THR A 1 101 ? -6.498  8.103   13.497  1.00 16.31 ? 101 THR A C     1 
ATOM   801  O  O     . THR A 1 101 ? -6.455  8.804   12.492  1.00 16.14 ? 101 THR A O     1 
ATOM   802  C  CB    . THR A 1 101 ? -8.297  8.838   14.974  1.00 19.26 ? 101 THR A CB    1 
ATOM   803  O  OG1   . THR A 1 101 ? -8.643  9.253   16.304  1.00 21.43 ? 101 THR A OG1   1 
ATOM   804  C  CG2   . THR A 1 101 ? -8.949  7.490   14.687  1.00 19.32 ? 101 THR A CG2   1 
ATOM   805  N  N     . LEU A 1 102 ? -6.294  6.793   13.482  1.00 15.98 ? 102 LEU A N     1 
ATOM   806  C  CA    . LEU A 1 102 ? -6.137  6.069   12.209  1.00 14.22 ? 102 LEU A CA    1 
ATOM   807  C  C     . LEU A 1 102 ? -7.312  5.096   12.173  1.00 14.82 ? 102 LEU A C     1 
ATOM   808  O  O     . LEU A 1 102 ? -7.460  4.251   13.070  1.00 15.33 ? 102 LEU A O     1 
ATOM   809  C  CB    . LEU A 1 102 ? -4.820  5.289   12.130  1.00 14.62 ? 102 LEU A CB    1 
ATOM   810  C  CG    . LEU A 1 102 ? -3.799  5.948   11.193  1.00 15.27 ? 102 LEU A CG    1 
ATOM   811  C  CD1   . LEU A 1 102 ? -3.311  7.267   11.820  1.00 15.23 ? 102 LEU A CD1   1 
ATOM   812  C  CD2   . LEU A 1 102 ? -2.630  5.021   10.930  1.00 16.23 ? 102 LEU A CD2   1 
ATOM   813  N  N     . ILE A 1 103 ? -8.164  5.234   11.163  1.00 13.43 ? 103 ILE A N     1 
ATOM   814  C  CA    . ILE A 1 103 ? -9.310  4.349   11.015  1.00 13.56 ? 103 ILE A CA    1 
ATOM   815  C  C     . ILE A 1 103 ? -8.901  3.240   10.056  1.00 13.90 ? 103 ILE A C     1 
ATOM   816  O  O     . ILE A 1 103 ? -8.533  3.509   8.916   1.00 12.77 ? 103 ILE A O     1 
ATOM   817  C  CB    . ILE A 1 103 ? -10.507 5.080   10.401  1.00 14.10 ? 103 ILE A CB    1 
ATOM   818  C  CG1   . ILE A 1 103 ? -10.923 6.242   11.316  1.00 13.11 ? 103 ILE A CG1   1 
ATOM   819  C  CG2   . ILE A 1 103 ? -11.653 4.073   10.129  1.00 15.00 ? 103 ILE A CG2   1 
ATOM   820  C  CD1   . ILE A 1 103 ? -11.907 7.228   10.692  1.00 14.85 ? 103 ILE A CD1   1 
ATOM   821  N  N     . PRO A 1 104 ? -8.931  1.976   10.505  1.00 14.27 ? 104 PRO A N     1 
ATOM   822  C  CA    . PRO A 1 104 ? -8.548  0.904   9.585   1.00 13.65 ? 104 PRO A CA    1 
ATOM   823  C  C     . PRO A 1 104 ? -9.652  0.681   8.547   1.00 13.50 ? 104 PRO A C     1 
ATOM   824  O  O     . PRO A 1 104 ? -10.851 0.692   8.879   1.00 13.88 ? 104 PRO A O     1 
ATOM   825  C  CB    . PRO A 1 104 ? -8.377  -0.304  10.520  1.00 14.71 ? 104 PRO A CB    1 
ATOM   826  C  CG    . PRO A 1 104 ? -9.425  -0.042  11.557  1.00 16.72 ? 104 PRO A CG    1 
ATOM   827  C  CD    . PRO A 1 104 ? -9.284  1.439   11.835  1.00 14.95 ? 104 PRO A CD    1 
ATOM   828  N  N     . LEU A 1 105 ? -9.239  0.457   7.302   1.00 12.07 ? 105 LEU A N     1 
ATOM   829  C  CA    . LEU A 1 105 ? -10.151 0.206   6.189   1.00 10.94 ? 105 LEU A CA    1 
ATOM   830  C  C     . LEU A 1 105 ? -9.919  -1.257  5.750   1.00 10.96 ? 105 LEU A C     1 
ATOM   831  O  O     . LEU A 1 105 ? -8.955  -1.891  6.171   1.00 10.15 ? 105 LEU A O     1 
ATOM   832  C  CB    . LEU A 1 105 ? -9.865  1.215   5.071   1.00 11.26 ? 105 LEU A CB    1 
ATOM   833  C  CG    . LEU A 1 105 ? -9.997  2.685   5.528   1.00 10.35 ? 105 LEU A CG    1 
ATOM   834  C  CD1   . LEU A 1 105 ? -9.517  3.612   4.415   1.00 11.18 ? 105 LEU A CD1   1 
ATOM   835  C  CD2   . LEU A 1 105 ? -11.442 3.007   5.897   1.00 11.86 ? 105 LEU A CD2   1 
ATOM   836  N  N     . PRO A 1 106 ? -10.790 -1.805  4.887   1.00 10.50 ? 106 PRO A N     1 
ATOM   837  C  CA    . PRO A 1 106 ? -10.651 -3.195  4.450   1.00 11.06 ? 106 PRO A CA    1 
ATOM   838  C  C     . PRO A 1 106 ? -9.332  -3.574  3.808   1.00 11.46 ? 106 PRO A C     1 
ATOM   839  O  O     . PRO A 1 106 ? -8.887  -2.922  2.861   1.00 12.10 ? 106 PRO A O     1 
ATOM   840  C  CB    . PRO A 1 106 ? -11.831 -3.377  3.503   1.00 10.84 ? 106 PRO A CB    1 
ATOM   841  C  CG    . PRO A 1 106 ? -12.853 -2.433  4.032   1.00 11.00 ? 106 PRO A CG    1 
ATOM   842  C  CD    . PRO A 1 106 ? -12.032 -1.214  4.360   1.00 10.98 ? 106 PRO A CD    1 
ATOM   843  N  N     . SER A 1 107 ? -8.719  -4.626  4.316   1.00 11.54 ? 107 SER A N     1 
ATOM   844  C  CA    . SER A 1 107 ? -7.449  -5.063  3.751   1.00 12.20 ? 107 SER A CA    1 
ATOM   845  C  C     . SER A 1 107 ? -7.714  -5.751  2.427   1.00 11.92 ? 107 SER A C     1 
ATOM   846  O  O     . SER A 1 107 ? -8.840  -6.180  2.156   1.00 12.04 ? 107 SER A O     1 
ATOM   847  C  CB    . SER A 1 107 ? -6.732  -5.997  4.711   1.00 13.91 ? 107 SER A CB    1 
ATOM   848  O  OG    . SER A 1 107 ? -6.440  -5.303  5.919   1.00 20.30 ? 107 SER A OG    1 
ATOM   849  N  N     . PHE A 1 108 ? -6.674  -5.852  1.600   1.00 10.33 ? 108 PHE A N     1 
ATOM   850  C  CA    . PHE A 1 108 ? -6.826  -6.461  0.292   1.00 9.40  ? 108 PHE A CA    1 
ATOM   851  C  C     . PHE A 1 108 ? -5.528  -7.014  -0.244  1.00 8.78  ? 108 PHE A C     1 
ATOM   852  O  O     . PHE A 1 108 ? -4.446  -6.601  0.175   1.00 10.45 ? 108 PHE A O     1 
ATOM   853  C  CB    . PHE A 1 108 ? -7.385  -5.440  -0.735  1.00 9.15  ? 108 PHE A CB    1 
ATOM   854  C  CG    . PHE A 1 108 ? -6.618  -4.125  -0.810  1.00 9.78  ? 108 PHE A CG    1 
ATOM   855  C  CD1   . PHE A 1 108 ? -7.033  -3.020  -0.056  1.00 11.01 ? 108 PHE A CD1   1 
ATOM   856  C  CD2   . PHE A 1 108 ? -5.532  -3.955  -1.681  1.00 10.07 ? 108 PHE A CD2   1 
ATOM   857  C  CE1   . PHE A 1 108 ? -6.395  -1.777  -0.171  1.00 10.28 ? 108 PHE A CE1   1 
ATOM   858  C  CE2   . PHE A 1 108 ? -4.895  -2.717  -1.798  1.00 9.74  ? 108 PHE A CE2   1 
ATOM   859  C  CZ    . PHE A 1 108 ? -5.322  -1.623  -1.049  1.00 10.51 ? 108 PHE A CZ    1 
ATOM   860  N  N     . HIS A 1 109 ? -5.649  -7.981  -1.150  1.00 7.91  ? 109 HIS A N     1 
ATOM   861  C  CA    . HIS A 1 109 ? -4.483  -8.553  -1.834  1.00 8.12  ? 109 HIS A CA    1 
ATOM   862  C  C     . HIS A 1 109 ? -4.369  -7.811  -3.173  1.00 8.34  ? 109 HIS A C     1 
ATOM   863  O  O     . HIS A 1 109 ? -5.281  -7.908  -3.997  1.00 8.71  ? 109 HIS A O     1 
ATOM   864  C  CB    . HIS A 1 109 ? -4.719  -10.032 -2.142  1.00 7.44  ? 109 HIS A CB    1 
ATOM   865  C  CG    . HIS A 1 109 ? -4.685  -10.931 -0.945  1.00 9.86  ? 109 HIS A CG    1 
ATOM   866  N  ND1   . HIS A 1 109 ? -3.522  -11.194 -0.241  1.00 10.12 ? 109 HIS A ND1   1 
ATOM   867  C  CD2   . HIS A 1 109 ? -5.656  -11.677 -0.364  1.00 9.79  ? 109 HIS A CD2   1 
ATOM   868  C  CE1   . HIS A 1 109 ? -3.786  -12.069 0.718   1.00 10.44 ? 109 HIS A CE1   1 
ATOM   869  N  NE2   . HIS A 1 109 ? -5.071  -12.375 0.667   1.00 10.61 ? 109 HIS A NE2   1 
ATOM   870  N  N     . PRO A 1 110 ? -3.282  -7.035  -3.400  1.00 8.30  ? 110 PRO A N     1 
ATOM   871  C  CA    . PRO A 1 110 ? -3.155  -6.324  -4.679  1.00 8.88  ? 110 PRO A CA    1 
ATOM   872  C  C     . PRO A 1 110 ? -3.035  -7.232  -5.902  1.00 8.94  ? 110 PRO A C     1 
ATOM   873  O  O     . PRO A 1 110 ? -3.540  -6.892  -6.972  1.00 9.41  ? 110 PRO A O     1 
ATOM   874  C  CB    . PRO A 1 110 ? -1.905  -5.462  -4.487  1.00 9.54  ? 110 PRO A CB    1 
ATOM   875  C  CG    . PRO A 1 110 ? -1.052  -6.294  -3.516  1.00 9.73  ? 110 PRO A CG    1 
ATOM   876  C  CD    . PRO A 1 110 ? -2.113  -6.787  -2.530  1.00 9.39  ? 110 PRO A CD    1 
ATOM   877  N  N     . GLN A 1 111 ? -2.356  -8.364  -5.769  1.00 8.68  ? 111 GLN A N     1 
ATOM   878  C  CA    . GLN A 1 111 ? -2.209  -9.256  -6.920  1.00 9.24  ? 111 GLN A CA    1 
ATOM   879  C  C     . GLN A 1 111 ? -2.050  -10.680 -6.432  1.00 8.58  ? 111 GLN A C     1 
ATOM   880  O  O     . GLN A 1 111 ? -0.960  -11.262 -6.474  1.00 9.14  ? 111 GLN A O     1 
ATOM   881  C  CB    . GLN A 1 111 ? -1.009  -8.849  -7.765  1.00 11.37 ? 111 GLN A CB    1 
ATOM   882  C  CG    . GLN A 1 111 ? -1.002  -9.538  -9.119  1.00 12.65 ? 111 GLN A CG    1 
ATOM   883  C  CD    . GLN A 1 111 ? 0.161   -9.110  -9.979  1.00 15.47 ? 111 GLN A CD    1 
ATOM   884  O  OE1   . GLN A 1 111 ? 1.152   -8.573  -9.484  1.00 19.69 ? 111 GLN A OE1   1 
ATOM   885  N  NE2   . GLN A 1 111 ? 0.060   -9.373  -11.264 1.00 17.62 ? 111 GLN A NE2   1 
ATOM   886  N  N     . PRO A 1 112 ? -3.156  -11.274 -5.988  1.00 8.76  ? 112 PRO A N     1 
ATOM   887  C  CA    . PRO A 1 112 ? -3.116  -12.648 -5.474  1.00 8.77  ? 112 PRO A CA    1 
ATOM   888  C  C     . PRO A 1 112 ? -2.622  -13.726 -6.424  1.00 9.13  ? 112 PRO A C     1 
ATOM   889  O  O     . PRO A 1 112 ? -2.250  -14.806 -5.969  1.00 8.88  ? 112 PRO A O     1 
ATOM   890  C  CB    . PRO A 1 112 ? -4.551  -12.878 -4.969  1.00 9.31  ? 112 PRO A CB    1 
ATOM   891  C  CG    . PRO A 1 112 ? -5.369  -11.986 -5.882  1.00 9.63  ? 112 PRO A CG    1 
ATOM   892  C  CD    . PRO A 1 112 ? -4.532  -10.730 -5.958  1.00 8.95  ? 112 PRO A CD    1 
ATOM   893  N  N     . SER A 1 113 ? -2.605  -13.458 -7.732  1.00 8.91  ? 113 SER A N     1 
ATOM   894  C  CA    . SER A 1 113 ? -2.051  -14.459 -8.660  1.00 10.36 ? 113 SER A CA    1 
ATOM   895  C  C     . SER A 1 113 ? -0.533  -14.566 -8.521  1.00 10.18 ? 113 SER A C     1 
ATOM   896  O  O     . SER A 1 113 ? 0.064   -15.592 -8.887  1.00 10.25 ? 113 SER A O     1 
ATOM   897  C  CB    . SER A 1 113 ? -2.337  -14.083 -10.111 1.00 10.87 ? 113 SER A CB    1 
ATOM   898  O  OG    . SER A 1 113 ? -1.603  -12.933 -10.515 1.00 12.91 ? 113 SER A OG    1 
ATOM   899  N  N     . PHE A 1 114 ? 0.105   -13.533 -7.970  1.00 8.91  ? 114 PHE A N     1 
ATOM   900  C  CA    . PHE A 1 114 ? 1.552   -13.554 -7.903  1.00 9.18  ? 114 PHE A CA    1 
ATOM   901  C  C     . PHE A 1 114 ? 2.161   -13.363 -6.525  1.00 9.47  ? 114 PHE A C     1 
ATOM   902  O  O     . PHE A 1 114 ? 3.267   -13.830 -6.269  1.00 10.56 ? 114 PHE A O     1 
ATOM   903  C  CB    . PHE A 1 114 ? 2.115   -12.476 -8.838  1.00 9.93  ? 114 PHE A CB    1 
ATOM   904  C  CG    . PHE A 1 114 ? 3.615   -12.511 -8.959  1.00 10.85 ? 114 PHE A CG    1 
ATOM   905  C  CD1   . PHE A 1 114 ? 4.221   -13.419 -9.834  1.00 11.86 ? 114 PHE A CD1   1 
ATOM   906  C  CD2   . PHE A 1 114 ? 4.415   -11.726 -8.129  1.00 13.26 ? 114 PHE A CD2   1 
ATOM   907  C  CE1   . PHE A 1 114 ? 5.604   -13.557 -9.888  1.00 12.63 ? 114 PHE A CE1   1 
ATOM   908  C  CE2   . PHE A 1 114 ? 5.814   -11.854 -8.170  1.00 13.24 ? 114 PHE A CE2   1 
ATOM   909  C  CZ    . PHE A 1 114 ? 6.414   -12.772 -9.052  1.00 13.47 ? 114 PHE A CZ    1 
ATOM   910  N  N     . THR A 1 115 ? 1.453   -12.672 -5.644  1.00 9.66  ? 115 THR A N     1 
ATOM   911  C  CA    . THR A 1 115 ? 2.027   -12.412 -4.347  1.00 9.93  ? 115 THR A CA    1 
ATOM   912  C  C     . THR A 1 115 ? 1.077   -12.618 -3.191  1.00 9.96  ? 115 THR A C     1 
ATOM   913  O  O     . THR A 1 115 ? -0.121  -12.377 -3.284  1.00 9.86  ? 115 THR A O     1 
ATOM   914  C  CB    . THR A 1 115 ? 2.621   -10.981 -4.285  1.00 9.68  ? 115 THR A CB    1 
ATOM   915  O  OG1   . THR A 1 115 ? 2.992   -10.676 -2.937  1.00 10.32 ? 115 THR A OG1   1 
ATOM   916  C  CG2   . THR A 1 115 ? 1.609   -9.932  -4.751  1.00 10.51 ? 115 THR A CG2   1 
ATOM   917  N  N     . ALA A 1 116 ? 1.632   -13.125 -2.107  1.00 9.70  ? 116 ALA A N     1 
ATOM   918  C  CA    . ALA A 1 116 ? 0.863   -13.346 -0.899  1.00 10.36 ? 116 ALA A CA    1 
ATOM   919  C  C     . ALA A 1 116 ? 0.589   -12.060 -0.126  1.00 10.29 ? 116 ALA A C     1 
ATOM   920  O  O     . ALA A 1 116 ? -0.221  -12.065 0.798   1.00 10.99 ? 116 ALA A O     1 
ATOM   921  C  CB    . ALA A 1 116 ? 1.626   -14.301 0.021   1.00 9.63  ? 116 ALA A CB    1 
ATOM   922  N  N     . VAL A 1 117 ? 1.267   -10.979 -0.497  1.00 10.61 ? 117 VAL A N     1 
ATOM   923  C  CA    . VAL A 1 117 ? 1.148   -9.740  0.266   1.00 10.19 ? 117 VAL A CA    1 
ATOM   924  C  C     . VAL A 1 117 ? -0.268  -9.249  0.521   1.00 9.92  ? 117 VAL A C     1 
ATOM   925  O  O     . VAL A 1 117 ? -1.151  -9.352  -0.355  1.00 9.22  ? 117 VAL A O     1 
ATOM   926  C  CB    . VAL A 1 117 ? 1.993   -8.606  -0.384  1.00 9.34  ? 117 VAL A CB    1 
ATOM   927  C  CG1   . VAL A 1 117 ? 1.246   -7.963  -1.560  1.00 10.37 ? 117 VAL A CG1   1 
ATOM   928  C  CG2   . VAL A 1 117 ? 2.357   -7.546  0.681   1.00 9.39  ? 117 VAL A CG2   1 
ATOM   929  N  N     . VAL A 1 118 ? -0.491  -8.747  1.740   1.00 8.84  ? 118 VAL A N     1 
ATOM   930  C  CA    . VAL A 1 118 ? -1.787  -8.175  2.128   1.00 9.42  ? 118 VAL A CA    1 
ATOM   931  C  C     . VAL A 1 118 ? -1.505  -6.686  2.334   1.00 10.08 ? 118 VAL A C     1 
ATOM   932  O  O     . VAL A 1 118 ? -0.527  -6.317  2.968   1.00 9.51  ? 118 VAL A O     1 
ATOM   933  C  CB    . VAL A 1 118 ? -2.322  -8.762  3.468   1.00 10.13 ? 118 VAL A CB    1 
ATOM   934  C  CG1   . VAL A 1 118 ? -3.594  -8.051  3.908   1.00 10.99 ? 118 VAL A CG1   1 
ATOM   935  C  CG2   . VAL A 1 118 ? -2.600  -10.260 3.284   1.00 10.98 ? 118 VAL A CG2   1 
ATOM   936  N  N     . PHE A 1 119 ? -2.330  -5.837  1.740   1.00 8.66  ? 119 PHE A N     1 
ATOM   937  C  CA    . PHE A 1 119 ? -2.157  -4.403  1.934   1.00 9.33  ? 119 PHE A CA    1 
ATOM   938  C  C     . PHE A 1 119 ? -3.192  -3.943  2.949   1.00 9.27  ? 119 PHE A C     1 
ATOM   939  O  O     . PHE A 1 119 ? -4.366  -4.323  2.873   1.00 10.38 ? 119 PHE A O     1 
ATOM   940  C  CB    . PHE A 1 119 ? -2.356  -3.650  0.625   1.00 8.58  ? 119 PHE A CB    1 
ATOM   941  C  CG    . PHE A 1 119 ? -1.172  -3.697  -0.290  1.00 8.72  ? 119 PHE A CG    1 
ATOM   942  C  CD1   . PHE A 1 119 ? 0.013   -4.344  0.067   1.00 7.64  ? 119 PHE A CD1   1 
ATOM   943  C  CD2   . PHE A 1 119 ? -1.229  -3.043  -1.512  1.00 8.48  ? 119 PHE A CD2   1 
ATOM   944  C  CE1   . PHE A 1 119 ? 1.126   -4.319  -0.804  1.00 9.27  ? 119 PHE A CE1   1 
ATOM   945  C  CE2   . PHE A 1 119 ? -0.131  -3.018  -2.373  1.00 8.11  ? 119 PHE A CE2   1 
ATOM   946  C  CZ    . PHE A 1 119 ? 1.044   -3.649  -2.020  1.00 9.08  ? 119 PHE A CZ    1 
ATOM   947  N  N     . HIS A 1 120 ? -2.758  -3.128  3.909   1.00 9.30  ? 120 HIS A N     1 
ATOM   948  C  CA    . HIS A 1 120 ? -3.646  -2.638  4.952   1.00 9.87  ? 120 HIS A CA    1 
ATOM   949  C  C     . HIS A 1 120 ? -3.850  -1.141  4.819   1.00 9.03  ? 120 HIS A C     1 
ATOM   950  O  O     . HIS A 1 120 ? -2.945  -0.360  5.138   1.00 9.76  ? 120 HIS A O     1 
ATOM   951  C  CB    . HIS A 1 120 ? -3.047  -2.916  6.329   1.00 11.11 ? 120 HIS A CB    1 
ATOM   952  C  CG    . HIS A 1 120 ? -2.916  -4.367  6.635   1.00 11.48 ? 120 HIS A CG    1 
ATOM   953  N  ND1   . HIS A 1 120 ? -1.780  -5.097  6.353   1.00 14.66 ? 120 HIS A ND1   1 
ATOM   954  C  CD2   . HIS A 1 120 ? -3.794  -5.232  7.184   1.00 13.04 ? 120 HIS A CD2   1 
ATOM   955  C  CE1   . HIS A 1 120 ? -1.966  -6.355  6.722   1.00 12.68 ? 120 HIS A CE1   1 
ATOM   956  N  NE2   . HIS A 1 120 ? -3.182  -6.461  7.221   1.00 14.61 ? 120 HIS A NE2   1 
ATOM   957  N  N     . PRO A 1 121 ? -5.034  -0.723  4.354   1.00 8.97  ? 121 PRO A N     1 
ATOM   958  C  CA    . PRO A 1 121 ? -5.320  0.713   4.194   1.00 9.95  ? 121 PRO A CA    1 
ATOM   959  C  C     . PRO A 1 121 ? -5.856  1.350   5.471   1.00 10.37 ? 121 PRO A C     1 
ATOM   960  O  O     . PRO A 1 121 ? -6.555  0.699   6.261   1.00 11.36 ? 121 PRO A O     1 
ATOM   961  C  CB    . PRO A 1 121 ? -6.352  0.737   3.065   1.00 9.64  ? 121 PRO A CB    1 
ATOM   962  C  CG    . PRO A 1 121 ? -7.140  -0.505  3.318   1.00 9.05  ? 121 PRO A CG    1 
ATOM   963  C  CD    . PRO A 1 121 ? -6.126  -1.553  3.801   1.00 8.93  ? 121 PRO A CD    1 
ATOM   964  N  N     . PHE A 1 122 ? -5.530  2.627   5.651   1.00 9.35  ? 122 PHE A N     1 
ATOM   965  C  CA    . PHE A 1 122 ? -5.973  3.399   6.807   1.00 10.14 ? 122 PHE A CA    1 
ATOM   966  C  C     . PHE A 1 122 ? -6.319  4.812   6.381   1.00 10.56 ? 122 PHE A C     1 
ATOM   967  O  O     . PHE A 1 122 ? -5.769  5.330   5.404   1.00 9.87  ? 122 PHE A O     1 
ATOM   968  C  CB    . PHE A 1 122 ? -4.841  3.531   7.841   1.00 9.94  ? 122 PHE A CB    1 
ATOM   969  C  CG    . PHE A 1 122 ? -4.429  2.250   8.473   1.00 10.85 ? 122 PHE A CG    1 
ATOM   970  C  CD1   . PHE A 1 122 ? -5.001  1.846   9.675   1.00 9.97  ? 122 PHE A CD1   1 
ATOM   971  C  CD2   . PHE A 1 122 ? -3.464  1.439   7.873   1.00 10.54 ? 122 PHE A CD2   1 
ATOM   972  C  CE1   . PHE A 1 122 ? -4.617  0.649   10.268  1.00 10.89 ? 122 PHE A CE1   1 
ATOM   973  C  CE2   . PHE A 1 122 ? -3.063  0.234   8.463   1.00 11.99 ? 122 PHE A CE2   1 
ATOM   974  C  CZ    . PHE A 1 122 ? -3.645  -0.160  9.664   1.00 10.87 ? 122 PHE A CZ    1 
ATOM   975  N  N     . LEU A 1 123 ? -7.231  5.438   7.127   1.00 10.23 ? 123 LEU A N     1 
ATOM   976  C  CA    . LEU A 1 123 ? -7.576  6.840   6.913   1.00 10.83 ? 123 LEU A CA    1 
ATOM   977  C  C     . LEU A 1 123 ? -7.046  7.494   8.185   1.00 11.23 ? 123 LEU A C     1 
ATOM   978  O  O     . LEU A 1 123 ? -7.521  7.177   9.278   1.00 12.28 ? 123 LEU A O     1 
ATOM   979  C  CB    . LEU A 1 123 ? -9.098  7.042   6.825   1.00 11.11 ? 123 LEU A CB    1 
ATOM   980  C  CG    . LEU A 1 123 ? -9.557  8.503   7.003   1.00 11.37 ? 123 LEU A CG    1 
ATOM   981  C  CD1   . LEU A 1 123 ? -8.980  9.400   5.900   1.00 12.03 ? 123 LEU A CD1   1 
ATOM   982  C  CD2   . LEU A 1 123 ? -11.086 8.552   6.945   1.00 10.62 ? 123 LEU A CD2   1 
ATOM   983  N  N     . ALA A 1 124 ? -6.053  8.378   8.045   1.00 11.12 ? 124 ALA A N     1 
ATOM   984  C  CA    . ALA A 1 124 ? -5.435  9.077   9.201   1.00 11.50 ? 124 ALA A CA    1 
ATOM   985  C  C     . ALA A 1 124 ? -6.035  10.467  9.320   1.00 11.74 ? 124 ALA A C     1 
ATOM   986  O  O     . ALA A 1 124 ? -6.037  11.218  8.351   1.00 13.16 ? 124 ALA A O     1 
ATOM   987  C  CB    . ALA A 1 124 ? -3.931  9.197   9.004   1.00 11.28 ? 124 ALA A CB    1 
ATOM   988  N  N     . LEU A 1 125 ? -6.522  10.820  10.515  1.00 12.72 ? 125 LEU A N     1 
ATOM   989  C  CA    . LEU A 1 125 ? -7.148  12.126  10.726  1.00 13.29 ? 125 LEU A CA    1 
ATOM   990  C  C     . LEU A 1 125 ? -6.219  13.096  11.446  1.00 13.08 ? 125 LEU A C     1 
ATOM   991  O  O     . LEU A 1 125 ? -5.320  12.673  12.160  1.00 12.97 ? 125 LEU A O     1 
ATOM   992  C  CB    . LEU A 1 125 ? -8.428  11.956  11.545  1.00 13.73 ? 125 LEU A CB    1 
ATOM   993  C  CG    . LEU A 1 125 ? -9.437  10.932  11.013  1.00 15.29 ? 125 LEU A CG    1 
ATOM   994  C  CD1   . LEU A 1 125 ? -10.649 10.926  11.959  1.00 16.36 ? 125 LEU A CD1   1 
ATOM   995  C  CD2   . LEU A 1 125 ? -9.852  11.264  9.585   1.00 14.69 ? 125 LEU A CD2   1 
ATOM   996  N  N     . LYS A 1 126 ? -6.476  14.382  11.249  1.00 13.92 ? 126 LYS A N     1 
ATOM   997  C  CA    . LYS A 1 126 ? -5.687  15.471  11.824  1.00 15.14 ? 126 LYS A CA    1 
ATOM   998  C  C     . LYS A 1 126 ? -4.221  15.317  11.465  1.00 14.72 ? 126 LYS A C     1 
ATOM   999  O  O     . LYS A 1 126 ? -3.333  15.493  12.304  1.00 14.80 ? 126 LYS A O     1 
ATOM   1000 C  CB    . LYS A 1 126 ? -5.859  15.520  13.343  1.00 17.07 ? 126 LYS A CB    1 
ATOM   1001 C  CG    . LYS A 1 126 ? -7.318  15.654  13.765  1.00 19.54 ? 126 LYS A CG    1 
ATOM   1002 C  CD    . LYS A 1 126 ? -7.415  15.976  15.258  1.00 23.25 ? 126 LYS A CD    1 
ATOM   1003 C  CE    . LYS A 1 126 ? -8.857  15.987  15.748  1.00 25.40 ? 126 LYS A CE    1 
ATOM   1004 N  NZ    . LYS A 1 126 ? -8.909  16.422  17.188  1.00 28.38 ? 126 LYS A NZ    1 
ATOM   1005 N  N     . ALA A 1 127 ? -3.968  14.987  10.200  1.00 13.04 ? 127 ALA A N     1 
ATOM   1006 C  CA    . ALA A 1 127 ? -2.601  14.817  9.740   1.00 13.55 ? 127 ALA A CA    1 
ATOM   1007 C  C     . ALA A 1 127 ? -1.924  16.175  9.673   1.00 13.52 ? 127 ALA A C     1 
ATOM   1008 O  O     . ALA A 1 127 ? -2.548  17.173  9.331   1.00 13.77 ? 127 ALA A O     1 
ATOM   1009 C  CB    . ALA A 1 127 ? -2.584  14.174  8.354   1.00 13.67 ? 127 ALA A CB    1 
ATOM   1010 N  N     . ARG A 1 128 ? -0.638  16.193  9.981   1.00 14.17 ? 128 ARG A N     1 
ATOM   1011 C  CA    . ARG A 1 128 ? 0.103   17.442  9.957   1.00 14.77 ? 128 ARG A CA    1 
ATOM   1012 C  C     . ARG A 1 128 ? 1.582   17.165  9.795   1.00 14.31 ? 128 ARG A C     1 
ATOM   1013 O  O     . ARG A 1 128 ? 2.107   16.192  10.334  1.00 14.30 ? 128 ARG A O     1 
ATOM   1014 C  CB    . ARG A 1 128 ? -0.128  18.207  11.265  1.00 17.58 ? 128 ARG A CB    1 
ATOM   1015 C  CG    . ARG A 1 128 ? 0.193   17.358  12.466  1.00 19.68 ? 128 ARG A CG    1 
ATOM   1016 C  CD    . ARG A 1 128 ? 0.217   18.132  13.781  1.00 22.48 ? 128 ARG A CD    1 
ATOM   1017 N  NE    . ARG A 1 128 ? -1.065  18.748  14.123  1.00 23.61 ? 128 ARG A NE    1 
ATOM   1018 C  CZ    . ARG A 1 128 ? -1.409  19.987  13.788  1.00 24.76 ? 128 ARG A CZ    1 
ATOM   1019 N  NH1   . ARG A 1 128 ? -0.576  20.751  13.093  1.00 23.78 ? 128 ARG A NH1   1 
ATOM   1020 N  NH2   . ARG A 1 128 ? -2.580  20.476  14.181  1.00 25.90 ? 128 ARG A NH2   1 
ATOM   1021 N  N     . VAL A 1 129 ? 2.249   18.024  9.036   1.00 13.21 ? 129 VAL A N     1 
ATOM   1022 C  CA    . VAL A 1 129 ? 3.687   17.884  8.827   1.00 13.39 ? 129 VAL A CA    1 
ATOM   1023 C  C     . VAL A 1 129 ? 4.379   18.444  10.051  1.00 13.85 ? 129 VAL A C     1 
ATOM   1024 O  O     . VAL A 1 129 ? 4.050   19.548  10.505  1.00 13.73 ? 129 VAL A O     1 
ATOM   1025 C  CB    . VAL A 1 129 ? 4.121   18.664  7.591   1.00 13.53 ? 129 VAL A CB    1 
ATOM   1026 C  CG1   . VAL A 1 129 ? 5.635   18.678  7.481   1.00 13.97 ? 129 VAL A CG1   1 
ATOM   1027 C  CG2   . VAL A 1 129 ? 3.478   18.025  6.356   1.00 13.55 ? 129 VAL A CG2   1 
ATOM   1028 N  N     . VAL A 1 130 ? 5.334   17.683  10.575  1.00 12.93 ? 130 VAL A N     1 
ATOM   1029 C  CA    . VAL A 1 130 ? 6.060   18.065  11.776  1.00 13.23 ? 130 VAL A CA    1 
ATOM   1030 C  C     . VAL A 1 130 ? 7.583   17.924  11.681  1.00 13.50 ? 130 VAL A C     1 
ATOM   1031 O  O     . VAL A 1 130 ? 8.308   18.396  12.564  1.00 14.37 ? 130 VAL A O     1 
ATOM   1032 C  CB    . VAL A 1 130 ? 5.571   17.217  12.976  1.00 13.06 ? 130 VAL A CB    1 
ATOM   1033 C  CG1   . VAL A 1 130 ? 4.096   17.492  13.242  1.00 13.26 ? 130 VAL A CG1   1 
ATOM   1034 C  CG2   . VAL A 1 130 ? 5.785   15.715  12.696  1.00 14.08 ? 130 VAL A CG2   1 
ATOM   1035 N  N     . THR A 1 131 ? 8.078   17.304  10.609  1.00 12.86 ? 131 THR A N     1 
ATOM   1036 C  CA    . THR A 1 131 ? 9.512   17.076  10.476  1.00 13.69 ? 131 THR A CA    1 
ATOM   1037 C  C     . THR A 1 131 ? 9.876   16.857  8.995   1.00 13.67 ? 131 THR A C     1 
ATOM   1038 O  O     . THR A 1 131 ? 8.980   16.706  8.162   1.00 12.12 ? 131 THR A O     1 
ATOM   1039 C  CB    . THR A 1 131 ? 9.891   15.817  11.279  1.00 15.09 ? 131 THR A CB    1 
ATOM   1040 O  OG1   . THR A 1 131 ? 11.310  15.797  11.511  1.00 18.57 ? 131 THR A OG1   1 
ATOM   1041 C  CG2   . THR A 1 131 ? 9.439   14.543  10.516  1.00 14.18 ? 131 THR A CG2   1 
ATOM   1042 N  N     . PRO A 1 132 ? 11.177  16.900  8.642   1.00 13.46 ? 132 PRO A N     1 
ATOM   1043 C  CA    . PRO A 1 132 ? 11.510  16.670  7.231   1.00 13.91 ? 132 PRO A CA    1 
ATOM   1044 C  C     . PRO A 1 132 ? 11.352  15.184  6.913   1.00 13.62 ? 132 PRO A C     1 
ATOM   1045 O  O     . PRO A 1 132 ? 11.471  14.341  7.795   1.00 13.84 ? 132 PRO A O     1 
ATOM   1046 C  CB    . PRO A 1 132 ? 12.990  17.034  7.142   1.00 14.48 ? 132 PRO A CB    1 
ATOM   1047 C  CG    . PRO A 1 132 ? 13.148  18.085  8.240   1.00 14.74 ? 132 PRO A CG    1 
ATOM   1048 C  CD    . PRO A 1 132 ? 12.328  17.488  9.364   1.00 13.86 ? 132 PRO A CD    1 
ATOM   1049 N  N     . PRO A 1 133 ? 11.079  14.848  5.650   1.00 14.32 ? 133 PRO A N     1 
ATOM   1050 C  CA    . PRO A 1 133 ? 10.950  13.428  5.331   1.00 13.95 ? 133 PRO A CA    1 
ATOM   1051 C  C     . PRO A 1 133 ? 12.318  12.753  5.502   1.00 14.78 ? 133 PRO A C     1 
ATOM   1052 O  O     . PRO A 1 133 ? 13.363  13.428  5.497   1.00 14.80 ? 133 PRO A O     1 
ATOM   1053 C  CB    . PRO A 1 133 ? 10.534  13.432  3.855   1.00 13.96 ? 133 PRO A CB    1 
ATOM   1054 C  CG    . PRO A 1 133 ? 9.787   14.730  3.699   1.00 16.01 ? 133 PRO A CG    1 
ATOM   1055 C  CD    . PRO A 1 133 ? 10.616  15.704  4.542   1.00 15.25 ? 133 PRO A CD    1 
ATOM   1056 N  N     . THR A 1 134 ? 12.310  11.433  5.651   1.00 14.89 ? 134 THR A N     1 
ATOM   1057 C  CA    . THR A 1 134 ? 13.524  10.626  5.782   1.00 16.86 ? 134 THR A CA    1 
ATOM   1058 C  C     . THR A 1 134 ? 13.350  9.470   4.813   1.00 17.23 ? 134 THR A C     1 
ATOM   1059 O  O     . THR A 1 134 ? 12.882  8.400   5.192   1.00 17.35 ? 134 THR A O     1 
ATOM   1060 C  CB    . THR A 1 134 ? 13.674  10.068  7.201   1.00 18.34 ? 134 THR A CB    1 
ATOM   1061 O  OG1   . THR A 1 134 ? 13.778  11.160  8.123   1.00 21.10 ? 134 THR A OG1   1 
ATOM   1062 C  CG2   . THR A 1 134 ? 14.929  9.216   7.304   1.00 19.98 ? 134 THR A CG2   1 
ATOM   1063 N  N     . LEU A 1 135 ? 13.726  9.703   3.562   1.00 17.12 ? 135 LEU A N     1 
ATOM   1064 C  CA    . LEU A 1 135 ? 13.544  8.703   2.519   1.00 18.08 ? 135 LEU A CA    1 
ATOM   1065 C  C     . LEU A 1 135 ? 14.665  7.689   2.421   1.00 19.82 ? 135 LEU A C     1 
ATOM   1066 O  O     . LEU A 1 135 ? 15.826  7.995   2.690   1.00 19.74 ? 135 LEU A O     1 
ATOM   1067 C  CB    . LEU A 1 135 ? 13.383  9.399   1.174   1.00 17.71 ? 135 LEU A CB    1 
ATOM   1068 C  CG    . LEU A 1 135 ? 12.211  10.375  1.048   1.00 17.17 ? 135 LEU A CG    1 
ATOM   1069 C  CD1   . LEU A 1 135 ? 12.249  11.021  -0.337  1.00 19.36 ? 135 LEU A CD1   1 
ATOM   1070 C  CD2   . LEU A 1 135 ? 10.891  9.643   1.241   1.00 17.84 ? 135 LEU A CD2   1 
ATOM   1071 N  N     . GLU A 1 136 ? 14.305  6.476   2.037   1.00 21.10 ? 136 GLU A N     1 
ATOM   1072 C  CA    . GLU A 1 136 ? 15.287  5.424   1.865   1.00 23.27 ? 136 GLU A CA    1 
ATOM   1073 C  C     . GLU A 1 136 ? 16.017  5.621   0.552   1.00 24.68 ? 136 GLU A C     1 
ATOM   1074 O  O     . GLU A 1 136 ? 15.555  6.363   -0.330  1.00 23.39 ? 136 GLU A O     1 
ATOM   1075 C  CB    . GLU A 1 136 ? 14.605  4.059   1.830   1.00 24.94 ? 136 GLU A CB    1 
ATOM   1076 C  CG    . GLU A 1 136 ? 14.321  3.464   3.194   1.00 27.66 ? 136 GLU A CG    1 
ATOM   1077 C  CD    . GLU A 1 136 ? 13.875  2.019   3.095   1.00 29.29 ? 136 GLU A CD    1 
ATOM   1078 O  OE1   . GLU A 1 136 ? 12.675  1.776   2.834   1.00 29.71 ? 136 GLU A OE1   1 
ATOM   1079 O  OE2   . GLU A 1 136 ? 14.733  1.122   3.263   1.00 31.61 ? 136 GLU A OE2   1 
ATOM   1080 N  N     . GLU A 1 137 ? 17.178  4.982   0.431   1.00 25.46 ? 137 GLU A N     1 
ATOM   1081 C  CA    . GLU A 1 137 ? 17.902  5.032   -0.821  1.00 27.64 ? 137 GLU A CA    1 
ATOM   1082 C  C     . GLU A 1 137 ? 16.964  4.131   -1.602  1.00 26.73 ? 137 GLU A C     1 
ATOM   1083 O  O     . GLU A 1 137 ? 16.616  3.035   -1.150  1.00 28.89 ? 137 GLU A O     1 
ATOM   1084 C  CB    . GLU A 1 137 ? 19.286  4.381   -0.694  1.00 29.61 ? 137 GLU A CB    1 
ATOM   1085 C  CG    . GLU A 1 137 ? 20.381  5.348   -0.260  1.00 32.83 ? 137 GLU A CG    1 
ATOM   1086 C  CD    . GLU A 1 137 ? 20.010  6.148   0.982   1.00 35.32 ? 137 GLU A CD    1 
ATOM   1087 O  OE1   . GLU A 1 137 ? 20.381  7.343   1.059   1.00 37.02 ? 137 GLU A OE1   1 
ATOM   1088 O  OE2   . GLU A 1 137 ? 19.354  5.583   1.888   1.00 37.33 ? 137 GLU A OE2   1 
ATOM   1089 N  N     . GLY A 1 138 ? 16.521  4.589   -2.749  1.00 25.57 ? 138 GLY A N     1 
ATOM   1090 C  CA    . GLY A 1 138 ? 15.595  3.782   -3.518  1.00 22.95 ? 138 GLY A CA    1 
ATOM   1091 C  C     . GLY A 1 138 ? 14.225  4.426   -3.552  1.00 21.07 ? 138 GLY A C     1 
ATOM   1092 O  O     . GLY A 1 138 ? 13.364  4.023   -4.330  1.00 22.83 ? 138 GLY A O     1 
ATOM   1093 N  N     . GLU A 1 139 ? 13.999  5.405   -2.680  1.00 17.91 ? 139 GLU A N     1 
ATOM   1094 C  CA    . GLU A 1 139 ? 12.720  6.113   -2.667  1.00 14.90 ? 139 GLU A CA    1 
ATOM   1095 C  C     . GLU A 1 139 ? 12.884  7.484   -3.303  1.00 14.18 ? 139 GLU A C     1 
ATOM   1096 O  O     . GLU A 1 139 ? 13.602  8.353   -2.785  1.00 15.59 ? 139 GLU A O     1 
ATOM   1097 C  CB    . GLU A 1 139 ? 12.171  6.289   -1.239  1.00 15.00 ? 139 GLU A CB    1 
ATOM   1098 C  CG    . GLU A 1 139 ? 11.675  5.020   -0.611  1.00 15.46 ? 139 GLU A CG    1 
ATOM   1099 C  CD    . GLU A 1 139 ? 10.990  5.249   0.725   1.00 14.64 ? 139 GLU A CD    1 
ATOM   1100 O  OE1   . GLU A 1 139 ? 11.588  5.918   1.594   1.00 15.36 ? 139 GLU A OE1   1 
ATOM   1101 O  OE2   . GLU A 1 139 ? 9.859   4.750   0.907   1.00 12.40 ? 139 GLU A OE2   1 
ATOM   1102 N  N     . LEU A 1 140 ? 12.216  7.686   -4.433  1.00 12.11 ? 140 LEU A N     1 
ATOM   1103 C  CA    . LEU A 1 140 ? 12.295  8.966   -5.119  1.00 11.56 ? 140 LEU A CA    1 
ATOM   1104 C  C     . LEU A 1 140 ? 10.881  9.505   -5.162  1.00 11.11 ? 140 LEU A C     1 
ATOM   1105 O  O     . LEU A 1 140 ? 10.029  9.045   -5.955  1.00 12.11 ? 140 LEU A O     1 
ATOM   1106 C  CB    . LEU A 1 140 ? 12.845  8.786   -6.537  1.00 11.25 ? 140 LEU A CB    1 
ATOM   1107 C  CG    . LEU A 1 140 ? 12.874  10.057  -7.378  1.00 11.70 ? 140 LEU A CG    1 
ATOM   1108 C  CD1   . LEU A 1 140 ? 13.726  11.131  -6.683  1.00 12.14 ? 140 LEU A CD1   1 
ATOM   1109 C  CD2   . LEU A 1 140 ? 13.423  9.723   -8.767  1.00 11.71 ? 140 LEU A CD2   1 
ATOM   1110 N  N     . LEU A 1 141 ? 10.606  10.465  -4.291  1.00 10.06 ? 141 LEU A N     1 
ATOM   1111 C  CA    . LEU A 1 141 ? 9.262   11.010  -4.244  1.00 11.55 ? 141 LEU A CA    1 
ATOM   1112 C  C     . LEU A 1 141 ? 9.272   12.386  -3.622  1.00 12.16 ? 141 LEU A C     1 
ATOM   1113 O  O     . LEU A 1 141 ? 10.257  12.796  -2.994  1.00 12.38 ? 141 LEU A O     1 
ATOM   1114 C  CB    . LEU A 1 141 ? 8.369   10.090  -3.410  1.00 11.33 ? 141 LEU A CB    1 
ATOM   1115 C  CG    . LEU A 1 141 ? 8.722   9.935   -1.926  1.00 11.47 ? 141 LEU A CG    1 
ATOM   1116 C  CD1   . LEU A 1 141 ? 8.088   11.084  -1.081  1.00 12.06 ? 141 LEU A CD1   1 
ATOM   1117 C  CD2   . LEU A 1 141 ? 8.177   8.588   -1.449  1.00 12.53 ? 141 LEU A CD2   1 
ATOM   1118 N  N     . GLU A 1 142 ? 8.159   13.079  -3.794  1.00 13.29 ? 142 GLU A N     1 
ATOM   1119 C  CA    . GLU A 1 142 ? 7.967   14.401  -3.233  1.00 15.64 ? 142 GLU A CA    1 
ATOM   1120 C  C     . GLU A 1 142 ? 6.566   14.392  -2.660  1.00 15.92 ? 142 GLU A C     1 
ATOM   1121 O  O     . GLU A 1 142 ? 5.664   13.769  -3.220  1.00 13.94 ? 142 GLU A O     1 
ATOM   1122 C  CB    . GLU A 1 142 ? 8.015   15.471  -4.317  1.00 19.03 ? 142 GLU A CB    1 
ATOM   1123 C  CG    . GLU A 1 142 ? 9.393   15.751  -4.837  1.00 25.84 ? 142 GLU A CG    1 
ATOM   1124 C  CD    . GLU A 1 142 ? 9.628   17.231  -4.974  1.00 28.66 ? 142 GLU A CD    1 
ATOM   1125 O  OE1   . GLU A 1 142 ? 8.812   17.906  -5.646  1.00 31.69 ? 142 GLU A OE1   1 
ATOM   1126 O  OE2   . GLU A 1 142 ? 10.618  17.724  -4.393  1.00 32.92 ? 142 GLU A OE2   1 
ATOM   1127 N  N     . SER A 1 143 ? 6.361   15.092  -1.558  1.00 16.30 ? 143 SER A N     1 
ATOM   1128 C  CA    . SER A 1 143 ? 5.024   15.106  -1.010  1.00 17.86 ? 143 SER A CA    1 
ATOM   1129 C  C     . SER A 1 143 ? 4.306   16.342  -1.522  1.00 18.63 ? 143 SER A C     1 
ATOM   1130 O  O     . SER A 1 143 ? 4.934   17.311  -1.966  1.00 19.33 ? 143 SER A O     1 
ATOM   1131 C  CB    . SER A 1 143 ? 5.066   15.080  0.526   1.00 20.58 ? 143 SER A CB    1 
ATOM   1132 O  OG    . SER A 1 143 ? 5.893   16.096  1.038   1.00 22.68 ? 143 SER A OG    1 
ATOM   1133 N  N     . LEU A 1 144 ? 2.984   16.290  -1.522  1.00 18.12 ? 144 LEU A N     1 
ATOM   1134 C  CA    . LEU A 1 144 ? 2.213   17.442  -1.937  1.00 18.30 ? 144 LEU A CA    1 
ATOM   1135 C  C     . LEU A 1 144 ? 0.926   17.480  -1.144  1.00 18.48 ? 144 LEU A C     1 
ATOM   1136 O  O     . LEU A 1 144 ? 0.612   16.540  -0.398  1.00 18.85 ? 144 LEU A O     1 
ATOM   1137 C  CB    . LEU A 1 144 ? 1.909   17.399  -3.432  1.00 19.18 ? 144 LEU A CB    1 
ATOM   1138 C  CG    . LEU A 1 144 ? 1.067   16.299  -4.057  1.00 19.99 ? 144 LEU A CG    1 
ATOM   1139 C  CD1   . LEU A 1 144 ? 0.465   16.802  -5.344  1.00 21.37 ? 144 LEU A CD1   1 
ATOM   1140 C  CD2   . LEU A 1 144 ? 1.922   15.086  -4.304  1.00 20.88 ? 144 LEU A CD2   1 
ATOM   1141 N  N     . GLU A 1 145 ? 0.187   18.570  -1.293  1.00 17.15 ? 145 GLU A N     1 
ATOM   1142 C  CA    . GLU A 1 145 ? -1.073  18.717  -0.577  1.00 17.16 ? 145 GLU A CA    1 
ATOM   1143 C  C     . GLU A 1 145 ? -2.161  19.105  -1.570  1.00 16.47 ? 145 GLU A C     1 
ATOM   1144 O  O     . GLU A 1 145 ? -1.995  20.046  -2.358  1.00 16.81 ? 145 GLU A O     1 
ATOM   1145 C  CB    . GLU A 1 145 ? -0.946  19.793  0.503   1.00 18.52 ? 145 GLU A CB    1 
ATOM   1146 C  CG    . GLU A 1 145 ? -2.215  20.005  1.313   1.00 20.44 ? 145 GLU A CG    1 
ATOM   1147 C  CD    . GLU A 1 145 ? -1.993  20.934  2.485   1.00 22.40 ? 145 GLU A CD    1 
ATOM   1148 O  OE1   . GLU A 1 145 ? -2.907  21.067  3.317   1.00 22.13 ? 145 GLU A OE1   1 
ATOM   1149 O  OE2   . GLU A 1 145 ? -0.895  21.530  2.564   1.00 24.94 ? 145 GLU A OE2   1 
ATOM   1150 N  N     . LEU A 1 146 ? -3.270  18.376  -1.546  1.00 15.76 ? 146 LEU A N     1 
ATOM   1151 C  CA    . LEU A 1 146 ? -4.366  18.671  -2.461  1.00 15.71 ? 146 LEU A CA    1 
ATOM   1152 C  C     . LEU A 1 146 ? -5.689  18.681  -1.733  1.00 15.81 ? 146 LEU A C     1 
ATOM   1153 O  O     . LEU A 1 146 ? -5.912  17.890  -0.824  1.00 15.03 ? 146 LEU A O     1 
ATOM   1154 C  CB    . LEU A 1 146 ? -4.474  17.601  -3.560  1.00 16.28 ? 146 LEU A CB    1 
ATOM   1155 C  CG    . LEU A 1 146 ? -3.399  17.416  -4.629  1.00 16.89 ? 146 LEU A CG    1 
ATOM   1156 C  CD1   . LEU A 1 146 ? -3.811  16.263  -5.552  1.00 18.03 ? 146 LEU A CD1   1 
ATOM   1157 C  CD2   . LEU A 1 146 ? -3.246  18.692  -5.427  1.00 18.49 ? 146 LEU A CD2   1 
ATOM   1158 N  N     . PRO A 1 147 ? -6.597  19.574  -2.135  1.00 16.03 ? 147 PRO A N     1 
ATOM   1159 C  CA    . PRO A 1 147 ? -7.893  19.580  -1.461  1.00 15.39 ? 147 PRO A CA    1 
ATOM   1160 C  C     . PRO A 1 147 ? -8.559  18.222  -1.728  1.00 14.84 ? 147 PRO A C     1 
ATOM   1161 O  O     . PRO A 1 147 ? -8.432  17.659  -2.821  1.00 13.29 ? 147 PRO A O     1 
ATOM   1162 C  CB    . PRO A 1 147 ? -8.655  20.692  -2.177  1.00 16.46 ? 147 PRO A CB    1 
ATOM   1163 C  CG    . PRO A 1 147 ? -7.598  21.612  -2.614  1.00 17.33 ? 147 PRO A CG    1 
ATOM   1164 C  CD    . PRO A 1 147 ? -6.485  20.691  -3.091  1.00 16.95 ? 147 PRO A CD    1 
ATOM   1165 N  N     . LEU A 1 148 ? -9.284  17.697  -0.747  1.00 14.73 ? 148 LEU A N     1 
ATOM   1166 C  CA    . LEU A 1 148 ? -9.959  16.426  -0.966  1.00 14.05 ? 148 LEU A CA    1 
ATOM   1167 C  C     . LEU A 1 148 ? -10.894 16.476  -2.173  1.00 14.65 ? 148 LEU A C     1 
ATOM   1168 O  O     . LEU A 1 148 ? -11.038 15.492  -2.890  1.00 13.86 ? 148 LEU A O     1 
ATOM   1169 C  CB    . LEU A 1 148 ? -10.753 16.022  0.275   1.00 14.52 ? 148 LEU A CB    1 
ATOM   1170 C  CG    . LEU A 1 148 ? -9.918  15.479  1.436   1.00 15.32 ? 148 LEU A CG    1 
ATOM   1171 C  CD1   . LEU A 1 148 ? -10.834 15.237  2.646   1.00 16.39 ? 148 LEU A CD1   1 
ATOM   1172 C  CD2   . LEU A 1 148 ? -9.230  14.162  1.027   1.00 14.64 ? 148 LEU A CD2   1 
ATOM   1173 N  N     . THR A 1 149 ? -11.545 17.614  -2.401  1.00 14.95 ? 149 THR A N     1 
ATOM   1174 C  CA    . THR A 1 149 ? -12.444 17.687  -3.546  1.00 15.27 ? 149 THR A CA    1 
ATOM   1175 C  C     . THR A 1 149 ? -11.685 17.404  -4.843  1.00 14.90 ? 149 THR A C     1 
ATOM   1176 O  O     . THR A 1 149 ? -12.202 16.717  -5.723  1.00 15.45 ? 149 THR A O     1 
ATOM   1177 C  CB    . THR A 1 149 ? -13.147 19.067  -3.636  1.00 16.81 ? 149 THR A CB    1 
ATOM   1178 O  OG1   . THR A 1 149 ? -12.170 20.104  -3.582  1.00 18.53 ? 149 THR A OG1   1 
ATOM   1179 C  CG2   . THR A 1 149 ? -14.151 19.227  -2.486  1.00 18.95 ? 149 THR A CG2   1 
ATOM   1180 N  N     . GLU A 1 150 ? -10.456 17.904  -4.949  1.00 15.03 ? 150 GLU A N     1 
ATOM   1181 C  CA    . GLU A 1 150 ? -9.654  17.684  -6.149  1.00 14.98 ? 150 GLU A CA    1 
ATOM   1182 C  C     . GLU A 1 150 ? -9.213  16.233  -6.246  1.00 14.63 ? 150 GLU A C     1 
ATOM   1183 O  O     . GLU A 1 150 ? -9.229  15.647  -7.334  1.00 13.57 ? 150 GLU A O     1 
ATOM   1184 C  CB    . GLU A 1 150 ? -8.431  18.609  -6.159  1.00 17.04 ? 150 GLU A CB    1 
ATOM   1185 C  CG    . GLU A 1 150 ? -8.813  20.031  -6.569  1.00 21.54 ? 150 GLU A CG    1 
ATOM   1186 C  CD    . GLU A 1 150 ? -7.648  21.005  -6.568  1.00 23.37 ? 150 GLU A CD    1 
ATOM   1187 O  OE1   . GLU A 1 150 ? -6.501  20.565  -6.822  1.00 24.60 ? 150 GLU A OE1   1 
ATOM   1188 O  OE2   . GLU A 1 150 ? -7.891  22.218  -6.321  1.00 25.63 ? 150 GLU A OE2   1 
ATOM   1189 N  N     . VAL A 1 151 ? -8.826  15.655  -5.111  1.00 13.09 ? 151 VAL A N     1 
ATOM   1190 C  CA    . VAL A 1 151 ? -8.387  14.252  -5.125  1.00 13.32 ? 151 VAL A CA    1 
ATOM   1191 C  C     . VAL A 1 151 ? -9.535  13.359  -5.565  1.00 13.34 ? 151 VAL A C     1 
ATOM   1192 O  O     . VAL A 1 151 ? -9.350  12.440  -6.370  1.00 14.16 ? 151 VAL A O     1 
ATOM   1193 C  CB    . VAL A 1 151 ? -7.887  13.780  -3.734  1.00 13.50 ? 151 VAL A CB    1 
ATOM   1194 C  CG1   . VAL A 1 151 ? -7.552  12.280  -3.769  1.00 14.22 ? 151 VAL A CG1   1 
ATOM   1195 C  CG2   . VAL A 1 151 ? -6.666  14.590  -3.314  1.00 13.20 ? 151 VAL A CG2   1 
ATOM   1196 N  N     . TYR A 1 152 ? -10.737 13.614  -5.056  1.00 12.43 ? 152 TYR A N     1 
ATOM   1197 C  CA    . TYR A 1 152 ? -11.834 12.753  -5.454  1.00 12.64 ? 152 TYR A CA    1 
ATOM   1198 C  C     . TYR A 1 152 ? -12.314 13.029  -6.870  1.00 13.48 ? 152 TYR A C     1 
ATOM   1199 O  O     . TYR A 1 152 ? -12.942 12.162  -7.480  1.00 14.39 ? 152 TYR A O     1 
ATOM   1200 C  CB    . TYR A 1 152 ? -12.972 12.815  -4.432  1.00 12.50 ? 152 TYR A CB    1 
ATOM   1201 C  CG    . TYR A 1 152 ? -12.705 11.890  -3.264  1.00 11.07 ? 152 TYR A CG    1 
ATOM   1202 C  CD1   . TYR A 1 152 ? -11.960 12.315  -2.160  1.00 10.75 ? 152 TYR A CD1   1 
ATOM   1203 C  CD2   . TYR A 1 152 ? -13.119 10.558  -3.307  1.00 11.29 ? 152 TYR A CD2   1 
ATOM   1204 C  CE1   . TYR A 1 152 ? -11.627 11.437  -1.140  1.00 11.51 ? 152 TYR A CE1   1 
ATOM   1205 C  CE2   . TYR A 1 152 ? -12.797 9.662   -2.276  1.00 10.26 ? 152 TYR A CE2   1 
ATOM   1206 C  CZ    . TYR A 1 152 ? -12.045 10.114  -1.197  1.00 10.54 ? 152 TYR A CZ    1 
ATOM   1207 O  OH    . TYR A 1 152 ? -11.701 9.245   -0.187  1.00 11.53 ? 152 TYR A OH    1 
ATOM   1208 N  N     . ALA A 1 153 ? -12.029 14.225  -7.397  1.00 14.28 ? 153 ALA A N     1 
ATOM   1209 C  CA    . ALA A 1 153 ? -12.398 14.529  -8.780  1.00 14.58 ? 153 ALA A CA    1 
ATOM   1210 C  C     . ALA A 1 153 ? -11.449 13.717  -9.658  1.00 14.48 ? 153 ALA A C     1 
ATOM   1211 O  O     . ALA A 1 153 ? -11.869 13.156  -10.680 1.00 15.67 ? 153 ALA A O     1 
ATOM   1212 C  CB    . ALA A 1 153 ? -12.247 16.036  -9.080  1.00 14.17 ? 153 ALA A CB    1 
ATOM   1213 N  N     . LEU A 1 154 ? -10.182 13.639  -9.259  1.00 13.34 ? 154 LEU A N     1 
ATOM   1214 C  CA    . LEU A 1 154 ? -9.204  12.850  -10.016 1.00 13.21 ? 154 LEU A CA    1 
ATOM   1215 C  C     . LEU A 1 154 ? -9.633  11.374  -10.020 1.00 13.45 ? 154 LEU A C     1 
ATOM   1216 O  O     . LEU A 1 154 ? -9.529  10.680  -11.029 1.00 13.15 ? 154 LEU A O     1 
ATOM   1217 C  CB    . LEU A 1 154 ? -7.805  12.964  -9.393  1.00 14.07 ? 154 LEU A CB    1 
ATOM   1218 C  CG    . LEU A 1 154 ? -7.117  14.328  -9.558  1.00 14.04 ? 154 LEU A CG    1 
ATOM   1219 C  CD1   . LEU A 1 154 ? -5.843  14.399  -8.717  1.00 15.26 ? 154 LEU A CD1   1 
ATOM   1220 C  CD2   . LEU A 1 154 ? -6.805  14.557  -11.048 1.00 16.83 ? 154 LEU A CD2   1 
ATOM   1221 N  N     . LEU A 1 155 ? -10.126 10.911  -8.885  1.00 13.07 ? 155 LEU A N     1 
ATOM   1222 C  CA    . LEU A 1 155 ? -10.564 9.512   -8.754  1.00 13.21 ? 155 LEU A CA    1 
ATOM   1223 C  C     . LEU A 1 155 ? -11.726 9.248   -9.704  1.00 14.62 ? 155 LEU A C     1 
ATOM   1224 O  O     . LEU A 1 155 ? -11.708 8.288   -10.462 1.00 13.81 ? 155 LEU A O     1 
ATOM   1225 C  CB    . LEU A 1 155 ? -11.005 9.213   -7.310  1.00 12.23 ? 155 LEU A CB    1 
ATOM   1226 C  CG    . LEU A 1 155 ? -11.438 7.751   -7.054  1.00 11.42 ? 155 LEU A CG    1 
ATOM   1227 C  CD1   . LEU A 1 155 ? -10.216 6.832   -7.135  1.00 12.45 ? 155 LEU A CD1   1 
ATOM   1228 C  CD2   . LEU A 1 155 ? -12.087 7.650   -5.684  1.00 11.67 ? 155 LEU A CD2   1 
ATOM   1229 N  N     . ALA A 1 156 ? -12.719 10.133  -9.675  1.00 15.87 ? 156 ALA A N     1 
ATOM   1230 C  CA    . ALA A 1 156 ? -13.898 9.975   -10.524 1.00 17.23 ? 156 ALA A CA    1 
ATOM   1231 C  C     . ALA A 1 156 ? -13.542 10.027  -12.003 1.00 18.67 ? 156 ALA A C     1 
ATOM   1232 O  O     . ALA A 1 156 ? -14.168 9.336   -12.805 1.00 19.26 ? 156 ALA A O     1 
ATOM   1233 C  CB    . ALA A 1 156 ? -14.929 11.053  -10.199 1.00 18.68 ? 156 ALA A CB    1 
ATOM   1234 N  N     . LYS A 1 157 ? -12.550 10.843  -12.359 1.00 18.73 ? 157 LYS A N     1 
ATOM   1235 C  CA    . LYS A 1 157 ? -12.122 10.971  -13.749 1.00 19.65 ? 157 LYS A CA    1 
ATOM   1236 C  C     . LYS A 1 157 ? -11.264 9.798   -14.214 1.00 18.99 ? 157 LYS A C     1 
ATOM   1237 O  O     . LYS A 1 157 ? -10.876 9.749   -15.381 1.00 19.31 ? 157 LYS A O     1 
ATOM   1238 C  CB    . LYS A 1 157 ? -11.314 12.253  -13.964 1.00 21.73 ? 157 LYS A CB    1 
ATOM   1239 C  CG    . LYS A 1 157 ? -12.111 13.545  -13.956 1.00 25.57 ? 157 LYS A CG    1 
ATOM   1240 C  CD    . LYS A 1 157 ? -11.165 14.723  -14.243 1.00 28.34 ? 157 LYS A CD    1 
ATOM   1241 C  CE    . LYS A 1 157 ? -11.905 16.040  -14.449 1.00 30.65 ? 157 LYS A CE    1 
ATOM   1242 N  NZ    . LYS A 1 157 ? -12.675 16.457  -13.241 1.00 32.53 ? 157 LYS A NZ    1 
ATOM   1243 N  N     . GLY A 1 158 ? -10.944 8.883   -13.296 1.00 17.35 ? 158 GLY A N     1 
ATOM   1244 C  CA    . GLY A 1 158 ? -10.135 7.728   -13.641 1.00 16.61 ? 158 GLY A CA    1 
ATOM   1245 C  C     . GLY A 1 158 ? -8.652  8.036   -13.762 1.00 15.67 ? 158 GLY A C     1 
ATOM   1246 O  O     . GLY A 1 158 ? -7.913  7.290   -14.404 1.00 15.95 ? 158 GLY A O     1 
ATOM   1247 N  N     . GLU A 1 159 ? -8.210  9.120   -13.121 1.00 14.85 ? 159 GLU A N     1 
ATOM   1248 C  CA    . GLU A 1 159 ? -6.819  9.548   -13.192 1.00 15.19 ? 159 GLU A CA    1 
ATOM   1249 C  C     . GLU A 1 159 ? -5.872  9.018   -12.104 1.00 13.72 ? 159 GLU A C     1 
ATOM   1250 O  O     . GLU A 1 159 ? -4.676  9.273   -12.153 1.00 13.56 ? 159 GLU A O     1 
ATOM   1251 C  CB    . GLU A 1 159 ? -6.758  11.089  -13.247 1.00 17.75 ? 159 GLU A CB    1 
ATOM   1252 C  CG    . GLU A 1 159 ? -7.273  11.652  -14.576 1.00 22.30 ? 159 GLU A CG    1 
ATOM   1253 C  CD    . GLU A 1 159 ? -7.175  13.162  -14.653 1.00 24.81 ? 159 GLU A CD    1 
ATOM   1254 O  OE1   . GLU A 1 159 ? -6.137  13.717  -14.232 1.00 27.01 ? 159 GLU A OE1   1 
ATOM   1255 O  OE2   . GLU A 1 159 ? -8.136  13.794  -15.138 1.00 28.20 ? 159 GLU A OE2   1 
ATOM   1256 N  N     . ILE A 1 160 ? -6.398  8.269   -11.138 1.00 12.26 ? 160 ILE A N     1 
ATOM   1257 C  CA    . ILE A 1 160 ? -5.558  7.703   -10.076 1.00 12.09 ? 160 ILE A CA    1 
ATOM   1258 C  C     . ILE A 1 160 ? -5.139  6.327   -10.591 1.00 12.46 ? 160 ILE A C     1 
ATOM   1259 O  O     . ILE A 1 160 ? -5.940  5.394   -10.573 1.00 16.03 ? 160 ILE A O     1 
ATOM   1260 C  CB    . ILE A 1 160 ? -6.362  7.543   -8.757  1.00 11.43 ? 160 ILE A CB    1 
ATOM   1261 C  CG1   . ILE A 1 160 ? -6.859  8.902   -8.265  1.00 11.54 ? 160 ILE A CG1   1 
ATOM   1262 C  CG2   . ILE A 1 160 ? -5.482  6.875   -7.692  1.00 11.23 ? 160 ILE A CG2   1 
ATOM   1263 C  CD1   . ILE A 1 160 ? -5.782  9.876   -7.929  1.00 10.92 ? 160 ILE A CD1   1 
ATOM   1264 N  N     . GLN A 1 161 ? -3.892  6.187   -11.021 1.00 11.77 ? 161 GLN A N     1 
ATOM   1265 C  CA    . GLN A 1 161 ? -3.452  4.932   -11.618 1.00 11.93 ? 161 GLN A CA    1 
ATOM   1266 C  C     . GLN A 1 161 ? -3.009  3.864   -10.646 1.00 11.11 ? 161 GLN A C     1 
ATOM   1267 O  O     . GLN A 1 161 ? -3.048  2.685   -10.972 1.00 11.92 ? 161 GLN A O     1 
ATOM   1268 C  CB    . GLN A 1 161 ? -2.324  5.212   -12.612 1.00 14.61 ? 161 GLN A CB    1 
ATOM   1269 C  CG    . GLN A 1 161 ? -2.768  6.149   -13.734 1.00 18.68 ? 161 GLN A CG    1 
ATOM   1270 C  CD    . GLN A 1 161 ? -1.720  6.300   -14.824 1.00 21.49 ? 161 GLN A CD    1 
ATOM   1271 O  OE1   . GLN A 1 161 ? -1.721  7.278   -15.563 1.00 25.23 ? 161 GLN A OE1   1 
ATOM   1272 N  NE2   . GLN A 1 161 ? -0.841  5.325   -14.938 1.00 23.23 ? 161 GLN A NE2   1 
ATOM   1273 N  N     . ASP A 1 162 ? -2.559  4.267   -9.465  1.00 8.80  ? 162 ASP A N     1 
ATOM   1274 C  CA    . ASP A 1 162 ? -2.132  3.277   -8.471  1.00 8.59  ? 162 ASP A CA    1 
ATOM   1275 C  C     . ASP A 1 162 ? -3.376  2.632   -7.864  1.00 9.14  ? 162 ASP A C     1 
ATOM   1276 O  O     . ASP A 1 162 ? -4.187  3.318   -7.228  1.00 8.88  ? 162 ASP A O     1 
ATOM   1277 C  CB    . ASP A 1 162 ? -1.315  3.929   -7.356  1.00 10.19 ? 162 ASP A CB    1 
ATOM   1278 C  CG    . ASP A 1 162 ? -0.948  2.928   -6.272  1.00 10.47 ? 162 ASP A CG    1 
ATOM   1279 O  OD1   . ASP A 1 162 ? -1.263  3.155   -5.073  1.00 10.90 ? 162 ASP A OD1   1 
ATOM   1280 O  OD2   . ASP A 1 162 ? -0.354  1.890   -6.629  1.00 11.26 ? 162 ASP A OD2   1 
ATOM   1281 N  N     . ALA A 1 163 ? -3.524  1.316   -8.044  1.00 8.50  ? 163 ALA A N     1 
ATOM   1282 C  CA    . ALA A 1 163 ? -4.702  0.624   -7.539  1.00 8.22  ? 163 ALA A CA    1 
ATOM   1283 C  C     . ALA A 1 163 ? -4.934  0.796   -6.047  1.00 7.37  ? 163 ALA A C     1 
ATOM   1284 O  O     . ALA A 1 163 ? -6.049  1.055   -5.626  1.00 8.41  ? 163 ALA A O     1 
ATOM   1285 C  CB    . ALA A 1 163 ? -4.614  -0.865  -7.849  1.00 9.86  ? 163 ALA A CB    1 
ATOM   1286 N  N     . SER A 1 164 ? -3.874  0.640   -5.259  1.00 8.21  ? 164 SER A N     1 
ATOM   1287 C  CA    . SER A 1 164 ? -4.019  0.710   -3.803  1.00 8.42  ? 164 SER A CA    1 
ATOM   1288 C  C     . SER A 1 164 ? -4.471  2.064   -3.325  1.00 8.35  ? 164 SER A C     1 
ATOM   1289 O  O     . SER A 1 164 ? -5.275  2.161   -2.392  1.00 8.90  ? 164 SER A O     1 
ATOM   1290 C  CB    . SER A 1 164 ? -2.721  0.300   -3.140  1.00 9.62  ? 164 SER A CB    1 
ATOM   1291 O  OG    . SER A 1 164 ? -2.386  -1.017  -3.533  1.00 10.61 ? 164 SER A OG    1 
ATOM   1292 N  N     . THR A 1 165 ? -3.959  3.104   -3.968  1.00 7.39  ? 165 THR A N     1 
ATOM   1293 C  CA    . THR A 1 165 ? -4.365  4.461   -3.644  1.00 8.09  ? 165 THR A CA    1 
ATOM   1294 C  C     . THR A 1 165 ? -5.832  4.655   -4.020  1.00 8.51  ? 165 THR A C     1 
ATOM   1295 O  O     . THR A 1 165 ? -6.616  5.191   -3.237  1.00 9.13  ? 165 THR A O     1 
ATOM   1296 C  CB    . THR A 1 165 ? -3.468  5.467   -4.378  1.00 7.45  ? 165 THR A CB    1 
ATOM   1297 O  OG1   . THR A 1 165 ? -2.144  5.385   -3.825  1.00 8.20  ? 165 THR A OG1   1 
ATOM   1298 C  CG2   . THR A 1 165 ? -4.000  6.917   -4.205  1.00 8.77  ? 165 THR A CG2   1 
ATOM   1299 N  N     . ALA A 1 166 ? -6.205  4.196   -5.212  1.00 8.20  ? 166 ALA A N     1 
ATOM   1300 C  CA    . ALA A 1 166 ? -7.595  4.322   -5.640  1.00 8.26  ? 166 ALA A CA    1 
ATOM   1301 C  C     . ALA A 1 166 ? -8.536  3.610   -4.687  1.00 7.82  ? 166 ALA A C     1 
ATOM   1302 O  O     . ALA A 1 166 ? -9.541  4.194   -4.281  1.00 7.62  ? 166 ALA A O     1 
ATOM   1303 C  CB    . ALA A 1 166 ? -7.757  3.778   -7.066  1.00 8.07  ? 166 ALA A CB    1 
ATOM   1304 N  N     . LEU A 1 167 ? -8.206  2.375   -4.308  1.00 8.58  ? 167 LEU A N     1 
ATOM   1305 C  CA    . LEU A 1 167 ? -9.066  1.611   -3.414  1.00 9.36  ? 167 LEU A CA    1 
ATOM   1306 C  C     . LEU A 1 167 ? -9.131  2.229   -2.030  1.00 9.69  ? 167 LEU A C     1 
ATOM   1307 O  O     . LEU A 1 167 ? -10.196 2.249   -1.412  1.00 9.92  ? 167 LEU A O     1 
ATOM   1308 C  CB    . LEU A 1 167 ? -8.579  0.157   -3.352  1.00 10.57 ? 167 LEU A CB    1 
ATOM   1309 C  CG    . LEU A 1 167 ? -9.478  -0.886  -2.681  1.00 12.75 ? 167 LEU A CG    1 
ATOM   1310 C  CD1   . LEU A 1 167 ? -10.917 -0.812  -3.207  1.00 13.27 ? 167 LEU A CD1   1 
ATOM   1311 C  CD2   . LEU A 1 167 ? -8.874  -2.258  -2.963  1.00 12.88 ? 167 LEU A CD2   1 
ATOM   1312 N  N     . THR A 1 168 ? -7.995  2.706   -1.527  1.00 9.28  ? 168 THR A N     1 
ATOM   1313 C  CA    . THR A 1 168 ? -7.998  3.369   -0.221  1.00 9.34  ? 168 THR A CA    1 
ATOM   1314 C  C     . THR A 1 168 ? -8.951  4.568   -0.305  1.00 9.73  ? 168 THR A C     1 
ATOM   1315 O  O     . THR A 1 168 ? -9.743  4.788   0.615   1.00 9.56  ? 168 THR A O     1 
ATOM   1316 C  CB    . THR A 1 168 ? -6.585  3.839   0.155   1.00 9.29  ? 168 THR A CB    1 
ATOM   1317 O  OG1   . THR A 1 168 ? -5.738  2.686   0.278   1.00 10.28 ? 168 THR A OG1   1 
ATOM   1318 C  CG2   . THR A 1 168 ? -6.586  4.600   1.490   1.00 9.97  ? 168 THR A CG2   1 
ATOM   1319 N  N     . LEU A 1 169 ? -8.892  5.344   -1.393  1.00 8.52  ? 169 LEU A N     1 
ATOM   1320 C  CA    . LEU A 1 169 ? -9.791  6.497   -1.518  1.00 9.56  ? 169 LEU A CA    1 
ATOM   1321 C  C     . LEU A 1 169 ? -11.255 6.049   -1.536  1.00 9.97  ? 169 LEU A C     1 
ATOM   1322 O  O     . LEU A 1 169 ? -12.098 6.662   -0.884  1.00 9.75  ? 169 LEU A O     1 
ATOM   1323 C  CB    . LEU A 1 169 ? -9.481  7.307   -2.791  1.00 9.41  ? 169 LEU A CB    1 
ATOM   1324 C  CG    . LEU A 1 169 ? -8.133  8.073   -2.744  1.00 10.08 ? 169 LEU A CG    1 
ATOM   1325 C  CD1   . LEU A 1 169 ? -7.765  8.539   -4.145  1.00 10.02 ? 169 LEU A CD1   1 
ATOM   1326 C  CD2   . LEU A 1 169 ? -8.199  9.269   -1.801  1.00 11.61 ? 169 LEU A CD2   1 
ATOM   1327 N  N     . PHE A 1 170 ? -11.576 4.991   -2.280  1.00 9.19  ? 170 PHE A N     1 
ATOM   1328 C  CA    . PHE A 1 170 ? -12.964 4.542   -2.296  1.00 9.05  ? 170 PHE A CA    1 
ATOM   1329 C  C     . PHE A 1 170 ? -13.446 4.095   -0.910  1.00 9.58  ? 170 PHE A C     1 
ATOM   1330 O  O     . PHE A 1 170 ? -14.572 4.423   -0.485  1.00 11.53 ? 170 PHE A O     1 
ATOM   1331 C  CB    . PHE A 1 170 ? -13.141 3.404   -3.319  1.00 9.23  ? 170 PHE A CB    1 
ATOM   1332 C  CG    . PHE A 1 170 ? -13.355 3.893   -4.731  1.00 10.02 ? 170 PHE A CG    1 
ATOM   1333 C  CD1   . PHE A 1 170 ? -14.485 4.642   -5.058  1.00 11.43 ? 170 PHE A CD1   1 
ATOM   1334 C  CD2   . PHE A 1 170 ? -12.443 3.584   -5.736  1.00 9.78  ? 170 PHE A CD2   1 
ATOM   1335 C  CE1   . PHE A 1 170 ? -14.687 5.064   -6.372  1.00 11.25 ? 170 PHE A CE1   1 
ATOM   1336 C  CE2   . PHE A 1 170 ? -12.643 4.002   -7.044  1.00 11.28 ? 170 PHE A CE2   1 
ATOM   1337 C  CZ    . PHE A 1 170 ? -13.762 4.741   -7.364  1.00 11.33 ? 170 PHE A CZ    1 
ATOM   1338 N  N     . TYR A 1 171 ? -12.622 3.339   -0.199  1.00 9.95  ? 171 TYR A N     1 
ATOM   1339 C  CA    . TYR A 1 171 ? -13.014 2.902   1.144   1.00 9.76  ? 171 TYR A CA    1 
ATOM   1340 C  C     . TYR A 1 171 ? -13.073 4.071   2.141   1.00 11.16 ? 171 TYR A C     1 
ATOM   1341 O  O     . TYR A 1 171 ? -13.883 4.061   3.076   1.00 11.04 ? 171 TYR A O     1 
ATOM   1342 C  CB    . TYR A 1 171 ? -12.046 1.853   1.687   1.00 9.14  ? 171 TYR A CB    1 
ATOM   1343 C  CG    . TYR A 1 171 ? -12.202 0.482   1.069   1.00 8.95  ? 171 TYR A CG    1 
ATOM   1344 C  CD1   . TYR A 1 171 ? -13.460 -0.091  0.896   1.00 8.71  ? 171 TYR A CD1   1 
ATOM   1345 C  CD2   . TYR A 1 171 ? -11.085 -0.277  0.754   1.00 7.95  ? 171 TYR A CD2   1 
ATOM   1346 C  CE1   . TYR A 1 171 ? -13.605 -1.405  0.424   1.00 9.40  ? 171 TYR A CE1   1 
ATOM   1347 C  CE2   . TYR A 1 171 ? -11.216 -1.597  0.301   1.00 8.86  ? 171 TYR A CE2   1 
ATOM   1348 C  CZ    . TYR A 1 171 ? -12.476 -2.148  0.139   1.00 8.69  ? 171 TYR A CZ    1 
ATOM   1349 O  OH    . TYR A 1 171 ? -12.584 -3.463  -0.269  1.00 9.91  ? 171 TYR A OH    1 
ATOM   1350 N  N     . ALA A 1 172 ? -12.220 5.070   1.955   1.00 10.99 ? 172 ALA A N     1 
ATOM   1351 C  CA    . ALA A 1 172 ? -12.210 6.208   2.872   1.00 11.53 ? 172 ALA A CA    1 
ATOM   1352 C  C     . ALA A 1 172 ? -13.382 7.158   2.703   1.00 12.06 ? 172 ALA A C     1 
ATOM   1353 O  O     . ALA A 1 172 ? -13.818 7.802   3.673   1.00 13.11 ? 172 ALA A O     1 
ATOM   1354 C  CB    . ALA A 1 172 ? -10.898 7.008   2.702   1.00 11.05 ? 172 ALA A CB    1 
ATOM   1355 N  N     . GLU A 1 173 ? -13.897 7.234   1.482   1.00 12.01 ? 173 GLU A N     1 
ATOM   1356 C  CA    . GLU A 1 173 ? -14.942 8.189   1.158   1.00 13.39 ? 173 GLU A CA    1 
ATOM   1357 C  C     . GLU A 1 173 ? -16.126 8.268   2.128   1.00 13.44 ? 173 GLU A C     1 
ATOM   1358 O  O     . GLU A 1 173 ? -16.454 9.355   2.602   1.00 13.20 ? 173 GLU A O     1 
ATOM   1359 C  CB    . GLU A 1 173 ? -15.433 7.980   -0.282  1.00 14.00 ? 173 GLU A CB    1 
ATOM   1360 C  CG    . GLU A 1 173 ? -16.204 9.194   -0.809  1.00 16.14 ? 173 GLU A CG    1 
ATOM   1361 C  CD    . GLU A 1 173 ? -16.666 9.035   -2.244  1.00 18.02 ? 173 GLU A CD    1 
ATOM   1362 O  OE1   . GLU A 1 173 ? -16.295 8.037   -2.897  1.00 18.18 ? 173 GLU A OE1   1 
ATOM   1363 O  OE2   . GLU A 1 173 ? -17.398 9.921   -2.722  1.00 19.69 ? 173 GLU A OE2   1 
ATOM   1364 N  N     . PRO A 1 174 ? -16.773 7.132   2.447   1.00 13.77 ? 174 PRO A N     1 
ATOM   1365 C  CA    . PRO A 1 174 ? -17.905 7.282   3.378   1.00 14.16 ? 174 PRO A CA    1 
ATOM   1366 C  C     . PRO A 1 174 ? -17.531 7.863   4.732   1.00 14.02 ? 174 PRO A C     1 
ATOM   1367 O  O     . PRO A 1 174 ? -18.312 8.627   5.308   1.00 13.53 ? 174 PRO A O     1 
ATOM   1368 C  CB    . PRO A 1 174 ? -18.481 5.865   3.482   1.00 15.38 ? 174 PRO A CB    1 
ATOM   1369 C  CG    . PRO A 1 174 ? -17.321 4.973   3.076   1.00 16.35 ? 174 PRO A CG    1 
ATOM   1370 C  CD    . PRO A 1 174 ? -16.659 5.747   1.961   1.00 14.94 ? 174 PRO A CD    1 
ATOM   1371 N  N     . HIS A 1 175 ? -16.357 7.497   5.240   1.00 12.42 ? 175 HIS A N     1 
ATOM   1372 C  CA    . HIS A 1 175 ? -15.873 8.014   6.521   1.00 12.87 ? 175 HIS A CA    1 
ATOM   1373 C  C     . HIS A 1 175 ? -15.634 9.520   6.422   1.00 13.09 ? 175 HIS A C     1 
ATOM   1374 O  O     . HIS A 1 175 ? -15.958 10.281  7.342   1.00 12.86 ? 175 HIS A O     1 
ATOM   1375 C  CB    . HIS A 1 175 ? -14.557 7.345   6.899   1.00 13.76 ? 175 HIS A CB    1 
ATOM   1376 C  CG    . HIS A 1 175 ? -14.695 5.905   7.274   1.00 14.64 ? 175 HIS A CG    1 
ATOM   1377 N  ND1   . HIS A 1 175 ? -15.200 5.495   8.491   1.00 16.14 ? 175 HIS A ND1   1 
ATOM   1378 C  CD2   . HIS A 1 175 ? -14.368 4.775   6.605   1.00 16.25 ? 175 HIS A CD2   1 
ATOM   1379 C  CE1   . HIS A 1 175 ? -15.178 4.175   8.554   1.00 16.68 ? 175 HIS A CE1   1 
ATOM   1380 N  NE2   . HIS A 1 175 ? -14.680 3.712   7.419   1.00 17.26 ? 175 HIS A NE2   1 
ATOM   1381 N  N     . LEU A 1 176 ? -15.033 9.958   5.321   1.00 12.77 ? 176 LEU A N     1 
ATOM   1382 C  CA    . LEU A 1 176 ? -14.781 11.383  5.161   1.00 12.93 ? 176 LEU A CA    1 
ATOM   1383 C  C     . LEU A 1 176 ? -16.080 12.177  5.113   1.00 13.37 ? 176 LEU A C     1 
ATOM   1384 O  O     . LEU A 1 176 ? -16.160 13.274  5.672   1.00 13.16 ? 176 LEU A O     1 
ATOM   1385 C  CB    . LEU A 1 176 ? -13.971 11.655  3.894   1.00 12.31 ? 176 LEU A CB    1 
ATOM   1386 C  CG    . LEU A 1 176 ? -12.552 11.082  3.982   1.00 12.71 ? 176 LEU A CG    1 
ATOM   1387 C  CD1   . LEU A 1 176 ? -11.904 11.164  2.611   1.00 12.84 ? 176 LEU A CD1   1 
ATOM   1388 C  CD2   . LEU A 1 176 ? -11.716 11.848  4.991   1.00 13.23 ? 176 LEU A CD2   1 
ATOM   1389 N  N     . LYS A 1 177 ? -17.087 11.635  4.442   1.00 13.15 ? 177 LYS A N     1 
ATOM   1390 C  CA    . LYS A 1 177 ? -18.367 12.337  4.372   1.00 13.97 ? 177 LYS A CA    1 
ATOM   1391 C  C     . LYS A 1 177 ? -19.021 12.352  5.754   1.00 14.81 ? 177 LYS A C     1 
ATOM   1392 O  O     . LYS A 1 177 ? -19.571 13.382  6.176   1.00 15.23 ? 177 LYS A O     1 
ATOM   1393 C  CB    . LYS A 1 177 ? -19.280 11.674  3.335   1.00 15.48 ? 177 LYS A CB    1 
ATOM   1394 C  CG    . LYS A 1 177 ? -18.775 11.860  1.887   1.00 16.13 ? 177 LYS A CG    1 
ATOM   1395 C  CD    . LYS A 1 177 ? -19.679 11.183  0.868   1.00 19.63 ? 177 LYS A CD    1 
ATOM   1396 C  CE    . LYS A 1 177 ? -19.294 11.602  -0.554  1.00 20.19 ? 177 LYS A CE    1 
ATOM   1397 N  NZ    . LYS A 1 177 ? -20.189 11.008  -1.593  1.00 23.60 ? 177 LYS A NZ    1 
ATOM   1398 N  N     . ARG A 1 178 ? -18.917 11.237  6.479   1.00 14.03 ? 178 ARG A N     1 
ATOM   1399 C  CA    . ARG A 1 178 ? -19.504 11.123  7.820   1.00 14.62 ? 178 ARG A CA    1 
ATOM   1400 C  C     . ARG A 1 178 ? -18.872 12.125  8.777   1.00 15.09 ? 178 ARG A C     1 
ATOM   1401 O  O     . ARG A 1 178 ? -19.562 12.769  9.577   1.00 14.34 ? 178 ARG A O     1 
ATOM   1402 C  CB    . ARG A 1 178 ? -19.305 9.694   8.345   1.00 15.86 ? 178 ARG A CB    1 
ATOM   1403 C  CG    . ARG A 1 178 ? -19.587 9.488   9.817   1.00 17.36 ? 178 ARG A CG    1 
ATOM   1404 C  CD    . ARG A 1 178 ? -19.467 8.004   10.166  1.00 17.59 ? 178 ARG A CD    1 
ATOM   1405 N  NE    . ARG A 1 178 ? -18.086 7.517   10.081  1.00 18.90 ? 178 ARG A NE    1 
ATOM   1406 C  CZ    . ARG A 1 178 ? -17.150 7.773   10.986  1.00 18.39 ? 178 ARG A CZ    1 
ATOM   1407 N  NH1   . ARG A 1 178 ? -17.438 8.512   12.056  1.00 19.54 ? 178 ARG A NH1   1 
ATOM   1408 N  NH2   . ARG A 1 178 ? -15.920 7.281   10.838  1.00 18.27 ? 178 ARG A NH2   1 
ATOM   1409 N  N     . LEU A 1 179 ? -17.556 12.263  8.679   1.00 13.93 ? 179 LEU A N     1 
ATOM   1410 C  CA    . LEU A 1 179 ? -16.821 13.154  9.554   1.00 15.37 ? 179 LEU A CA    1 
ATOM   1411 C  C     . LEU A 1 179 ? -16.933 14.623  9.148   1.00 15.37 ? 179 LEU A C     1 
ATOM   1412 O  O     . LEU A 1 179 ? -16.491 15.486  9.890   1.00 16.23 ? 179 LEU A O     1 
ATOM   1413 C  CB    . LEU A 1 179 ? -15.350 12.726  9.616   1.00 15.81 ? 179 LEU A CB    1 
ATOM   1414 C  CG    . LEU A 1 179 ? -15.140 11.340  10.232  1.00 16.79 ? 179 LEU A CG    1 
ATOM   1415 C  CD1   . LEU A 1 179 ? -13.711 10.868  10.003  1.00 17.68 ? 179 LEU A CD1   1 
ATOM   1416 C  CD2   . LEU A 1 179 ? -15.436 11.387  11.711  1.00 17.82 ? 179 LEU A CD2   1 
ATOM   1417 N  N     . GLY A 1 180 ? -17.495 14.888  7.969   1.00 14.63 ? 180 GLY A N     1 
ATOM   1418 C  CA    . GLY A 1 180 ? -17.675 16.261  7.506   1.00 15.85 ? 180 GLY A CA    1 
ATOM   1419 C  C     . GLY A 1 180 ? -16.461 16.857  6.810   1.00 16.33 ? 180 GLY A C     1 
ATOM   1420 O  O     . GLY A 1 180 ? -16.373 18.077  6.624   1.00 17.11 ? 180 GLY A O     1 
ATOM   1421 N  N     . LEU A 1 181 ? -15.528 15.996  6.413   1.00 16.18 ? 181 LEU A N     1 
ATOM   1422 C  CA    . LEU A 1 181 ? -14.316 16.440  5.734   1.00 16.32 ? 181 LEU A CA    1 
ATOM   1423 C  C     . LEU A 1 181 ? -14.468 16.442  4.212   1.00 17.37 ? 181 LEU A C     1 
ATOM   1424 O  O     . LEU A 1 181 ? -13.615 16.976  3.504   1.00 18.48 ? 181 LEU A O     1 
ATOM   1425 C  CB    . LEU A 1 181 ? -13.137 15.552  6.154   1.00 16.60 ? 181 LEU A CB    1 
ATOM   1426 C  CG    . LEU A 1 181 ? -12.795 15.630  7.649   1.00 16.80 ? 181 LEU A CG    1 
ATOM   1427 C  CD1   . LEU A 1 181 ? -11.968 14.430  8.072   1.00 17.72 ? 181 LEU A CD1   1 
ATOM   1428 C  CD2   . LEU A 1 181 ? -12.045 16.917  7.935   1.00 17.57 ? 181 LEU A CD2   1 
ATOM   1429 N  N     . LEU A 1 182 ? -15.572 15.881  3.728   1.00 17.55 ? 182 LEU A N     1 
ATOM   1430 C  CA    . LEU A 1 182 ? -15.870 15.789  2.301   1.00 17.88 ? 182 LEU A CA    1 
ATOM   1431 C  C     . LEU A 1 182 ? -17.373 15.896  2.081   1.00 18.97 ? 182 LEU A C     1 
ATOM   1432 O  O     . LEU A 1 182 ? -18.127 15.508  2.991   1.00 19.92 ? 182 LEU A O     1 
ATOM   1433 C  CB    . LEU A 1 182 ? -15.374 14.433  1.749   1.00 17.62 ? 182 LEU A CB    1 
ATOM   1434 C  CG    . LEU A 1 182 ? -15.537 14.180  0.247   1.00 17.95 ? 182 LEU A CG    1 
ATOM   1435 C  CD1   . LEU A 1 182 ? -14.636 15.153  -0.491  1.00 17.92 ? 182 LEU A CD1   1 
ATOM   1436 C  CD2   . LEU A 1 182 ? -15.159 12.746  -0.118  1.00 17.77 ? 182 LEU A CD2   1 
ATOM   1437 O  OXT   . LEU A 1 182 ? -17.789 16.317  0.985   1.00 20.51 ? 182 LEU A OXT   1 
HETATM 1438 MG MG    . MG  B 2 .   ? 8.753   4.227   2.504   1.00 11.58 ? 183 MG  A MG    1 
HETATM 1439 MG MG    . MG  C 2 .   ? 6.477   3.746   0.274   1.00 10.52 ? 184 MG  A MG    1 
HETATM 1440 MG MG    . MG  D 2 .   ? 9.670   0.975   4.295   1.00 28.40 ? 185 MG  A MG    1 
HETATM 1441 P  PA    . RBY E 3 .   ? 8.609   1.107   1.150   1.00 18.12 ? 186 RBY A PA    1 
HETATM 1442 O  "O5'" . RBY E 3 .   ? 10.209  1.221   0.742   1.00 20.61 ? 186 RBY A "O5'" 1 
HETATM 1443 C  "C5'" . RBY E 3 .   ? 11.483  1.645   1.103   1.00 24.91 ? 186 RBY A "C5'" 1 
HETATM 1444 C  "C4'" . RBY E 3 .   ? 11.998  1.187   -0.353  1.00 25.11 ? 186 RBY A "C4'" 1 
HETATM 1445 O  "O4'" . RBY E 3 .   ? 11.523  -0.062  -1.063  1.00 25.99 ? 186 RBY A "O4'" 1 
HETATM 1446 C  "C3'" . RBY E 3 .   ? 12.682  1.847   -1.648  1.00 26.65 ? 186 RBY A "C3'" 1 
HETATM 1447 O  "O3'" . RBY E 3 .   ? 13.743  2.580   -1.444  1.00 27.14 ? 186 RBY A "O3'" 1 
HETATM 1448 C  "C2'" . RBY E 3 .   ? 12.835  0.747   -2.862  1.00 26.51 ? 186 RBY A "C2'" 1 
HETATM 1449 O  "O2'" . RBY E 3 .   ? 13.989  0.742   -3.635  1.00 29.49 ? 186 RBY A "O2'" 1 
HETATM 1450 C  "C1'" . RBY E 3 .   ? 12.573  -0.580  -2.155  1.00 25.09 ? 186 RBY A "C1'" 1 
HETATM 1451 N  N9    . RBY E 3 .   ? 11.930  -1.447  -3.009  1.00 22.65 ? 186 RBY A N9    1 
HETATM 1452 C  C8    . RBY E 3 .   ? 10.537  -1.494  -3.034  1.00 21.97 ? 186 RBY A C8    1 
HETATM 1453 N  N7    . RBY E 3 .   ? 10.162  -2.352  -3.931  1.00 21.11 ? 186 RBY A N7    1 
HETATM 1454 C  C5    . RBY E 3 .   ? 11.275  -2.897  -4.505  1.00 19.79 ? 186 RBY A C5    1 
HETATM 1455 C  C6    . RBY E 3 .   ? 11.501  -3.868  -5.532  1.00 18.49 ? 186 RBY A C6    1 
HETATM 1456 N  N6    . RBY E 3 .   ? 10.488  -4.462  -6.190  1.00 16.36 ? 186 RBY A N6    1 
HETATM 1457 N  N1    . RBY E 3 .   ? 12.731  -4.200  -5.869  1.00 18.35 ? 186 RBY A N1    1 
HETATM 1458 C  C2    . RBY E 3 .   ? 13.818  -3.670  -5.298  1.00 18.15 ? 186 RBY A C2    1 
HETATM 1459 N  N3    . RBY E 3 .   ? 13.713  -2.742  -4.336  1.00 19.48 ? 186 RBY A N3    1 
HETATM 1460 C  C4    . RBY E 3 .   ? 12.443  -2.331  -3.916  1.00 20.26 ? 186 RBY A C4    1 
HETATM 1461 C  CX    . RBY E 3 .   ? 7.972   0.410   -0.080  1.00 21.70 ? 186 RBY A CX    1 
HETATM 1462 P  PB    . RBY E 3 .   ? 6.455   0.731   -1.068  1.00 23.33 ? 186 RBY A PB    1 
HETATM 1463 O  O1B   . RBY E 3 .   ? 7.791   0.828   -2.122  1.00 25.41 ? 186 RBY A O1B   1 
HETATM 1464 O  OR5   . RBY E 3 .   ? 5.706   -0.432  -1.408  1.00 26.81 ? 186 RBY A OR5   1 
HETATM 1465 C  CR5   . RBY E 3 .   ? 4.579   -1.101  -0.913  1.00 29.90 ? 186 RBY A CR5   1 
HETATM 1466 C  CR4   . RBY E 3 .   ? 4.457   -2.209  -1.784  1.00 32.54 ? 186 RBY A CR4   1 
HETATM 1467 O  OR4   . RBY E 3 .   ? 4.255   -2.801  -2.992  1.00 33.86 ? 186 RBY A OR4   1 
HETATM 1468 C  CR3   . RBY E 3 .   ? 5.185   -3.026  -0.859  1.00 33.41 ? 186 RBY A CR3   1 
HETATM 1469 O  OR3   . RBY E 3 .   ? 5.806   -2.858  0.315   1.00 33.62 ? 186 RBY A OR3   1 
HETATM 1470 C  CR2   . RBY E 3 .   ? 5.364   -4.325  -1.424  1.00 34.70 ? 186 RBY A CR2   1 
HETATM 1471 O  OR2   . RBY E 3 .   ? 5.049   -5.468  -0.565  1.00 35.40 ? 186 RBY A OR2   1 
HETATM 1472 C  CR1   . RBY E 3 .   ? 4.651   -4.199  -2.797  1.00 34.80 ? 186 RBY A CR1   1 
HETATM 1473 O  OR1   . RBY E 3 .   ? 5.600   -4.533  -3.818  1.00 37.39 ? 186 RBY A OR1   1 
HETATM 1474 O  O2A   . RBY E 3 .   ? 8.358   0.064   2.318   1.00 19.25 ? 186 RBY A O2A   1 
HETATM 1475 O  O2B   . RBY E 3 .   ? 5.625   2.158   -0.986  1.00 20.77 ? 186 RBY A O2B   1 
HETATM 1476 O  O1A   . RBY E 3 .   ? 8.002   2.578   1.447   1.00 16.60 ? 186 RBY A O1A   1 
HETATM 1477 O  O     . HOH F 4 .   ? -14.740 -5.224  0.202   1.00 13.21 ? 187 HOH A O     1 
HETATM 1478 O  O     . HOH F 4 .   ? -1.523  -9.949  -3.173  1.00 7.68  ? 188 HOH A O     1 
HETATM 1479 O  O     . HOH F 4 .   ? 9.751   5.605   3.591   1.00 9.05  ? 189 HOH A O     1 
HETATM 1480 O  O     . HOH F 4 .   ? 5.271   4.875   -0.716  1.00 10.08 ? 190 HOH A O     1 
HETATM 1481 O  O     . HOH F 4 .   ? 2.840   4.792   -1.862  1.00 10.01 ? 191 HOH A O     1 
HETATM 1482 O  O     . HOH F 4 .   ? 10.950  11.682  8.736   1.00 14.07 ? 192 HOH A O     1 
HETATM 1483 O  O     . HOH F 4 .   ? 7.992   4.212   -0.975  1.00 11.30 ? 193 HOH A O     1 
HETATM 1484 O  O     . HOH F 4 .   ? -0.760  8.928   -11.023 1.00 13.50 ? 194 HOH A O     1 
HETATM 1485 O  O     . HOH F 4 .   ? 8.277   14.011  0.950   1.00 15.74 ? 195 HOH A O     1 
HETATM 1486 O  O     . HOH F 4 .   ? 3.217   9.420   11.613  1.00 16.09 ? 196 HOH A O     1 
HETATM 1487 O  O     . HOH F 4 .   ? -1.841  7.125   -9.131  1.00 13.26 ? 197 HOH A O     1 
HETATM 1488 O  O     . HOH F 4 .   ? -4.056  -11.316 -9.273  1.00 13.51 ? 198 HOH A O     1 
HETATM 1489 O  O     . HOH F 4 .   ? -3.584  -18.182 -9.733  1.00 16.18 ? 199 HOH A O     1 
HETATM 1490 O  O     . HOH F 4 .   ? 4.678   -8.410  -3.080  1.00 13.69 ? 200 HOH A O     1 
HETATM 1491 O  O     . HOH F 4 .   ? -11.632 19.682  -0.092  1.00 17.61 ? 201 HOH A O     1 
HETATM 1492 O  O     . HOH F 4 .   ? -6.402  -1.788  7.506   1.00 15.16 ? 202 HOH A O     1 
HETATM 1493 O  O     . HOH F 4 .   ? 10.057  2.646   3.172   1.00 14.87 ? 203 HOH A O     1 
HETATM 1494 O  O     . HOH F 4 .   ? 5.118   3.648   14.172  1.00 16.91 ? 204 HOH A O     1 
HETATM 1495 O  O     . HOH F 4 .   ? -10.646 -4.997  -0.019  1.00 14.92 ? 205 HOH A O     1 
HETATM 1496 O  O     . HOH F 4 .   ? 1.144   9.418   13.485  1.00 16.07 ? 206 HOH A O     1 
HETATM 1497 O  O     . HOH F 4 .   ? -8.705  15.660  9.837   1.00 14.82 ? 207 HOH A O     1 
HETATM 1498 O  O     . HOH F 4 .   ? 1.800   1.588   -4.865  1.00 16.97 ? 208 HOH A O     1 
HETATM 1499 O  O     . HOH F 4 .   ? 5.770   -7.772  6.002   1.00 17.45 ? 209 HOH A O     1 
HETATM 1500 O  O     . HOH F 4 .   ? -1.294  -0.436  -5.850  1.00 15.12 ? 210 HOH A O     1 
HETATM 1501 O  O     . HOH F 4 .   ? -18.117 19.825  7.906   1.00 18.69 ? 211 HOH A O     1 
HETATM 1502 O  O     . HOH F 4 .   ? 1.045   -12.562 3.374   1.00 16.53 ? 212 HOH A O     1 
HETATM 1503 O  O     . HOH F 4 .   ? 10.822  2.980   -8.003  1.00 15.50 ? 213 HOH A O     1 
HETATM 1504 O  O     . HOH F 4 .   ? 17.595  -21.145 -6.945  1.00 19.57 ? 214 HOH A O     1 
HETATM 1505 O  O     . HOH F 4 .   ? 13.561  -23.338 -0.764  1.00 23.17 ? 215 HOH A O     1 
HETATM 1506 O  O     . HOH F 4 .   ? 4.515   -2.308  16.195  1.00 20.84 ? 216 HOH A O     1 
HETATM 1507 O  O     . HOH F 4 .   ? -18.509 5.736   7.563   1.00 20.35 ? 217 HOH A O     1 
HETATM 1508 O  O     . HOH F 4 .   ? -6.255  5.386   -15.074 1.00 23.73 ? 218 HOH A O     1 
HETATM 1509 O  O     . HOH F 4 .   ? -2.558  -2.431  13.318  1.00 19.32 ? 219 HOH A O     1 
HETATM 1510 O  O     . HOH F 4 .   ? -8.593  12.180  15.514  1.00 22.92 ? 220 HOH A O     1 
HETATM 1511 O  O     . HOH F 4 .   ? 0.587   -13.964 -11.777 1.00 16.42 ? 221 HOH A O     1 
HETATM 1512 O  O     . HOH F 4 .   ? -3.035  10.769  -10.768 1.00 25.19 ? 222 HOH A O     1 
HETATM 1513 O  O     . HOH F 4 .   ? 10.356  5.567   -5.269  1.00 18.77 ? 223 HOH A O     1 
HETATM 1514 O  O     . HOH F 4 .   ? 10.263  18.057  14.359  1.00 19.35 ? 224 HOH A O     1 
HETATM 1515 O  O     . HOH F 4 .   ? -16.613 5.241   -2.111  1.00 18.82 ? 225 HOH A O     1 
HETATM 1516 O  O     . HOH F 4 .   ? 0.011   -25.949 -0.681  1.00 31.83 ? 226 HOH A O     1 
HETATM 1517 O  O     . HOH F 4 .   ? 5.522   10.231  -14.997 1.00 24.43 ? 227 HOH A O     1 
HETATM 1518 O  O     . HOH F 4 .   ? -4.483  18.646  10.554  1.00 22.33 ? 228 HOH A O     1 
HETATM 1519 O  O     . HOH F 4 .   ? 14.972  12.359  2.796   1.00 22.62 ? 229 HOH A O     1 
HETATM 1520 O  O     . HOH F 4 .   ? 11.459  1.896   -16.284 1.00 23.36 ? 230 HOH A O     1 
HETATM 1521 O  O     . HOH F 4 .   ? 12.661  17.883  12.834  1.00 20.93 ? 231 HOH A O     1 
HETATM 1522 O  O     . HOH F 4 .   ? -14.677 0.917   6.331   1.00 26.20 ? 232 HOH A O     1 
HETATM 1523 O  O     . HOH F 4 .   ? 1.790   20.906  -1.902  1.00 27.14 ? 233 HOH A O     1 
HETATM 1524 O  O     . HOH F 4 .   ? 11.703  5.555   10.519  1.00 21.54 ? 234 HOH A O     1 
HETATM 1525 O  O     . HOH F 4 .   ? 9.098   -0.572  5.412   1.00 21.77 ? 235 HOH A O     1 
HETATM 1526 O  O     . HOH F 4 .   ? 9.261   -2.405  -17.309 1.00 19.73 ? 236 HOH A O     1 
HETATM 1527 O  O     . HOH F 4 .   ? 0.664   20.412  8.300   1.00 28.76 ? 237 HOH A O     1 
HETATM 1528 O  O     . HOH F 4 .   ? 16.202  8.984   -1.735  1.00 24.77 ? 238 HOH A O     1 
HETATM 1529 O  O     . HOH F 4 .   ? -13.778 18.747  1.403   1.00 22.64 ? 239 HOH A O     1 
HETATM 1530 O  O     . HOH F 4 .   ? 11.273  2.214   5.836   1.00 21.97 ? 240 HOH A O     1 
HETATM 1531 O  O     . HOH F 4 .   ? -5.144  -4.660  -7.917  1.00 27.04 ? 241 HOH A O     1 
HETATM 1532 O  O     . HOH F 4 .   ? 3.609   -23.014 -15.020 1.00 30.01 ? 242 HOH A O     1 
HETATM 1533 O  O     . HOH F 4 .   ? 2.636   -24.986 -1.024  1.00 24.29 ? 243 HOH A O     1 
HETATM 1534 O  O     . HOH F 4 .   ? -6.920  -30.836 -5.532  1.00 20.15 ? 244 HOH A O     1 
HETATM 1535 O  O     . HOH F 4 .   ? -10.128 -6.272  6.501   1.00 28.89 ? 245 HOH A O     1 
HETATM 1536 O  O     . HOH F 4 .   ? 11.356  0.001   3.553   1.00 28.02 ? 246 HOH A O     1 
HETATM 1537 O  O     . HOH F 4 .   ? 13.109  14.093  10.226  1.00 27.08 ? 247 HOH A O     1 
HETATM 1538 O  O     . HOH F 4 .   ? 8.522   16.892  -0.880  1.00 27.75 ? 248 HOH A O     1 
HETATM 1539 O  O     . HOH F 4 .   ? 6.023   17.000  3.603   1.00 29.24 ? 249 HOH A O     1 
HETATM 1540 O  O     . HOH F 4 .   ? 4.416   -25.498 -15.277 1.00 31.16 ? 250 HOH A O     1 
HETATM 1541 O  O     . HOH F 4 .   ? 1.885   15.263  15.971  1.00 28.90 ? 251 HOH A O     1 
HETATM 1542 O  O     . HOH F 4 .   ? 7.197   1.014   14.194  1.00 26.68 ? 252 HOH A O     1 
HETATM 1543 O  O     . HOH F 4 .   ? -15.764 15.315  12.583  1.00 25.30 ? 253 HOH A O     1 
HETATM 1544 O  O     . HOH F 4 .   ? -1.252  -34.201 -4.630  1.00 31.88 ? 254 HOH A O     1 
HETATM 1545 O  O     . HOH F 4 .   ? -1.531  -14.322 1.703   1.00 29.25 ? 255 HOH A O     1 
HETATM 1546 O  O     . HOH F 4 .   ? 10.659  14.255  -0.541  1.00 21.72 ? 256 HOH A O     1 
HETATM 1547 O  O     . HOH F 4 .   ? -3.388  9.559   -14.522 1.00 30.52 ? 257 HOH A O     1 
HETATM 1548 O  O     . HOH F 4 .   ? -15.453 2.204   4.182   1.00 28.37 ? 258 HOH A O     1 
HETATM 1549 O  O     . HOH F 4 .   ? 9.894   -26.555 1.306   1.00 29.87 ? 259 HOH A O     1 
HETATM 1550 O  O     . HOH F 4 .   ? -14.989 16.021  -6.008  1.00 26.64 ? 260 HOH A O     1 
HETATM 1551 O  O     . HOH F 4 .   ? -20.983 8.480   4.963   1.00 21.32 ? 261 HOH A O     1 
HETATM 1552 O  O     . HOH F 4 .   ? -12.895 0.604   10.786  1.00 25.79 ? 262 HOH A O     1 
HETATM 1553 O  O     . HOH F 4 .   ? 2.256   -22.099 -0.375  1.00 32.07 ? 263 HOH A O     1 
HETATM 1554 O  O     . HOH F 4 .   ? -12.193 22.025  -1.410  1.00 30.19 ? 264 HOH A O     1 
HETATM 1555 O  O     . HOH F 4 .   ? 1.823   9.112   -14.384 1.00 31.14 ? 265 HOH A O     1 
HETATM 1556 O  O     . HOH F 4 .   ? -0.427  -28.843 -14.820 1.00 32.61 ? 266 HOH A O     1 
HETATM 1557 O  O     . HOH F 4 .   ? 1.437   -21.583 -15.543 1.00 26.23 ? 267 HOH A O     1 
HETATM 1558 O  O     . HOH F 4 .   ? -1.000  -9.047  7.096   1.00 22.49 ? 268 HOH A O     1 
HETATM 1559 O  O     . HOH F 4 .   ? -5.641  -3.582  9.116   1.00 22.46 ? 269 HOH A O     1 
HETATM 1560 O  O     . HOH F 4 .   ? -16.887 0.708   2.391   1.00 35.97 ? 270 HOH A O     1 
HETATM 1561 O  O     . HOH F 4 .   ? -2.941  -32.420 -5.572  1.00 30.89 ? 271 HOH A O     1 
HETATM 1562 O  O     . HOH F 4 .   ? 2.531   -33.639 -14.993 1.00 31.00 ? 272 HOH A O     1 
HETATM 1563 O  O     . HOH F 4 .   ? 0.202   -10.941 5.641   1.00 28.04 ? 273 HOH A O     1 
HETATM 1564 O  O     . HOH F 4 .   ? -10.065 21.673  1.764   1.00 35.05 ? 274 HOH A O     1 
HETATM 1565 O  O     . HOH F 4 .   ? 12.677  2.625   8.614   1.00 32.78 ? 275 HOH A O     1 
HETATM 1566 O  O     . HOH F 4 .   ? 6.380   -0.321  16.366  1.00 32.56 ? 276 HOH A O     1 
HETATM 1567 O  O     . HOH F 4 .   ? -0.089  -0.426  16.846  1.00 26.85 ? 277 HOH A O     1 
HETATM 1568 O  O     . HOH F 4 .   ? -5.808  5.438   16.000  1.00 22.05 ? 278 HOH A O     1 
HETATM 1569 O  O     . HOH F 4 .   ? 6.037   6.516   13.862  1.00 26.03 ? 279 HOH A O     1 
HETATM 1570 O  O     . HOH F 4 .   ? 3.325   3.579   16.300  1.00 26.60 ? 280 HOH A O     1 
HETATM 1571 O  O     . HOH F 4 .   ? 0.691   2.734   16.236  1.00 29.26 ? 281 HOH A O     1 
HETATM 1572 O  O     . HOH F 4 .   ? 5.091   9.288   13.971  1.00 33.09 ? 282 HOH A O     1 
HETATM 1573 O  O     . HOH F 4 .   ? -21.378 6.602   6.933   1.00 26.81 ? 283 HOH A O     1 
HETATM 1574 O  O     . HOH F 4 .   ? -21.425 8.004   2.207   1.00 31.37 ? 284 HOH A O     1 
HETATM 1575 O  O     . HOH F 4 .   ? -17.832 3.065   5.967   1.00 28.25 ? 285 HOH A O     1 
HETATM 1576 O  O     . HOH F 4 .   ? -2.579  16.238  14.652  1.00 24.44 ? 286 HOH A O     1 
HETATM 1577 O  O     . HOH F 4 .   ? 5.225   -9.217  -5.890  1.00 23.73 ? 287 HOH A O     1 
HETATM 1578 O  O     . HOH F 4 .   ? -2.850  -28.960 -13.716 1.00 28.46 ? 288 HOH A O     1 
HETATM 1579 O  O     . HOH F 4 .   ? -10.696 16.284  11.529  1.00 27.46 ? 289 HOH A O     1 
HETATM 1580 O  O     . HOH F 4 .   ? 1.731   -29.333 0.344   1.00 30.55 ? 290 HOH A O     1 
HETATM 1581 O  O     . HOH F 4 .   ? -22.560 10.556  5.442   1.00 30.90 ? 291 HOH A O     1 
HETATM 1582 O  O     . HOH F 4 .   ? 12.748  -20.969 0.422   1.00 39.85 ? 292 HOH A O     1 
HETATM 1583 O  O     . HOH F 4 .   ? 5.799   -20.552 0.375   1.00 37.58 ? 293 HOH A O     1 
HETATM 1584 O  O     . HOH F 4 .   ? 0.105   -15.290 3.543   1.00 31.44 ? 294 HOH A O     1 
HETATM 1585 O  O     . HOH F 4 .   ? 11.155  19.544  4.955   1.00 31.30 ? 295 HOH A O     1 
HETATM 1586 O  O     . HOH F 4 .   ? 8.527   9.544   -15.973 1.00 31.87 ? 296 HOH A O     1 
HETATM 1587 O  O     . HOH F 4 .   ? -6.190  1.705   13.520  1.00 32.51 ? 297 HOH A O     1 
HETATM 1588 O  O     . HOH F 4 .   ? 2.151   9.933   15.806  1.00 37.30 ? 298 HOH A O     1 
HETATM 1589 O  O     . HOH F 4 .   ? -3.922  18.705  15.953  1.00 43.14 ? 299 HOH A O     1 
HETATM 1590 O  O     . HOH F 4 .   ? 8.670   18.818  6.019   1.00 34.18 ? 300 HOH A O     1 
HETATM 1591 O  O     . HOH F 4 .   ? 14.256  15.595  4.017   1.00 34.18 ? 301 HOH A O     1 
HETATM 1592 O  O     . HOH F 4 .   ? 13.720  6.057   6.466   1.00 39.04 ? 302 HOH A O     1 
HETATM 1593 O  O     . HOH F 4 .   ? 13.416  11.998  -3.301  1.00 29.85 ? 303 HOH A O     1 
HETATM 1594 O  O     . HOH F 4 .   ? -5.847  18.910  -8.422  1.00 44.93 ? 304 HOH A O     1 
HETATM 1595 O  O     . HOH F 4 .   ? -16.103 19.235  0.447   1.00 36.42 ? 305 HOH A O     1 
HETATM 1596 O  O     . HOH F 4 .   ? 10.113  3.088   -3.769  1.00 26.46 ? 306 HOH A O     1 
HETATM 1597 O  O     . HOH F 4 .   ? 2.522   -10.443 7.220   1.00 29.26 ? 307 HOH A O     1 
HETATM 1598 O  O     . HOH F 4 .   ? -1.205  -22.301 -16.154 1.00 33.71 ? 308 HOH A O     1 
HETATM 1599 O  O     . HOH F 4 .   ? 10.530  -25.733 -8.432  1.00 28.67 ? 309 HOH A O     1 
HETATM 1600 O  O     . HOH F 4 .   ? 11.909  -24.352 1.912   1.00 33.89 ? 310 HOH A O     1 
HETATM 1601 O  O     . HOH F 4 .   ? 14.900  -13.468 1.861   1.00 39.99 ? 311 HOH A O     1 
HETATM 1602 O  O     . HOH F 4 .   ? 19.693  -9.439  -5.741  1.00 34.73 ? 312 HOH A O     1 
HETATM 1603 O  O     . HOH F 4 .   ? 8.722   -15.339 3.002   1.00 35.76 ? 313 HOH A O     1 
HETATM 1604 O  O     . HOH F 4 .   ? -18.290 4.879   -4.144  0.50 30.69 ? 314 HOH A O     1 
HETATM 1605 O  O     . HOH F 4 .   ? 19.346  -13.548 -3.307  1.00 38.85 ? 315 HOH A O     1 
HETATM 1606 O  O     . HOH F 4 .   ? 3.304   -8.478  -7.977  0.50 32.60 ? 316 HOH A O     1 
HETATM 1607 O  O     . HOH F 4 .   ? 8.808   -3.012  0.059   1.00 27.88 ? 317 HOH A O     1 
HETATM 1608 O  O     . HOH F 4 .   ? -1.927  -23.646 0.386   1.00 34.30 ? 318 HOH A O     1 
HETATM 1609 O  O     . HOH F 4 .   ? 3.778   -8.375  8.377   1.00 32.56 ? 319 HOH A O     1 
# 
loop_
_pdbx_poly_seq_scheme.asym_id 
_pdbx_poly_seq_scheme.entity_id 
_pdbx_poly_seq_scheme.seq_id 
_pdbx_poly_seq_scheme.mon_id 
_pdbx_poly_seq_scheme.ndb_seq_num 
_pdbx_poly_seq_scheme.pdb_seq_num 
_pdbx_poly_seq_scheme.auth_seq_num 
_pdbx_poly_seq_scheme.pdb_mon_id 
_pdbx_poly_seq_scheme.auth_mon_id 
_pdbx_poly_seq_scheme.pdb_strand_id 
_pdbx_poly_seq_scheme.pdb_ins_code 
_pdbx_poly_seq_scheme.hetero 
A 1 1   MET 1   1   1   MET MET A . n 
A 1 2   SER 2   2   2   SER SER A . n 
A 1 3   PRO 3   3   3   PRO PRO A . n 
A 1 4   TRP 4   4   4   TRP TRP A . n 
A 1 5   GLU 5   5   5   GLU GLU A . n 
A 1 6   ARG 6   6   6   ARG ARG A . n 
A 1 7   ILE 7   7   7   ILE ILE A . n 
A 1 8   LEU 8   8   8   LEU LEU A . n 
A 1 9   LEU 9   9   9   LEU LEU A . n 
A 1 10  GLU 10  10  10  GLU GLU A . n 
A 1 11  GLU 11  11  11  GLU GLU A . n 
A 1 12  ILE 12  12  12  ILE ILE A . n 
A 1 13  LEU 13  13  13  LEU LEU A . n 
A 1 14  SER 14  14  14  SER SER A . n 
A 1 15  GLU 15  15  15  GLU GLU A . n 
A 1 16  PRO 16  16  16  PRO PRO A . n 
A 1 17  VAL 17  17  17  VAL VAL A . n 
A 1 18  ARG 18  18  18  ARG ARG A . n 
A 1 19  LEU 19  19  19  LEU LEU A . n 
A 1 20  VAL 20  20  20  VAL VAL A . n 
A 1 21  LYS 21  21  21  LYS LYS A . n 
A 1 22  GLU 22  22  22  GLU GLU A . n 
A 1 23  ARG 23  23  23  ARG ARG A . n 
A 1 24  VAL 24  24  24  VAL VAL A . n 
A 1 25  ARG 25  25  25  ARG ARG A . n 
A 1 26  THR 26  26  26  THR THR A . n 
A 1 27  HIS 27  27  27  HIS HIS A . n 
A 1 28  THR 28  28  28  THR THR A . n 
A 1 29  GLY 29  29  29  GLY GLY A . n 
A 1 30  ARG 30  30  30  ARG ARG A . n 
A 1 31  GLU 31  31  31  GLU GLU A . n 
A 1 32  LEU 32  32  32  LEU LEU A . n 
A 1 33  THR 33  33  33  THR THR A . n 
A 1 34  TYR 34  34  34  TYR TYR A . n 
A 1 35  VAL 35  35  35  VAL VAL A . n 
A 1 36  TYR 36  36  36  TYR TYR A . n 
A 1 37  ARG 37  37  37  ARG ARG A . n 
A 1 38  PRO 38  38  38  PRO PRO A . n 
A 1 39  GLY 39  39  39  GLY GLY A . n 
A 1 40  PRO 40  40  40  PRO PRO A . n 
A 1 41  VAL 41  41  41  VAL VAL A . n 
A 1 42  ALA 42  42  42  ALA ALA A . n 
A 1 43  ALA 43  43  43  ALA ALA A . n 
A 1 44  SER 44  44  44  SER SER A . n 
A 1 45  PHE 45  45  45  PHE PHE A . n 
A 1 46  VAL 46  46  46  VAL VAL A . n 
A 1 47  LEU 47  47  47  LEU LEU A . n 
A 1 48  PRO 48  48  48  PRO PRO A . n 
A 1 49  VAL 49  49  49  VAL VAL A . n 
A 1 50  THR 50  50  50  THR THR A . n 
A 1 51  GLU 51  51  51  GLU GLU A . n 
A 1 52  ARG 52  52  52  ARG ARG A . n 
A 1 53  GLY 53  53  53  GLY GLY A . n 
A 1 54  THR 54  54  54  THR THR A . n 
A 1 55  ALA 55  55  55  ALA ALA A . n 
A 1 56  LEU 56  56  56  LEU LEU A . n 
A 1 57  LEU 57  57  57  LEU LEU A . n 
A 1 58  VAL 58  58  58  VAL VAL A . n 
A 1 59  ARG 59  59  59  ARG ARG A . n 
A 1 60  GLN 60  60  60  GLN GLN A . n 
A 1 61  TYR 61  61  61  TYR TYR A . n 
A 1 62  ARG 62  62  62  ARG ARG A . n 
A 1 63  HIS 63  63  63  HIS HIS A . n 
A 1 64  PRO 64  64  64  PRO PRO A . n 
A 1 65  THR 65  65  65  THR THR A . n 
A 1 66  GLY 66  66  66  GLY GLY A . n 
A 1 67  LYS 67  67  67  LYS LYS A . n 
A 1 68  PHE 68  68  68  PHE PHE A . n 
A 1 69  LEU 69  69  69  LEU LEU A . n 
A 1 70  LEU 70  70  70  LEU LEU A . n 
A 1 71  GLU 71  71  71  GLU GLU A . n 
A 1 72  VAL 72  72  72  VAL VAL A . n 
A 1 73  PRO 73  73  73  PRO PRO A . n 
A 1 74  ALA 74  74  74  ALA ALA A . n 
A 1 75  GLY 75  75  75  GLY GLY A . n 
A 1 76  LYS 76  76  76  LYS LYS A . n 
A 1 77  VAL 77  77  77  VAL VAL A . n 
A 1 78  ASP 78  78  78  ASP ASP A . n 
A 1 79  GLU 79  79  79  GLU GLU A . n 
A 1 80  GLY 80  80  80  GLY GLY A . n 
A 1 81  GLU 81  81  81  GLU GLU A . n 
A 1 82  THR 82  82  82  THR THR A . n 
A 1 83  PRO 83  83  83  PRO PRO A . n 
A 1 84  GLU 84  84  84  GLU GLU A . n 
A 1 85  ALA 85  85  85  ALA ALA A . n 
A 1 86  ALA 86  86  86  ALA ALA A . n 
A 1 87  ALA 87  87  87  ALA ALA A . n 
A 1 88  ARG 88  88  88  ARG ARG A . n 
A 1 89  ARG 89  89  89  ARG ARG A . n 
A 1 90  GLU 90  90  90  GLU GLU A . n 
A 1 91  LEU 91  91  91  LEU LEU A . n 
A 1 92  ARG 92  92  92  ARG ARG A . n 
A 1 93  GLU 93  93  93  GLU GLU A . n 
A 1 94  GLU 94  94  94  GLU GLU A . n 
A 1 95  VAL 95  95  95  VAL VAL A . n 
A 1 96  GLY 96  96  96  GLY GLY A . n 
A 1 97  ALA 97  97  97  ALA ALA A . n 
A 1 98  GLU 98  98  98  GLU GLU A . n 
A 1 99  ALA 99  99  99  ALA ALA A . n 
A 1 100 GLU 100 100 100 GLU GLU A . n 
A 1 101 THR 101 101 101 THR THR A . n 
A 1 102 LEU 102 102 102 LEU LEU A . n 
A 1 103 ILE 103 103 103 ILE ILE A . n 
A 1 104 PRO 104 104 104 PRO PRO A . n 
A 1 105 LEU 105 105 105 LEU LEU A . n 
A 1 106 PRO 106 106 106 PRO PRO A . n 
A 1 107 SER 107 107 107 SER SER A . n 
A 1 108 PHE 108 108 108 PHE PHE A . n 
A 1 109 HIS 109 109 109 HIS HIS A . n 
A 1 110 PRO 110 110 110 PRO PRO A . n 
A 1 111 GLN 111 111 111 GLN GLN A . n 
A 1 112 PRO 112 112 112 PRO PRO A . n 
A 1 113 SER 113 113 113 SER SER A . n 
A 1 114 PHE 114 114 114 PHE PHE A . n 
A 1 115 THR 115 115 115 THR THR A . n 
A 1 116 ALA 116 116 116 ALA ALA A . n 
A 1 117 VAL 117 117 117 VAL VAL A . n 
A 1 118 VAL 118 118 118 VAL VAL A . n 
A 1 119 PHE 119 119 119 PHE PHE A . n 
A 1 120 HIS 120 120 120 HIS HIS A . n 
A 1 121 PRO 121 121 121 PRO PRO A . n 
A 1 122 PHE 122 122 122 PHE PHE A . n 
A 1 123 LEU 123 123 123 LEU LEU A . n 
A 1 124 ALA 124 124 124 ALA ALA A . n 
A 1 125 LEU 125 125 125 LEU LEU A . n 
A 1 126 LYS 126 126 126 LYS LYS A . n 
A 1 127 ALA 127 127 127 ALA ALA A . n 
A 1 128 ARG 128 128 128 ARG ARG A . n 
A 1 129 VAL 129 129 129 VAL VAL A . n 
A 1 130 VAL 130 130 130 VAL VAL A . n 
A 1 131 THR 131 131 131 THR THR A . n 
A 1 132 PRO 132 132 132 PRO PRO A . n 
A 1 133 PRO 133 133 133 PRO PRO A . n 
A 1 134 THR 134 134 134 THR THR A . n 
A 1 135 LEU 135 135 135 LEU LEU A . n 
A 1 136 GLU 136 136 136 GLU GLU A . n 
A 1 137 GLU 137 137 137 GLU GLU A . n 
A 1 138 GLY 138 138 138 GLY GLY A . n 
A 1 139 GLU 139 139 139 GLU GLU A . n 
A 1 140 LEU 140 140 140 LEU LEU A . n 
A 1 141 LEU 141 141 141 LEU LEU A . n 
A 1 142 GLU 142 142 142 GLU GLU A . n 
A 1 143 SER 143 143 143 SER SER A . n 
A 1 144 LEU 144 144 144 LEU LEU A . n 
A 1 145 GLU 145 145 145 GLU GLU A . n 
A 1 146 LEU 146 146 146 LEU LEU A . n 
A 1 147 PRO 147 147 147 PRO PRO A . n 
A 1 148 LEU 148 148 148 LEU LEU A . n 
A 1 149 THR 149 149 149 THR THR A . n 
A 1 150 GLU 150 150 150 GLU GLU A . n 
A 1 151 VAL 151 151 151 VAL VAL A . n 
A 1 152 TYR 152 152 152 TYR TYR A . n 
A 1 153 ALA 153 153 153 ALA ALA A . n 
A 1 154 LEU 154 154 154 LEU LEU A . n 
A 1 155 LEU 155 155 155 LEU LEU A . n 
A 1 156 ALA 156 156 156 ALA ALA A . n 
A 1 157 LYS 157 157 157 LYS LYS A . n 
A 1 158 GLY 158 158 158 GLY GLY A . n 
A 1 159 GLU 159 159 159 GLU GLU A . n 
A 1 160 ILE 160 160 160 ILE ILE A . n 
A 1 161 GLN 161 161 161 GLN GLN A . n 
A 1 162 ASP 162 162 162 ASP ASP A . n 
A 1 163 ALA 163 163 163 ALA ALA A . n 
A 1 164 SER 164 164 164 SER SER A . n 
A 1 165 THR 165 165 165 THR THR A . n 
A 1 166 ALA 166 166 166 ALA ALA A . n 
A 1 167 LEU 167 167 167 LEU LEU A . n 
A 1 168 THR 168 168 168 THR THR A . n 
A 1 169 LEU 169 169 169 LEU LEU A . n 
A 1 170 PHE 170 170 170 PHE PHE A . n 
A 1 171 TYR 171 171 171 TYR TYR A . n 
A 1 172 ALA 172 172 172 ALA ALA A . n 
A 1 173 GLU 173 173 173 GLU GLU A . n 
A 1 174 PRO 174 174 174 PRO PRO A . n 
A 1 175 HIS 175 175 175 HIS HIS A . n 
A 1 176 LEU 176 176 176 LEU LEU A . n 
A 1 177 LYS 177 177 177 LYS LYS A . n 
A 1 178 ARG 178 178 178 ARG ARG A . n 
A 1 179 LEU 179 179 179 LEU LEU A . n 
A 1 180 GLY 180 180 180 GLY GLY A . n 
A 1 181 LEU 181 181 181 LEU LEU A . n 
A 1 182 LEU 182 182 182 LEU LEU A . n 
# 
_pdbx_SG_project.id                    1 
_pdbx_SG_project.project_name          'NPPSFA, National Project on Protein Structural and Functional Analyses' 
_pdbx_SG_project.full_name_of_center   'RIKEN Structural Genomics/Proteomics Initiative' 
_pdbx_SG_project.initial_of_center     RSGI 
# 
loop_
_pdbx_nonpoly_scheme.asym_id 
_pdbx_nonpoly_scheme.entity_id 
_pdbx_nonpoly_scheme.mon_id 
_pdbx_nonpoly_scheme.ndb_seq_num 
_pdbx_nonpoly_scheme.pdb_seq_num 
_pdbx_nonpoly_scheme.auth_seq_num 
_pdbx_nonpoly_scheme.pdb_mon_id 
_pdbx_nonpoly_scheme.auth_mon_id 
_pdbx_nonpoly_scheme.pdb_strand_id 
_pdbx_nonpoly_scheme.pdb_ins_code 
B 2 MG  1   183 1   MG  MG2 A . 
C 2 MG  1   184 2   MG  MG2 A . 
D 2 MG  1   185 3   MG  MG2 A . 
E 3 RBY 1   186 1   RBY APR A . 
F 4 HOH 1   187 1   HOH TIP A . 
F 4 HOH 2   188 2   HOH TIP A . 
F 4 HOH 3   189 3   HOH TIP A . 
F 4 HOH 4   190 4   HOH TIP A . 
F 4 HOH 5   191 5   HOH TIP A . 
F 4 HOH 6   192 6   HOH TIP A . 
F 4 HOH 7   193 7   HOH TIP A . 
F 4 HOH 8   194 8   HOH TIP A . 
F 4 HOH 9   195 9   HOH TIP A . 
F 4 HOH 10  196 10  HOH TIP A . 
F 4 HOH 11  197 11  HOH TIP A . 
F 4 HOH 12  198 12  HOH TIP A . 
F 4 HOH 13  199 13  HOH TIP A . 
F 4 HOH 14  200 14  HOH TIP A . 
F 4 HOH 15  201 15  HOH TIP A . 
F 4 HOH 16  202 16  HOH TIP A . 
F 4 HOH 17  203 17  HOH TIP A . 
F 4 HOH 18  204 18  HOH TIP A . 
F 4 HOH 19  205 19  HOH TIP A . 
F 4 HOH 20  206 20  HOH TIP A . 
F 4 HOH 21  207 21  HOH TIP A . 
F 4 HOH 22  208 22  HOH TIP A . 
F 4 HOH 23  209 23  HOH TIP A . 
F 4 HOH 24  210 24  HOH TIP A . 
F 4 HOH 25  211 25  HOH TIP A . 
F 4 HOH 26  212 26  HOH TIP A . 
F 4 HOH 27  213 27  HOH TIP A . 
F 4 HOH 28  214 28  HOH TIP A . 
F 4 HOH 29  215 29  HOH TIP A . 
F 4 HOH 30  216 30  HOH TIP A . 
F 4 HOH 31  217 31  HOH TIP A . 
F 4 HOH 32  218 32  HOH TIP A . 
F 4 HOH 33  219 33  HOH TIP A . 
F 4 HOH 34  220 34  HOH TIP A . 
F 4 HOH 35  221 35  HOH TIP A . 
F 4 HOH 36  222 36  HOH TIP A . 
F 4 HOH 37  223 37  HOH TIP A . 
F 4 HOH 38  224 38  HOH TIP A . 
F 4 HOH 39  225 39  HOH TIP A . 
F 4 HOH 40  226 40  HOH TIP A . 
F 4 HOH 41  227 41  HOH TIP A . 
F 4 HOH 42  228 42  HOH TIP A . 
F 4 HOH 43  229 43  HOH TIP A . 
F 4 HOH 44  230 44  HOH TIP A . 
F 4 HOH 45  231 45  HOH TIP A . 
F 4 HOH 46  232 46  HOH TIP A . 
F 4 HOH 47  233 47  HOH TIP A . 
F 4 HOH 48  234 48  HOH TIP A . 
F 4 HOH 49  235 49  HOH TIP A . 
F 4 HOH 50  236 50  HOH TIP A . 
F 4 HOH 51  237 51  HOH TIP A . 
F 4 HOH 52  238 52  HOH TIP A . 
F 4 HOH 53  239 53  HOH TIP A . 
F 4 HOH 54  240 54  HOH TIP A . 
F 4 HOH 55  241 55  HOH TIP A . 
F 4 HOH 56  242 56  HOH TIP A . 
F 4 HOH 57  243 57  HOH TIP A . 
F 4 HOH 58  244 58  HOH TIP A . 
F 4 HOH 59  245 59  HOH TIP A . 
F 4 HOH 60  246 60  HOH TIP A . 
F 4 HOH 61  247 61  HOH TIP A . 
F 4 HOH 62  248 62  HOH TIP A . 
F 4 HOH 63  249 63  HOH TIP A . 
F 4 HOH 64  250 64  HOH TIP A . 
F 4 HOH 65  251 65  HOH TIP A . 
F 4 HOH 66  252 66  HOH TIP A . 
F 4 HOH 67  253 67  HOH TIP A . 
F 4 HOH 68  254 68  HOH TIP A . 
F 4 HOH 69  255 69  HOH TIP A . 
F 4 HOH 70  256 70  HOH TIP A . 
F 4 HOH 71  257 71  HOH TIP A . 
F 4 HOH 72  258 72  HOH TIP A . 
F 4 HOH 73  259 73  HOH TIP A . 
F 4 HOH 74  260 74  HOH TIP A . 
F 4 HOH 75  261 75  HOH TIP A . 
F 4 HOH 76  262 76  HOH TIP A . 
F 4 HOH 77  263 77  HOH TIP A . 
F 4 HOH 78  264 78  HOH TIP A . 
F 4 HOH 79  265 79  HOH TIP A . 
F 4 HOH 80  266 80  HOH TIP A . 
F 4 HOH 81  267 81  HOH TIP A . 
F 4 HOH 82  268 82  HOH TIP A . 
F 4 HOH 83  269 83  HOH TIP A . 
F 4 HOH 84  270 84  HOH TIP A . 
F 4 HOH 85  271 85  HOH TIP A . 
F 4 HOH 86  272 86  HOH TIP A . 
F 4 HOH 87  273 87  HOH TIP A . 
F 4 HOH 88  274 88  HOH TIP A . 
F 4 HOH 89  275 89  HOH TIP A . 
F 4 HOH 90  276 90  HOH TIP A . 
F 4 HOH 91  277 91  HOH TIP A . 
F 4 HOH 92  278 92  HOH TIP A . 
F 4 HOH 93  279 93  HOH TIP A . 
F 4 HOH 94  280 94  HOH TIP A . 
F 4 HOH 95  281 95  HOH TIP A . 
F 4 HOH 96  282 96  HOH TIP A . 
F 4 HOH 97  283 97  HOH TIP A . 
F 4 HOH 98  284 98  HOH TIP A . 
F 4 HOH 99  285 99  HOH TIP A . 
F 4 HOH 100 286 100 HOH TIP A . 
F 4 HOH 101 287 101 HOH TIP A . 
F 4 HOH 102 288 102 HOH TIP A . 
F 4 HOH 103 289 103 HOH TIP A . 
F 4 HOH 104 290 104 HOH TIP A . 
F 4 HOH 105 291 105 HOH TIP A . 
F 4 HOH 106 292 106 HOH TIP A . 
F 4 HOH 107 293 107 HOH TIP A . 
F 4 HOH 108 294 108 HOH TIP A . 
F 4 HOH 109 295 109 HOH TIP A . 
F 4 HOH 110 296 110 HOH TIP A . 
F 4 HOH 111 297 111 HOH TIP A . 
F 4 HOH 112 298 112 HOH TIP A . 
F 4 HOH 113 299 113 HOH TIP A . 
F 4 HOH 114 300 114 HOH TIP A . 
F 4 HOH 115 301 115 HOH TIP A . 
F 4 HOH 116 302 116 HOH TIP A . 
F 4 HOH 117 303 117 HOH TIP A . 
F 4 HOH 118 304 118 HOH TIP A . 
F 4 HOH 119 305 119 HOH TIP A . 
F 4 HOH 120 306 120 HOH TIP A . 
F 4 HOH 121 307 121 HOH TIP A . 
F 4 HOH 122 308 122 HOH TIP A . 
F 4 HOH 123 309 123 HOH TIP A . 
F 4 HOH 124 310 124 HOH TIP A . 
F 4 HOH 125 311 125 HOH TIP A . 
F 4 HOH 126 312 126 HOH TIP A . 
F 4 HOH 127 313 127 HOH TIP A . 
F 4 HOH 128 314 128 HOH TIP A . 
F 4 HOH 129 315 129 HOH TIP A . 
F 4 HOH 130 316 130 HOH TIP A . 
F 4 HOH 131 317 131 HOH TIP A . 
F 4 HOH 132 318 132 HOH TIP A . 
F 4 HOH 133 319 133 HOH TIP A . 
# 
_pdbx_struct_assembly.id                   1 
_pdbx_struct_assembly.details              author_and_software_defined_assembly 
_pdbx_struct_assembly.method_details       PISA 
_pdbx_struct_assembly.oligomeric_details   dimeric 
_pdbx_struct_assembly.oligomeric_count     2 
# 
_pdbx_struct_assembly_gen.assembly_id       1 
_pdbx_struct_assembly_gen.oper_expression   1,2 
_pdbx_struct_assembly_gen.asym_id_list      A,B,C,D,E,F 
# 
_pdbx_struct_assembly_prop.biol_id   1 
_pdbx_struct_assembly_prop.type      'ABSA (A^2)' 
_pdbx_struct_assembly_prop.value     5740 
_pdbx_struct_assembly_prop.details   ? 
# 
loop_
_pdbx_struct_oper_list.id 
_pdbx_struct_oper_list.type 
_pdbx_struct_oper_list.name 
_pdbx_struct_oper_list.symmetry_operation 
_pdbx_struct_oper_list.matrix[1][1] 
_pdbx_struct_oper_list.matrix[1][2] 
_pdbx_struct_oper_list.matrix[1][3] 
_pdbx_struct_oper_list.vector[1] 
_pdbx_struct_oper_list.matrix[2][1] 
_pdbx_struct_oper_list.matrix[2][2] 
_pdbx_struct_oper_list.matrix[2][3] 
_pdbx_struct_oper_list.vector[2] 
_pdbx_struct_oper_list.matrix[3][1] 
_pdbx_struct_oper_list.matrix[3][2] 
_pdbx_struct_oper_list.matrix[3][3] 
_pdbx_struct_oper_list.vector[3] 
1 'identity operation'         1_555 x,y,z         1.0000000000 0.0000000000  0.0000000000  0.0000000000  0.0000000000  1.0000000000  0.0000000000 0.0000000000  0.0000000000  0.0000000000 1.0000000000  0.0000000000   
2 'crystal symmetry operation' 3_656 -x+1,y,-z+3/2 0.4154965607 -0.8743639877 -0.2506994716 -7.4590275530 -0.8743639877 -0.4598980993 0.1548591468 -8.2231815821 -0.2506994716 0.1548591468 -0.9555984615 -13.4351061295 
# 
loop_
_pdbx_struct_special_symmetry.id 
_pdbx_struct_special_symmetry.PDB_model_num 
_pdbx_struct_special_symmetry.auth_asym_id 
_pdbx_struct_special_symmetry.auth_comp_id 
_pdbx_struct_special_symmetry.auth_seq_id 
_pdbx_struct_special_symmetry.PDB_ins_code 
_pdbx_struct_special_symmetry.label_asym_id 
_pdbx_struct_special_symmetry.label_comp_id 
_pdbx_struct_special_symmetry.label_seq_id 
1 1 A HOH 314 ? F HOH . 
2 1 A HOH 316 ? F HOH . 
# 
loop_
_pdbx_struct_conn_angle.id 
_pdbx_struct_conn_angle.ptnr1_label_atom_id 
_pdbx_struct_conn_angle.ptnr1_label_alt_id 
_pdbx_struct_conn_angle.ptnr1_label_asym_id 
_pdbx_struct_conn_angle.ptnr1_label_comp_id 
_pdbx_struct_conn_angle.ptnr1_label_seq_id 
_pdbx_struct_conn_angle.ptnr1_auth_atom_id 
_pdbx_struct_conn_angle.ptnr1_auth_asym_id 
_pdbx_struct_conn_angle.ptnr1_auth_comp_id 
_pdbx_struct_conn_angle.ptnr1_auth_seq_id 
_pdbx_struct_conn_angle.ptnr1_PDB_ins_code 
_pdbx_struct_conn_angle.ptnr1_symmetry 
_pdbx_struct_conn_angle.ptnr2_label_atom_id 
_pdbx_struct_conn_angle.ptnr2_label_alt_id 
_pdbx_struct_conn_angle.ptnr2_label_asym_id 
_pdbx_struct_conn_angle.ptnr2_label_comp_id 
_pdbx_struct_conn_angle.ptnr2_label_seq_id 
_pdbx_struct_conn_angle.ptnr2_auth_atom_id 
_pdbx_struct_conn_angle.ptnr2_auth_asym_id 
_pdbx_struct_conn_angle.ptnr2_auth_comp_id 
_pdbx_struct_conn_angle.ptnr2_auth_seq_id 
_pdbx_struct_conn_angle.ptnr2_PDB_ins_code 
_pdbx_struct_conn_angle.ptnr2_symmetry 
_pdbx_struct_conn_angle.ptnr3_label_atom_id 
_pdbx_struct_conn_angle.ptnr3_label_alt_id 
_pdbx_struct_conn_angle.ptnr3_label_asym_id 
_pdbx_struct_conn_angle.ptnr3_label_comp_id 
_pdbx_struct_conn_angle.ptnr3_label_seq_id 
_pdbx_struct_conn_angle.ptnr3_auth_atom_id 
_pdbx_struct_conn_angle.ptnr3_auth_asym_id 
_pdbx_struct_conn_angle.ptnr3_auth_comp_id 
_pdbx_struct_conn_angle.ptnr3_auth_seq_id 
_pdbx_struct_conn_angle.ptnr3_PDB_ins_code 
_pdbx_struct_conn_angle.ptnr3_symmetry 
_pdbx_struct_conn_angle.value 
_pdbx_struct_conn_angle.value_esd 
1  O   ? A ALA 74  ? A ALA 74  ? 1_555 MG ? C MG . ? A MG 184 ? 1_555 OE2 ? A GLU 94  ? A GLU 94  ? 1_555 86.6  ? 
2  O   ? A ALA 74  ? A ALA 74  ? 1_555 MG ? C MG . ? A MG 184 ? 1_555 O2B ? E RBY .   ? A RBY 186 ? 1_555 90.1  ? 
3  OE2 ? A GLU 94  ? A GLU 94  ? 1_555 MG ? C MG . ? A MG 184 ? 1_555 O2B ? E RBY .   ? A RBY 186 ? 1_555 176.7 ? 
4  O   ? A ALA 74  ? A ALA 74  ? 1_555 MG ? C MG . ? A MG 184 ? 1_555 O1A ? E RBY .   ? A RBY 186 ? 1_555 88.1  ? 
5  OE2 ? A GLU 94  ? A GLU 94  ? 1_555 MG ? C MG . ? A MG 184 ? 1_555 O1A ? E RBY .   ? A RBY 186 ? 1_555 79.7  ? 
6  O2B ? E RBY .   ? A RBY 186 ? 1_555 MG ? C MG . ? A MG 184 ? 1_555 O1A ? E RBY .   ? A RBY 186 ? 1_555 100.7 ? 
7  O   ? A ALA 74  ? A ALA 74  ? 1_555 MG ? C MG . ? A MG 184 ? 1_555 O   ? F HOH .   ? A HOH 190 ? 1_555 94.4  ? 
8  OE2 ? A GLU 94  ? A GLU 94  ? 1_555 MG ? C MG . ? A MG 184 ? 1_555 O   ? F HOH .   ? A HOH 190 ? 1_555 96.2  ? 
9  O2B ? E RBY .   ? A RBY 186 ? 1_555 MG ? C MG . ? A MG 184 ? 1_555 O   ? F HOH .   ? A HOH 190 ? 1_555 83.5  ? 
10 O1A ? E RBY .   ? A RBY 186 ? 1_555 MG ? C MG . ? A MG 184 ? 1_555 O   ? F HOH .   ? A HOH 190 ? 1_555 175.1 ? 
11 O   ? A ALA 74  ? A ALA 74  ? 1_555 MG ? C MG . ? A MG 184 ? 1_555 O   ? F HOH .   ? A HOH 193 ? 1_555 172.4 ? 
12 OE2 ? A GLU 94  ? A GLU 94  ? 1_555 MG ? C MG . ? A MG 184 ? 1_555 O   ? F HOH .   ? A HOH 193 ? 1_555 87.4  ? 
13 O2B ? E RBY .   ? A RBY 186 ? 1_555 MG ? C MG . ? A MG 184 ? 1_555 O   ? F HOH .   ? A HOH 193 ? 1_555 95.9  ? 
14 O1A ? E RBY .   ? A RBY 186 ? 1_555 MG ? C MG . ? A MG 184 ? 1_555 O   ? F HOH .   ? A HOH 193 ? 1_555 86.2  ? 
15 O   ? F HOH .   ? A HOH 190 ? 1_555 MG ? C MG . ? A MG 184 ? 1_555 O   ? F HOH .   ? A HOH 193 ? 1_555 90.9  ? 
16 OE2 ? A GLU 90  ? A GLU 90  ? 1_555 MG ? B MG . ? A MG 183 ? 1_555 OE2 ? A GLU 94  ? A GLU 94  ? 1_555 86.2  ? 
17 OE2 ? A GLU 90  ? A GLU 90  ? 1_555 MG ? B MG . ? A MG 183 ? 1_555 OE2 ? A GLU 139 ? A GLU 139 ? 1_555 171.7 ? 
18 OE2 ? A GLU 94  ? A GLU 94  ? 1_555 MG ? B MG . ? A MG 183 ? 1_555 OE2 ? A GLU 139 ? A GLU 139 ? 1_555 85.5  ? 
19 OE2 ? A GLU 90  ? A GLU 90  ? 1_555 MG ? B MG . ? A MG 183 ? 1_555 O1A ? E RBY .   ? A RBY 186 ? 1_555 89.7  ? 
20 OE2 ? A GLU 94  ? A GLU 94  ? 1_555 MG ? B MG . ? A MG 183 ? 1_555 O1A ? E RBY .   ? A RBY 186 ? 1_555 84.0  ? 
21 OE2 ? A GLU 139 ? A GLU 139 ? 1_555 MG ? B MG . ? A MG 183 ? 1_555 O1A ? E RBY .   ? A RBY 186 ? 1_555 90.0  ? 
22 OE2 ? A GLU 90  ? A GLU 90  ? 1_555 MG ? B MG . ? A MG 183 ? 1_555 O   ? F HOH .   ? A HOH 189 ? 1_555 92.9  ? 
23 OE2 ? A GLU 94  ? A GLU 94  ? 1_555 MG ? B MG . ? A MG 183 ? 1_555 O   ? F HOH .   ? A HOH 189 ? 1_555 105.8 ? 
24 OE2 ? A GLU 139 ? A GLU 139 ? 1_555 MG ? B MG . ? A MG 183 ? 1_555 O   ? F HOH .   ? A HOH 189 ? 1_555 88.7  ? 
25 O1A ? E RBY .   ? A RBY 186 ? 1_555 MG ? B MG . ? A MG 183 ? 1_555 O   ? F HOH .   ? A HOH 189 ? 1_555 170.0 ? 
26 OE2 ? A GLU 90  ? A GLU 90  ? 1_555 MG ? B MG . ? A MG 183 ? 1_555 O   ? F HOH .   ? A HOH 203 ? 1_555 92.2  ? 
27 OE2 ? A GLU 94  ? A GLU 94  ? 1_555 MG ? B MG . ? A MG 183 ? 1_555 O   ? F HOH .   ? A HOH 203 ? 1_555 162.2 ? 
28 OE2 ? A GLU 139 ? A GLU 139 ? 1_555 MG ? B MG . ? A MG 183 ? 1_555 O   ? F HOH .   ? A HOH 203 ? 1_555 95.9  ? 
29 O1A ? E RBY .   ? A RBY 186 ? 1_555 MG ? B MG . ? A MG 183 ? 1_555 O   ? F HOH .   ? A HOH 203 ? 1_555 78.2  ? 
30 O   ? F HOH .   ? A HOH 189 ? 1_555 MG ? B MG . ? A MG 183 ? 1_555 O   ? F HOH .   ? A HOH 203 ? 1_555 92.0  ? 
31 OE1 ? A GLU 90  ? A GLU 90  ? 1_555 MG ? D MG . ? A MG 185 ? 1_555 O   ? F HOH .   ? A HOH 203 ? 1_555 86.4  ? 
32 OE1 ? A GLU 90  ? A GLU 90  ? 1_555 MG ? D MG . ? A MG 185 ? 1_555 O   ? F HOH .   ? A HOH 235 ? 1_555 88.0  ? 
33 O   ? F HOH .   ? A HOH 203 ? 1_555 MG ? D MG . ? A MG 185 ? 1_555 O   ? F HOH .   ? A HOH 235 ? 1_555 173.9 ? 
34 OE1 ? A GLU 90  ? A GLU 90  ? 1_555 MG ? D MG . ? A MG 185 ? 1_555 O   ? F HOH .   ? A HOH 246 ? 1_555 174.0 ? 
35 O   ? F HOH .   ? A HOH 203 ? 1_555 MG ? D MG . ? A MG 185 ? 1_555 O   ? F HOH .   ? A HOH 246 ? 1_555 91.9  ? 
36 O   ? F HOH .   ? A HOH 235 ? 1_555 MG ? D MG . ? A MG 185 ? 1_555 O   ? F HOH .   ? A HOH 246 ? 1_555 94.0  ? 
# 
loop_
_pdbx_audit_revision_history.ordinal 
_pdbx_audit_revision_history.data_content_type 
_pdbx_audit_revision_history.major_revision 
_pdbx_audit_revision_history.minor_revision 
_pdbx_audit_revision_history.revision_date 
1 'Structure model' 1 0 2008-02-26 
2 'Structure model' 1 1 2011-07-13 
3 'Structure model' 1 2 2023-10-25 
# 
_pdbx_audit_revision_details.ordinal             1 
_pdbx_audit_revision_details.revision_ordinal    1 
_pdbx_audit_revision_details.data_content_type   'Structure model' 
_pdbx_audit_revision_details.provider            repository 
_pdbx_audit_revision_details.type                'Initial release' 
_pdbx_audit_revision_details.description         ? 
_pdbx_audit_revision_details.details             ? 
# 
loop_
_pdbx_audit_revision_group.ordinal 
_pdbx_audit_revision_group.revision_ordinal 
_pdbx_audit_revision_group.data_content_type 
_pdbx_audit_revision_group.group 
1 2 'Structure model' 'Source and taxonomy'       
2 2 'Structure model' 'Version format compliance' 
3 3 'Structure model' 'Data collection'           
4 3 'Structure model' 'Database references'       
5 3 'Structure model' 'Derived calculations'      
6 3 'Structure model' 'Refinement description'    
# 
loop_
_pdbx_audit_revision_category.ordinal 
_pdbx_audit_revision_category.revision_ordinal 
_pdbx_audit_revision_category.data_content_type 
_pdbx_audit_revision_category.category 
1 3 'Structure model' chem_comp_atom                
2 3 'Structure model' chem_comp_bond                
3 3 'Structure model' database_2                    
4 3 'Structure model' pdbx_initial_refinement_model 
5 3 'Structure model' pdbx_struct_conn_angle        
6 3 'Structure model' struct_conn                   
7 3 'Structure model' struct_site                   
# 
loop_
_pdbx_audit_revision_item.ordinal 
_pdbx_audit_revision_item.revision_ordinal 
_pdbx_audit_revision_item.data_content_type 
_pdbx_audit_revision_item.item 
1  3 'Structure model' '_database_2.pdbx_DOI'                        
2  3 'Structure model' '_database_2.pdbx_database_accession'         
3  3 'Structure model' '_pdbx_struct_conn_angle.ptnr1_auth_comp_id'  
4  3 'Structure model' '_pdbx_struct_conn_angle.ptnr1_auth_seq_id'   
5  3 'Structure model' '_pdbx_struct_conn_angle.ptnr1_label_asym_id' 
6  3 'Structure model' '_pdbx_struct_conn_angle.ptnr1_label_atom_id' 
7  3 'Structure model' '_pdbx_struct_conn_angle.ptnr1_label_comp_id' 
8  3 'Structure model' '_pdbx_struct_conn_angle.ptnr1_label_seq_id'  
9  3 'Structure model' '_pdbx_struct_conn_angle.ptnr2_auth_seq_id'   
10 3 'Structure model' '_pdbx_struct_conn_angle.ptnr2_label_asym_id' 
11 3 'Structure model' '_pdbx_struct_conn_angle.ptnr3_auth_comp_id'  
12 3 'Structure model' '_pdbx_struct_conn_angle.ptnr3_auth_seq_id'   
13 3 'Structure model' '_pdbx_struct_conn_angle.ptnr3_label_asym_id' 
14 3 'Structure model' '_pdbx_struct_conn_angle.ptnr3_label_atom_id' 
15 3 'Structure model' '_pdbx_struct_conn_angle.ptnr3_label_comp_id' 
16 3 'Structure model' '_pdbx_struct_conn_angle.ptnr3_label_seq_id'  
17 3 'Structure model' '_pdbx_struct_conn_angle.value'               
18 3 'Structure model' '_struct_conn.pdbx_dist_value'                
19 3 'Structure model' '_struct_conn.ptnr1_label_atom_id'            
20 3 'Structure model' '_struct_conn.ptnr2_auth_comp_id'             
21 3 'Structure model' '_struct_conn.ptnr2_auth_seq_id'              
22 3 'Structure model' '_struct_conn.ptnr2_label_asym_id'            
23 3 'Structure model' '_struct_conn.ptnr2_label_atom_id'            
24 3 'Structure model' '_struct_conn.ptnr2_label_comp_id'            
25 3 'Structure model' '_struct_site.pdbx_auth_asym_id'              
26 3 'Structure model' '_struct_site.pdbx_auth_comp_id'              
27 3 'Structure model' '_struct_site.pdbx_auth_seq_id'               
# 
loop_
_software.name 
_software.classification 
_software.version 
_software.citation_id 
_software.pdbx_ordinal 
MLPHARE   phasing           .   ? 1 
CNS       refinement        1.1 ? 2 
HKL-2000  'data collection' .   ? 3 
HKL-2000  'data reduction'  .   ? 4 
SCALEPACK 'data scaling'    .   ? 5 
# 
_pdbx_validate_close_contact.id               1 
_pdbx_validate_close_contact.PDB_model_num    1 
_pdbx_validate_close_contact.auth_atom_id_1   OE1 
_pdbx_validate_close_contact.auth_asym_id_1   A 
_pdbx_validate_close_contact.auth_comp_id_1   GLU 
_pdbx_validate_close_contact.auth_seq_id_1    136 
_pdbx_validate_close_contact.PDB_ins_code_1   ? 
_pdbx_validate_close_contact.label_alt_id_1   ? 
_pdbx_validate_close_contact.auth_atom_id_2   "C5'" 
_pdbx_validate_close_contact.auth_asym_id_2   A 
_pdbx_validate_close_contact.auth_comp_id_2   RBY 
_pdbx_validate_close_contact.auth_seq_id_2    186 
_pdbx_validate_close_contact.PDB_ins_code_2   ? 
_pdbx_validate_close_contact.label_alt_id_2   ? 
_pdbx_validate_close_contact.dist             2.11 
# 
loop_
_pdbx_validate_torsion.id 
_pdbx_validate_torsion.PDB_model_num 
_pdbx_validate_torsion.auth_comp_id 
_pdbx_validate_torsion.auth_asym_id 
_pdbx_validate_torsion.auth_seq_id 
_pdbx_validate_torsion.PDB_ins_code 
_pdbx_validate_torsion.label_alt_id 
_pdbx_validate_torsion.phi 
_pdbx_validate_torsion.psi 
1 1 GLU A 100 ? ? -96.67  -106.26 
2 1 GLN A 111 ? ? -152.14 74.98   
# 
loop_
_pdbx_validate_chiral.id 
_pdbx_validate_chiral.PDB_model_num 
_pdbx_validate_chiral.auth_atom_id 
_pdbx_validate_chiral.label_alt_id 
_pdbx_validate_chiral.auth_asym_id 
_pdbx_validate_chiral.auth_comp_id 
_pdbx_validate_chiral.auth_seq_id 
_pdbx_validate_chiral.PDB_ins_code 
_pdbx_validate_chiral.details 
_pdbx_validate_chiral.omega 
1 1 CR4 ? A RBY 186 ? PLANAR . 
2 1 CR3 ? A RBY 186 ? PLANAR . 
# 
loop_
_chem_comp_atom.comp_id 
_chem_comp_atom.atom_id 
_chem_comp_atom.type_symbol 
_chem_comp_atom.pdbx_aromatic_flag 
_chem_comp_atom.pdbx_stereo_config 
_chem_comp_atom.pdbx_ordinal 
ALA N      N  N N 1   
ALA CA     C  N S 2   
ALA C      C  N N 3   
ALA O      O  N N 4   
ALA CB     C  N N 5   
ALA OXT    O  N N 6   
ALA H      H  N N 7   
ALA H2     H  N N 8   
ALA HA     H  N N 9   
ALA HB1    H  N N 10  
ALA HB2    H  N N 11  
ALA HB3    H  N N 12  
ALA HXT    H  N N 13  
ARG N      N  N N 14  
ARG CA     C  N S 15  
ARG C      C  N N 16  
ARG O      O  N N 17  
ARG CB     C  N N 18  
ARG CG     C  N N 19  
ARG CD     C  N N 20  
ARG NE     N  N N 21  
ARG CZ     C  N N 22  
ARG NH1    N  N N 23  
ARG NH2    N  N N 24  
ARG OXT    O  N N 25  
ARG H      H  N N 26  
ARG H2     H  N N 27  
ARG HA     H  N N 28  
ARG HB2    H  N N 29  
ARG HB3    H  N N 30  
ARG HG2    H  N N 31  
ARG HG3    H  N N 32  
ARG HD2    H  N N 33  
ARG HD3    H  N N 34  
ARG HE     H  N N 35  
ARG HH11   H  N N 36  
ARG HH12   H  N N 37  
ARG HH21   H  N N 38  
ARG HH22   H  N N 39  
ARG HXT    H  N N 40  
ASP N      N  N N 41  
ASP CA     C  N S 42  
ASP C      C  N N 43  
ASP O      O  N N 44  
ASP CB     C  N N 45  
ASP CG     C  N N 46  
ASP OD1    O  N N 47  
ASP OD2    O  N N 48  
ASP OXT    O  N N 49  
ASP H      H  N N 50  
ASP H2     H  N N 51  
ASP HA     H  N N 52  
ASP HB2    H  N N 53  
ASP HB3    H  N N 54  
ASP HD2    H  N N 55  
ASP HXT    H  N N 56  
GLN N      N  N N 57  
GLN CA     C  N S 58  
GLN C      C  N N 59  
GLN O      O  N N 60  
GLN CB     C  N N 61  
GLN CG     C  N N 62  
GLN CD     C  N N 63  
GLN OE1    O  N N 64  
GLN NE2    N  N N 65  
GLN OXT    O  N N 66  
GLN H      H  N N 67  
GLN H2     H  N N 68  
GLN HA     H  N N 69  
GLN HB2    H  N N 70  
GLN HB3    H  N N 71  
GLN HG2    H  N N 72  
GLN HG3    H  N N 73  
GLN HE21   H  N N 74  
GLN HE22   H  N N 75  
GLN HXT    H  N N 76  
GLU N      N  N N 77  
GLU CA     C  N S 78  
GLU C      C  N N 79  
GLU O      O  N N 80  
GLU CB     C  N N 81  
GLU CG     C  N N 82  
GLU CD     C  N N 83  
GLU OE1    O  N N 84  
GLU OE2    O  N N 85  
GLU OXT    O  N N 86  
GLU H      H  N N 87  
GLU H2     H  N N 88  
GLU HA     H  N N 89  
GLU HB2    H  N N 90  
GLU HB3    H  N N 91  
GLU HG2    H  N N 92  
GLU HG3    H  N N 93  
GLU HE2    H  N N 94  
GLU HXT    H  N N 95  
GLY N      N  N N 96  
GLY CA     C  N N 97  
GLY C      C  N N 98  
GLY O      O  N N 99  
GLY OXT    O  N N 100 
GLY H      H  N N 101 
GLY H2     H  N N 102 
GLY HA2    H  N N 103 
GLY HA3    H  N N 104 
GLY HXT    H  N N 105 
HIS N      N  N N 106 
HIS CA     C  N S 107 
HIS C      C  N N 108 
HIS O      O  N N 109 
HIS CB     C  N N 110 
HIS CG     C  Y N 111 
HIS ND1    N  Y N 112 
HIS CD2    C  Y N 113 
HIS CE1    C  Y N 114 
HIS NE2    N  Y N 115 
HIS OXT    O  N N 116 
HIS H      H  N N 117 
HIS H2     H  N N 118 
HIS HA     H  N N 119 
HIS HB2    H  N N 120 
HIS HB3    H  N N 121 
HIS HD1    H  N N 122 
HIS HD2    H  N N 123 
HIS HE1    H  N N 124 
HIS HE2    H  N N 125 
HIS HXT    H  N N 126 
HOH O      O  N N 127 
HOH H1     H  N N 128 
HOH H2     H  N N 129 
ILE N      N  N N 130 
ILE CA     C  N S 131 
ILE C      C  N N 132 
ILE O      O  N N 133 
ILE CB     C  N S 134 
ILE CG1    C  N N 135 
ILE CG2    C  N N 136 
ILE CD1    C  N N 137 
ILE OXT    O  N N 138 
ILE H      H  N N 139 
ILE H2     H  N N 140 
ILE HA     H  N N 141 
ILE HB     H  N N 142 
ILE HG12   H  N N 143 
ILE HG13   H  N N 144 
ILE HG21   H  N N 145 
ILE HG22   H  N N 146 
ILE HG23   H  N N 147 
ILE HD11   H  N N 148 
ILE HD12   H  N N 149 
ILE HD13   H  N N 150 
ILE HXT    H  N N 151 
LEU N      N  N N 152 
LEU CA     C  N S 153 
LEU C      C  N N 154 
LEU O      O  N N 155 
LEU CB     C  N N 156 
LEU CG     C  N N 157 
LEU CD1    C  N N 158 
LEU CD2    C  N N 159 
LEU OXT    O  N N 160 
LEU H      H  N N 161 
LEU H2     H  N N 162 
LEU HA     H  N N 163 
LEU HB2    H  N N 164 
LEU HB3    H  N N 165 
LEU HG     H  N N 166 
LEU HD11   H  N N 167 
LEU HD12   H  N N 168 
LEU HD13   H  N N 169 
LEU HD21   H  N N 170 
LEU HD22   H  N N 171 
LEU HD23   H  N N 172 
LEU HXT    H  N N 173 
LYS N      N  N N 174 
LYS CA     C  N S 175 
LYS C      C  N N 176 
LYS O      O  N N 177 
LYS CB     C  N N 178 
LYS CG     C  N N 179 
LYS CD     C  N N 180 
LYS CE     C  N N 181 
LYS NZ     N  N N 182 
LYS OXT    O  N N 183 
LYS H      H  N N 184 
LYS H2     H  N N 185 
LYS HA     H  N N 186 
LYS HB2    H  N N 187 
LYS HB3    H  N N 188 
LYS HG2    H  N N 189 
LYS HG3    H  N N 190 
LYS HD2    H  N N 191 
LYS HD3    H  N N 192 
LYS HE2    H  N N 193 
LYS HE3    H  N N 194 
LYS HZ1    H  N N 195 
LYS HZ2    H  N N 196 
LYS HZ3    H  N N 197 
LYS HXT    H  N N 198 
MET N      N  N N 199 
MET CA     C  N S 200 
MET C      C  N N 201 
MET O      O  N N 202 
MET CB     C  N N 203 
MET CG     C  N N 204 
MET SD     S  N N 205 
MET CE     C  N N 206 
MET OXT    O  N N 207 
MET H      H  N N 208 
MET H2     H  N N 209 
MET HA     H  N N 210 
MET HB2    H  N N 211 
MET HB3    H  N N 212 
MET HG2    H  N N 213 
MET HG3    H  N N 214 
MET HE1    H  N N 215 
MET HE2    H  N N 216 
MET HE3    H  N N 217 
MET HXT    H  N N 218 
MG  MG     MG N N 219 
PHE N      N  N N 220 
PHE CA     C  N S 221 
PHE C      C  N N 222 
PHE O      O  N N 223 
PHE CB     C  N N 224 
PHE CG     C  Y N 225 
PHE CD1    C  Y N 226 
PHE CD2    C  Y N 227 
PHE CE1    C  Y N 228 
PHE CE2    C  Y N 229 
PHE CZ     C  Y N 230 
PHE OXT    O  N N 231 
PHE H      H  N N 232 
PHE H2     H  N N 233 
PHE HA     H  N N 234 
PHE HB2    H  N N 235 
PHE HB3    H  N N 236 
PHE HD1    H  N N 237 
PHE HD2    H  N N 238 
PHE HE1    H  N N 239 
PHE HE2    H  N N 240 
PHE HZ     H  N N 241 
PHE HXT    H  N N 242 
PRO N      N  N N 243 
PRO CA     C  N S 244 
PRO C      C  N N 245 
PRO O      O  N N 246 
PRO CB     C  N N 247 
PRO CG     C  N N 248 
PRO CD     C  N N 249 
PRO OXT    O  N N 250 
PRO H      H  N N 251 
PRO HA     H  N N 252 
PRO HB2    H  N N 253 
PRO HB3    H  N N 254 
PRO HG2    H  N N 255 
PRO HG3    H  N N 256 
PRO HD2    H  N N 257 
PRO HD3    H  N N 258 
PRO HXT    H  N N 259 
RBY PA     P  N R 260 
RBY "O5'"  O  N N 261 
RBY "C5'"  C  N N 262 
RBY "C4'"  C  N R 263 
RBY "O4'"  O  N N 264 
RBY "C3'"  C  N S 265 
RBY "O3'"  O  N N 266 
RBY "C2'"  C  N R 267 
RBY "O2'"  O  N N 268 
RBY "C1'"  C  N R 269 
RBY N9     N  Y N 270 
RBY C8     C  Y N 271 
RBY N7     N  Y N 272 
RBY C5     C  Y N 273 
RBY C6     C  Y N 274 
RBY N6     N  N N 275 
RBY N1     N  Y N 276 
RBY C2     C  Y N 277 
RBY N3     N  Y N 278 
RBY C4     C  Y N 279 
RBY CX     C  N N 280 
RBY PB     P  N S 281 
RBY O1B    O  N N 282 
RBY OR5    O  N N 283 
RBY CR5    C  N N 284 
RBY CR4    C  N S 285 
RBY OR4    O  N N 286 
RBY CR3    C  N S 287 
RBY OR3    O  N N 288 
RBY CR2    C  N R 289 
RBY OR2    O  N N 290 
RBY CR1    C  N R 291 
RBY OR1    O  N N 292 
RBY O2A    O  N N 293 
RBY O2B    O  N N 294 
RBY O1A    O  N N 295 
RBY "H5'1" H  N N 296 
RBY "H5'2" H  N N 297 
RBY "H4'"  H  N N 298 
RBY "H3'"  H  N N 299 
RBY "HO3'" H  N N 300 
RBY "H2'"  H  N N 301 
RBY "HO2'" H  N N 302 
RBY "H1'"  H  N N 303 
RBY H8     H  N N 304 
RBY HN61   H  N N 305 
RBY HN62   H  N N 306 
RBY H2     H  N N 307 
RBY HX1    H  N N 308 
RBY HX2    H  N N 309 
RBY HR51   H  N N 310 
RBY HR52   H  N N 311 
RBY HOR3   H  N N 312 
RBY HR2    H  N N 313 
RBY HOR2   H  N N 314 
RBY HR1    H  N N 315 
RBY HOR1   H  N N 316 
RBY HO2B   H  N N 317 
RBY HO1A   H  N N 318 
RBY HR3    H  N N 319 
RBY HR4    H  N N 320 
SER N      N  N N 321 
SER CA     C  N S 322 
SER C      C  N N 323 
SER O      O  N N 324 
SER CB     C  N N 325 
SER OG     O  N N 326 
SER OXT    O  N N 327 
SER H      H  N N 328 
SER H2     H  N N 329 
SER HA     H  N N 330 
SER HB2    H  N N 331 
SER HB3    H  N N 332 
SER HG     H  N N 333 
SER HXT    H  N N 334 
THR N      N  N N 335 
THR CA     C  N S 336 
THR C      C  N N 337 
THR O      O  N N 338 
THR CB     C  N R 339 
THR OG1    O  N N 340 
THR CG2    C  N N 341 
THR OXT    O  N N 342 
THR H      H  N N 343 
THR H2     H  N N 344 
THR HA     H  N N 345 
THR HB     H  N N 346 
THR HG1    H  N N 347 
THR HG21   H  N N 348 
THR HG22   H  N N 349 
THR HG23   H  N N 350 
THR HXT    H  N N 351 
TRP N      N  N N 352 
TRP CA     C  N S 353 
TRP C      C  N N 354 
TRP O      O  N N 355 
TRP CB     C  N N 356 
TRP CG     C  Y N 357 
TRP CD1    C  Y N 358 
TRP CD2    C  Y N 359 
TRP NE1    N  Y N 360 
TRP CE2    C  Y N 361 
TRP CE3    C  Y N 362 
TRP CZ2    C  Y N 363 
TRP CZ3    C  Y N 364 
TRP CH2    C  Y N 365 
TRP OXT    O  N N 366 
TRP H      H  N N 367 
TRP H2     H  N N 368 
TRP HA     H  N N 369 
TRP HB2    H  N N 370 
TRP HB3    H  N N 371 
TRP HD1    H  N N 372 
TRP HE1    H  N N 373 
TRP HE3    H  N N 374 
TRP HZ2    H  N N 375 
TRP HZ3    H  N N 376 
TRP HH2    H  N N 377 
TRP HXT    H  N N 378 
TYR N      N  N N 379 
TYR CA     C  N S 380 
TYR C      C  N N 381 
TYR O      O  N N 382 
TYR CB     C  N N 383 
TYR CG     C  Y N 384 
TYR CD1    C  Y N 385 
TYR CD2    C  Y N 386 
TYR CE1    C  Y N 387 
TYR CE2    C  Y N 388 
TYR CZ     C  Y N 389 
TYR OH     O  N N 390 
TYR OXT    O  N N 391 
TYR H      H  N N 392 
TYR H2     H  N N 393 
TYR HA     H  N N 394 
TYR HB2    H  N N 395 
TYR HB3    H  N N 396 
TYR HD1    H  N N 397 
TYR HD2    H  N N 398 
TYR HE1    H  N N 399 
TYR HE2    H  N N 400 
TYR HH     H  N N 401 
TYR HXT    H  N N 402 
VAL N      N  N N 403 
VAL CA     C  N S 404 
VAL C      C  N N 405 
VAL O      O  N N 406 
VAL CB     C  N N 407 
VAL CG1    C  N N 408 
VAL CG2    C  N N 409 
VAL OXT    O  N N 410 
VAL H      H  N N 411 
VAL H2     H  N N 412 
VAL HA     H  N N 413 
VAL HB     H  N N 414 
VAL HG11   H  N N 415 
VAL HG12   H  N N 416 
VAL HG13   H  N N 417 
VAL HG21   H  N N 418 
VAL HG22   H  N N 419 
VAL HG23   H  N N 420 
VAL HXT    H  N N 421 
# 
loop_
_chem_comp_bond.comp_id 
_chem_comp_bond.atom_id_1 
_chem_comp_bond.atom_id_2 
_chem_comp_bond.value_order 
_chem_comp_bond.pdbx_aromatic_flag 
_chem_comp_bond.pdbx_stereo_config 
_chem_comp_bond.pdbx_ordinal 
ALA N     CA     sing N N 1   
ALA N     H      sing N N 2   
ALA N     H2     sing N N 3   
ALA CA    C      sing N N 4   
ALA CA    CB     sing N N 5   
ALA CA    HA     sing N N 6   
ALA C     O      doub N N 7   
ALA C     OXT    sing N N 8   
ALA CB    HB1    sing N N 9   
ALA CB    HB2    sing N N 10  
ALA CB    HB3    sing N N 11  
ALA OXT   HXT    sing N N 12  
ARG N     CA     sing N N 13  
ARG N     H      sing N N 14  
ARG N     H2     sing N N 15  
ARG CA    C      sing N N 16  
ARG CA    CB     sing N N 17  
ARG CA    HA     sing N N 18  
ARG C     O      doub N N 19  
ARG C     OXT    sing N N 20  
ARG CB    CG     sing N N 21  
ARG CB    HB2    sing N N 22  
ARG CB    HB3    sing N N 23  
ARG CG    CD     sing N N 24  
ARG CG    HG2    sing N N 25  
ARG CG    HG3    sing N N 26  
ARG CD    NE     sing N N 27  
ARG CD    HD2    sing N N 28  
ARG CD    HD3    sing N N 29  
ARG NE    CZ     sing N N 30  
ARG NE    HE     sing N N 31  
ARG CZ    NH1    sing N N 32  
ARG CZ    NH2    doub N N 33  
ARG NH1   HH11   sing N N 34  
ARG NH1   HH12   sing N N 35  
ARG NH2   HH21   sing N N 36  
ARG NH2   HH22   sing N N 37  
ARG OXT   HXT    sing N N 38  
ASP N     CA     sing N N 39  
ASP N     H      sing N N 40  
ASP N     H2     sing N N 41  
ASP CA    C      sing N N 42  
ASP CA    CB     sing N N 43  
ASP CA    HA     sing N N 44  
ASP C     O      doub N N 45  
ASP C     OXT    sing N N 46  
ASP CB    CG     sing N N 47  
ASP CB    HB2    sing N N 48  
ASP CB    HB3    sing N N 49  
ASP CG    OD1    doub N N 50  
ASP CG    OD2    sing N N 51  
ASP OD2   HD2    sing N N 52  
ASP OXT   HXT    sing N N 53  
GLN N     CA     sing N N 54  
GLN N     H      sing N N 55  
GLN N     H2     sing N N 56  
GLN CA    C      sing N N 57  
GLN CA    CB     sing N N 58  
GLN CA    HA     sing N N 59  
GLN C     O      doub N N 60  
GLN C     OXT    sing N N 61  
GLN CB    CG     sing N N 62  
GLN CB    HB2    sing N N 63  
GLN CB    HB3    sing N N 64  
GLN CG    CD     sing N N 65  
GLN CG    HG2    sing N N 66  
GLN CG    HG3    sing N N 67  
GLN CD    OE1    doub N N 68  
GLN CD    NE2    sing N N 69  
GLN NE2   HE21   sing N N 70  
GLN NE2   HE22   sing N N 71  
GLN OXT   HXT    sing N N 72  
GLU N     CA     sing N N 73  
GLU N     H      sing N N 74  
GLU N     H2     sing N N 75  
GLU CA    C      sing N N 76  
GLU CA    CB     sing N N 77  
GLU CA    HA     sing N N 78  
GLU C     O      doub N N 79  
GLU C     OXT    sing N N 80  
GLU CB    CG     sing N N 81  
GLU CB    HB2    sing N N 82  
GLU CB    HB3    sing N N 83  
GLU CG    CD     sing N N 84  
GLU CG    HG2    sing N N 85  
GLU CG    HG3    sing N N 86  
GLU CD    OE1    doub N N 87  
GLU CD    OE2    sing N N 88  
GLU OE2   HE2    sing N N 89  
GLU OXT   HXT    sing N N 90  
GLY N     CA     sing N N 91  
GLY N     H      sing N N 92  
GLY N     H2     sing N N 93  
GLY CA    C      sing N N 94  
GLY CA    HA2    sing N N 95  
GLY CA    HA3    sing N N 96  
GLY C     O      doub N N 97  
GLY C     OXT    sing N N 98  
GLY OXT   HXT    sing N N 99  
HIS N     CA     sing N N 100 
HIS N     H      sing N N 101 
HIS N     H2     sing N N 102 
HIS CA    C      sing N N 103 
HIS CA    CB     sing N N 104 
HIS CA    HA     sing N N 105 
HIS C     O      doub N N 106 
HIS C     OXT    sing N N 107 
HIS CB    CG     sing N N 108 
HIS CB    HB2    sing N N 109 
HIS CB    HB3    sing N N 110 
HIS CG    ND1    sing Y N 111 
HIS CG    CD2    doub Y N 112 
HIS ND1   CE1    doub Y N 113 
HIS ND1   HD1    sing N N 114 
HIS CD2   NE2    sing Y N 115 
HIS CD2   HD2    sing N N 116 
HIS CE1   NE2    sing Y N 117 
HIS CE1   HE1    sing N N 118 
HIS NE2   HE2    sing N N 119 
HIS OXT   HXT    sing N N 120 
HOH O     H1     sing N N 121 
HOH O     H2     sing N N 122 
ILE N     CA     sing N N 123 
ILE N     H      sing N N 124 
ILE N     H2     sing N N 125 
ILE CA    C      sing N N 126 
ILE CA    CB     sing N N 127 
ILE CA    HA     sing N N 128 
ILE C     O      doub N N 129 
ILE C     OXT    sing N N 130 
ILE CB    CG1    sing N N 131 
ILE CB    CG2    sing N N 132 
ILE CB    HB     sing N N 133 
ILE CG1   CD1    sing N N 134 
ILE CG1   HG12   sing N N 135 
ILE CG1   HG13   sing N N 136 
ILE CG2   HG21   sing N N 137 
ILE CG2   HG22   sing N N 138 
ILE CG2   HG23   sing N N 139 
ILE CD1   HD11   sing N N 140 
ILE CD1   HD12   sing N N 141 
ILE CD1   HD13   sing N N 142 
ILE OXT   HXT    sing N N 143 
LEU N     CA     sing N N 144 
LEU N     H      sing N N 145 
LEU N     H2     sing N N 146 
LEU CA    C      sing N N 147 
LEU CA    CB     sing N N 148 
LEU CA    HA     sing N N 149 
LEU C     O      doub N N 150 
LEU C     OXT    sing N N 151 
LEU CB    CG     sing N N 152 
LEU CB    HB2    sing N N 153 
LEU CB    HB3    sing N N 154 
LEU CG    CD1    sing N N 155 
LEU CG    CD2    sing N N 156 
LEU CG    HG     sing N N 157 
LEU CD1   HD11   sing N N 158 
LEU CD1   HD12   sing N N 159 
LEU CD1   HD13   sing N N 160 
LEU CD2   HD21   sing N N 161 
LEU CD2   HD22   sing N N 162 
LEU CD2   HD23   sing N N 163 
LEU OXT   HXT    sing N N 164 
LYS N     CA     sing N N 165 
LYS N     H      sing N N 166 
LYS N     H2     sing N N 167 
LYS CA    C      sing N N 168 
LYS CA    CB     sing N N 169 
LYS CA    HA     sing N N 170 
LYS C     O      doub N N 171 
LYS C     OXT    sing N N 172 
LYS CB    CG     sing N N 173 
LYS CB    HB2    sing N N 174 
LYS CB    HB3    sing N N 175 
LYS CG    CD     sing N N 176 
LYS CG    HG2    sing N N 177 
LYS CG    HG3    sing N N 178 
LYS CD    CE     sing N N 179 
LYS CD    HD2    sing N N 180 
LYS CD    HD3    sing N N 181 
LYS CE    NZ     sing N N 182 
LYS CE    HE2    sing N N 183 
LYS CE    HE3    sing N N 184 
LYS NZ    HZ1    sing N N 185 
LYS NZ    HZ2    sing N N 186 
LYS NZ    HZ3    sing N N 187 
LYS OXT   HXT    sing N N 188 
MET N     CA     sing N N 189 
MET N     H      sing N N 190 
MET N     H2     sing N N 191 
MET CA    C      sing N N 192 
MET CA    CB     sing N N 193 
MET CA    HA     sing N N 194 
MET C     O      doub N N 195 
MET C     OXT    sing N N 196 
MET CB    CG     sing N N 197 
MET CB    HB2    sing N N 198 
MET CB    HB3    sing N N 199 
MET CG    SD     sing N N 200 
MET CG    HG2    sing N N 201 
MET CG    HG3    sing N N 202 
MET SD    CE     sing N N 203 
MET CE    HE1    sing N N 204 
MET CE    HE2    sing N N 205 
MET CE    HE3    sing N N 206 
MET OXT   HXT    sing N N 207 
PHE N     CA     sing N N 208 
PHE N     H      sing N N 209 
PHE N     H2     sing N N 210 
PHE CA    C      sing N N 211 
PHE CA    CB     sing N N 212 
PHE CA    HA     sing N N 213 
PHE C     O      doub N N 214 
PHE C     OXT    sing N N 215 
PHE CB    CG     sing N N 216 
PHE CB    HB2    sing N N 217 
PHE CB    HB3    sing N N 218 
PHE CG    CD1    doub Y N 219 
PHE CG    CD2    sing Y N 220 
PHE CD1   CE1    sing Y N 221 
PHE CD1   HD1    sing N N 222 
PHE CD2   CE2    doub Y N 223 
PHE CD2   HD2    sing N N 224 
PHE CE1   CZ     doub Y N 225 
PHE CE1   HE1    sing N N 226 
PHE CE2   CZ     sing Y N 227 
PHE CE2   HE2    sing N N 228 
PHE CZ    HZ     sing N N 229 
PHE OXT   HXT    sing N N 230 
PRO N     CA     sing N N 231 
PRO N     CD     sing N N 232 
PRO N     H      sing N N 233 
PRO CA    C      sing N N 234 
PRO CA    CB     sing N N 235 
PRO CA    HA     sing N N 236 
PRO C     O      doub N N 237 
PRO C     OXT    sing N N 238 
PRO CB    CG     sing N N 239 
PRO CB    HB2    sing N N 240 
PRO CB    HB3    sing N N 241 
PRO CG    CD     sing N N 242 
PRO CG    HG2    sing N N 243 
PRO CG    HG3    sing N N 244 
PRO CD    HD2    sing N N 245 
PRO CD    HD3    sing N N 246 
PRO OXT   HXT    sing N N 247 
RBY "O3'" "C3'"  sing N N 248 
RBY "C3'" "C2'"  sing N N 249 
RBY "C3'" "C4'"  sing N N 250 
RBY "O2'" "C2'"  sing N N 251 
RBY "C5'" "C4'"  sing N N 252 
RBY "C5'" "O5'"  sing N N 253 
RBY "C2'" "C1'"  sing N N 254 
RBY "C4'" "O4'"  sing N N 255 
RBY "O5'" PA     sing N N 256 
RBY O2A   PA     doub N N 257 
RBY "C1'" "O4'"  sing N N 258 
RBY "C1'" N9     sing N N 259 
RBY PA    CX     sing N N 260 
RBY PA    O1A    sing N N 261 
RBY N9    C4     sing Y N 262 
RBY N9    C8     sing Y N 263 
RBY N3    C4     doub Y N 264 
RBY N3    C2     sing Y N 265 
RBY O1B   PB     doub N N 266 
RBY O2B   PB     sing N N 267 
RBY C4    C5     sing Y N 268 
RBY CX    PB     sing N N 269 
RBY C8    N7     doub Y N 270 
RBY C2    N1     doub Y N 271 
RBY PB    OR5    sing N N 272 
RBY C5    N7     sing Y N 273 
RBY C5    C6     doub Y N 274 
RBY N1    C6     sing Y N 275 
RBY C6    N6     sing N N 276 
RBY OR5   CR5    sing N N 277 
RBY CR5   CR4    sing N N 278 
RBY OR3   CR3    sing N N 279 
RBY CR4   CR3    sing N N 280 
RBY CR4   OR4    sing N N 281 
RBY CR3   CR2    sing N N 282 
RBY OR4   CR1    sing N N 283 
RBY CR2   CR1    sing N N 284 
RBY CR2   OR2    sing N N 285 
RBY OR1   CR1    sing N N 286 
RBY "C5'" "H5'1" sing N N 287 
RBY "C5'" "H5'2" sing N N 288 
RBY "C4'" "H4'"  sing N N 289 
RBY "C3'" "H3'"  sing N N 290 
RBY "O3'" "HO3'" sing N N 291 
RBY "C2'" "H2'"  sing N N 292 
RBY "O2'" "HO2'" sing N N 293 
RBY "C1'" "H1'"  sing N N 294 
RBY C8    H8     sing N N 295 
RBY N6    HN61   sing N N 296 
RBY N6    HN62   sing N N 297 
RBY C2    H2     sing N N 298 
RBY CX    HX1    sing N N 299 
RBY CX    HX2    sing N N 300 
RBY CR5   HR51   sing N N 301 
RBY CR5   HR52   sing N N 302 
RBY OR3   HOR3   sing N N 303 
RBY CR2   HR2    sing N N 304 
RBY OR2   HOR2   sing N N 305 
RBY CR1   HR1    sing N N 306 
RBY OR1   HOR1   sing N N 307 
RBY O2B   HO2B   sing N N 308 
RBY O1A   HO1A   sing N N 309 
RBY CR3   HR3    sing N N 310 
RBY CR4   HR4    sing N N 311 
SER N     CA     sing N N 312 
SER N     H      sing N N 313 
SER N     H2     sing N N 314 
SER CA    C      sing N N 315 
SER CA    CB     sing N N 316 
SER CA    HA     sing N N 317 
SER C     O      doub N N 318 
SER C     OXT    sing N N 319 
SER CB    OG     sing N N 320 
SER CB    HB2    sing N N 321 
SER CB    HB3    sing N N 322 
SER OG    HG     sing N N 323 
SER OXT   HXT    sing N N 324 
THR N     CA     sing N N 325 
THR N     H      sing N N 326 
THR N     H2     sing N N 327 
THR CA    C      sing N N 328 
THR CA    CB     sing N N 329 
THR CA    HA     sing N N 330 
THR C     O      doub N N 331 
THR C     OXT    sing N N 332 
THR CB    OG1    sing N N 333 
THR CB    CG2    sing N N 334 
THR CB    HB     sing N N 335 
THR OG1   HG1    sing N N 336 
THR CG2   HG21   sing N N 337 
THR CG2   HG22   sing N N 338 
THR CG2   HG23   sing N N 339 
THR OXT   HXT    sing N N 340 
TRP N     CA     sing N N 341 
TRP N     H      sing N N 342 
TRP N     H2     sing N N 343 
TRP CA    C      sing N N 344 
TRP CA    CB     sing N N 345 
TRP CA    HA     sing N N 346 
TRP C     O      doub N N 347 
TRP C     OXT    sing N N 348 
TRP CB    CG     sing N N 349 
TRP CB    HB2    sing N N 350 
TRP CB    HB3    sing N N 351 
TRP CG    CD1    doub Y N 352 
TRP CG    CD2    sing Y N 353 
TRP CD1   NE1    sing Y N 354 
TRP CD1   HD1    sing N N 355 
TRP CD2   CE2    doub Y N 356 
TRP CD2   CE3    sing Y N 357 
TRP NE1   CE2    sing Y N 358 
TRP NE1   HE1    sing N N 359 
TRP CE2   CZ2    sing Y N 360 
TRP CE3   CZ3    doub Y N 361 
TRP CE3   HE3    sing N N 362 
TRP CZ2   CH2    doub Y N 363 
TRP CZ2   HZ2    sing N N 364 
TRP CZ3   CH2    sing Y N 365 
TRP CZ3   HZ3    sing N N 366 
TRP CH2   HH2    sing N N 367 
TRP OXT   HXT    sing N N 368 
TYR N     CA     sing N N 369 
TYR N     H      sing N N 370 
TYR N     H2     sing N N 371 
TYR CA    C      sing N N 372 
TYR CA    CB     sing N N 373 
TYR CA    HA     sing N N 374 
TYR C     O      doub N N 375 
TYR C     OXT    sing N N 376 
TYR CB    CG     sing N N 377 
TYR CB    HB2    sing N N 378 
TYR CB    HB3    sing N N 379 
TYR CG    CD1    doub Y N 380 
TYR CG    CD2    sing Y N 381 
TYR CD1   CE1    sing Y N 382 
TYR CD1   HD1    sing N N 383 
TYR CD2   CE2    doub Y N 384 
TYR CD2   HD2    sing N N 385 
TYR CE1   CZ     doub Y N 386 
TYR CE1   HE1    sing N N 387 
TYR CE2   CZ     sing Y N 388 
TYR CE2   HE2    sing N N 389 
TYR CZ    OH     sing N N 390 
TYR OH    HH     sing N N 391 
TYR OXT   HXT    sing N N 392 
VAL N     CA     sing N N 393 
VAL N     H      sing N N 394 
VAL N     H2     sing N N 395 
VAL CA    C      sing N N 396 
VAL CA    CB     sing N N 397 
VAL CA    HA     sing N N 398 
VAL C     O      doub N N 399 
VAL C     OXT    sing N N 400 
VAL CB    CG1    sing N N 401 
VAL CB    CG2    sing N N 402 
VAL CB    HB     sing N N 403 
VAL CG1   HG11   sing N N 404 
VAL CG1   HG12   sing N N 405 
VAL CG1   HG13   sing N N 406 
VAL CG2   HG21   sing N N 407 
VAL CG2   HG22   sing N N 408 
VAL CG2   HG23   sing N N 409 
VAL OXT   HXT    sing N N 410 
# 
loop_
_pdbx_entity_nonpoly.entity_id 
_pdbx_entity_nonpoly.name 
_pdbx_entity_nonpoly.comp_id 
2 'MAGNESIUM ION'             MG  
3 'METHYLENE ADP-BETA-XYLOSE' RBY 
4 water                       HOH 
# 
_pdbx_initial_refinement_model.id               1 
_pdbx_initial_refinement_model.entity_id_list   ? 
_pdbx_initial_refinement_model.type             'experimental model' 
_pdbx_initial_refinement_model.source_name      PDB 
_pdbx_initial_refinement_model.accession_code   2YVM 
_pdbx_initial_refinement_model.details          'PDB ENTRY 2YVM' 
# 
